data_8JD3
#
_entry.id   8JD3
#
_cell.length_a   1.00
_cell.length_b   1.00
_cell.length_c   1.00
_cell.angle_alpha   90.00
_cell.angle_beta   90.00
_cell.angle_gamma   90.00
#
_symmetry.space_group_name_H-M   'P 1'
#
loop_
_entity.id
_entity.type
_entity.pdbx_description
1 polymer 'Metabotropic glutamate receptor 2'
2 polymer 'Metabotropic glutamate receptor 3'
3 polymer 'Guanine nucleotide-binding protein G(i) subunit alpha-1'
4 polymer 'Guanine nucleotide-binding protein G(I)/G(S)/G(T) subunit beta-1'
5 polymer 'Guanine nucleotide-binding protein G(I)/G(S)/G(O) subunit gamma-2'
6 non-polymer 1-butyl-3-chloranyl-4-(4-phenylpiperidin-1-yl)pyridin-2-one
7 non-polymer 'GLUTAMIC ACID'
8 non-polymer CHOLESTEROL
9 non-polymer DI-PALMITOYL-3-SN-PHOSPHATIDYLETHANOLAMINE
#
loop_
_entity_poly.entity_id
_entity_poly.type
_entity_poly.pdbx_seq_one_letter_code
_entity_poly.pdbx_strand_id
1 'polypeptide(L)'
;DYKDDDDGAPEGPAKKVLTLEGDLVLGGLFPVHQKGGPAEDCGPVNEHRGIQRLEAMLFALDRINRDPHLLPGVRLGAHI
LDSCSKDTHALEQALDFVRASLSRGADGSRHICPDGSYATHGDAPTAITGVIGGSYSDVSIQVANLLRLFQIPQISYAST
SAKLSDKSRYDYFARTVPPDFFQAKAMAEILRFFNWTYVSTVASEGDYGETGIEAFELEARARNICVATSEKVGRAMSRA
AFEGVVRALLQKPSARVAVLFTRSEDARELLAASQRLNASFTWVASDGWGALESVVAGSEGAAEGAITIELASYPISDFA
SYFQSLDPWNNSRNPWFREFWEQRFRCSFRQRDCAAHSLRAVPFEQESKIMFVVNAVYAMAHALHNMHRALCPNTTRLCD
AMRPVNGRRLYKDFVLNVKFDAPFRPADTHNEVRFDRFGDGIGRYNIFTYLRAGSGRYRYQKVGYWAEGLTLDTSLIPWA
SPSAGPLPASRCSEPCLQNEVKSVQPGEVCCWLCIPCQPYEYRLDEFTCADCGLGYWPNASLTGCFELPQEYIRWGDAWA
VGPVTIACLGALATLFVLGVFVRHNATPVVKASGRELCYILLGGVFLCYCMTFIFIAKPSTAVCTLRRLGLGTAFSVCYS
ALLTKTNRIARIFGGAREGAQRPRFISPASQVAICLALISGQLLIVVAWLVVEAPGTGKETAPERREVVTLRCNHRDASM
LGSLAYNVLLIALCTLYAFKTRKCPENFNEAKFIGFTMYTTCIIWLAFLPIFYVTSSDYRVQTTTMCVSVSLSGSVVLGC
LFAPKLHIILFQPQKNVVSHRAPTSRFGSAAARASSSLGQGSGSQFVPTVCNGREVVDSTTSSLLEVLFQ
;
2
2 'polypeptide(L)'
;DYKDDDDKGAPWSHPQFEKGSGSWSHPQFEKLGDHNFLRREIKIEGDLVLGGLFPINEKGTGTEECGRINEDRGIQRLEA
MLFAIDEINKDDYLLPGVKLGVHILDTCSRDTYALEQSLEFVRASLTKVDEAEYMCPDGSYAIQENIPLLIAGVIGGSYS
SVSIQVANLLRLFQIPQISYASTSAKLSDKSRYDYFARTVPPDFYQAKAMAEILRFFNWTYVSTVASEGDYGETGIEAFE
QEARLRNICIATAEKVGRSNIRKSYDSVIRELLQKPNARVVVLFMRSDDSRELIAAASRANASFTWVASDGWGAQESIIK
GSEHVAYGAITLELASQPVRQFDRYFQSLNPYNNHRNPWFRDFWEQKFQCSLQNKRNHRRVCDKHLAIDSSNYEQESKIM
FVVNAVYAMAHALHKMQRTLCPNTTKLCDAMKILDGKKLYKDYLLKINFTAPFNPNKDADSIVKFDTFGDGMGRYNVFNF
QNVGGKYSYLKVGHWAETLSLDVNSIHWSRNSVPTSQCSDPCAPNEMKNMQPGDVCCWICIPCEPYEYLADEFTCMDCGS
GQWPTADLTGCYDLPEDYIRWEDAWAIGPVTIACLGFMCTCMVVTVFIKHNNTPLVKASGRELCYILLFGVGLSYCMTFF
FIAKPSPVICALRRLGLGSSFAICYSALLTKTNCIARIFDGVKNGAQRPKFISPSSQVFICLGLILVQIVMVSVWLILEA
PGTRRYTLAEKRETVILKCNVKDSSMLISLTYDVILVILCTVYAFKTRKCPENFNEAKFIGFTMYTTCIIWLAFLPIFYV
TSSDYRVQTTTMCISVSLSGFVVLGCLFAPKVHIILFQPQKNVVTHRLHLNRFSVSGTGTTYSQSSASTYVPTVCNGREV
LDSTTSSLLEVLFQ
;
3
3 'polypeptide(L)'
;MGCTLSAEDKAAVERSKMIDRNLREDGEKAAREVKLLLLGAGESGKNTIVKQMKIIHEAGYSEEECKQYKAVVYSNTIQS
IIAIIRAMGRLKIDFGDSARADDARQLFVLAGAAEEGFMTAELAGVIKRLWKDSGVQACFNRSREYQLNDSAAYYLNDLD
RIAQPNYIPTQQDVLRTRVKTTGIVETHFTFKDLHFKMFDVGAQRSERKKWIHCFEGVTAIIFCVALSDYDLVLAEDEEM
NRMHASMKLFDSICNNKWFTDTSIILFLNKKDLFEEKIKKSPLTICYPEYAGSNTYEEAAAYIQCQFEDLNKRKDTKEIY
THFTCSTDTKNVQFVFDAVTDVIIKNNLKDCGLF
;
A
4 'polypeptide(L)'
;MHHHHHHGSLLQSELDQLRQEAEQLKNQIRDARKACADATLSQITNNIDPVGRIQMRTRRTLRGHLAKIYAMHWGTDSRL
LVSASQDGKLIIWDSYTTNKVHAIPLRSSWVMTCAYAPSGNYVACGGLDNICSIYNLKTREGNVRVSRELAGHTGYLSCC
RFLDDNQIVTSSGDTTCALWDIETGQQTTTFTGHTGDVMSLSLAPDTRLFVSGACDASAKLWDVREGMCRQTFTGHESDI
NAICFFPNGNAFATGSDDATCRLFDLRADQELMTYSHDNIICGITSVSFSKSGRLLLAGYDDFNCNVWDALKADRAGVLA
GHDNRVSCLGVTDDGMAVATGSWDSFLKIWN
;
B
5 'polypeptide(L)' MASNNTASIAQARKLVEQLKMEANIDRIKVSKAAADLMAYCEAHAKEDPLLTPVPASENPFREKKFFCAIL C
#
# COMPACT_ATOMS: atom_id res chain seq x y z
N LYS A 15 -6.51 -30.79 -87.47
CA LYS A 15 -7.19 -29.70 -88.15
C LYS A 15 -6.28 -29.01 -89.16
N LYS A 16 -6.45 -27.71 -89.32
CA LYS A 16 -5.63 -26.96 -90.26
C LYS A 16 -4.19 -26.88 -89.77
N VAL A 17 -3.24 -27.09 -90.70
CA VAL A 17 -1.83 -27.09 -90.39
C VAL A 17 -1.13 -26.08 -91.29
N LEU A 18 -0.33 -25.21 -90.68
CA LEU A 18 0.46 -24.24 -91.42
C LEU A 18 1.83 -24.84 -91.71
N THR A 19 2.12 -25.08 -92.99
CA THR A 19 3.36 -25.71 -93.41
C THR A 19 3.99 -24.92 -94.55
N LEU A 20 5.32 -24.94 -94.60
CA LEU A 20 6.07 -24.30 -95.67
C LEU A 20 7.08 -25.28 -96.27
N GLU A 21 7.94 -24.78 -97.16
CA GLU A 21 8.94 -25.61 -97.82
C GLU A 21 10.33 -25.03 -97.55
N GLY A 22 11.29 -25.90 -97.29
CA GLY A 22 12.66 -25.47 -97.05
C GLY A 22 13.52 -26.67 -96.72
N ASP A 23 14.83 -26.42 -96.70
CA ASP A 23 15.79 -27.47 -96.38
C ASP A 23 15.60 -27.97 -94.94
N LEU A 24 15.40 -27.05 -94.00
CA LEU A 24 15.16 -27.38 -92.61
C LEU A 24 13.82 -26.81 -92.18
N VAL A 25 13.00 -27.64 -91.55
CA VAL A 25 11.65 -27.26 -91.12
C VAL A 25 11.67 -27.06 -89.61
N LEU A 26 11.19 -25.88 -89.18
CA LEU A 26 11.11 -25.54 -87.77
C LEU A 26 9.68 -25.70 -87.28
N GLY A 27 9.50 -26.37 -86.15
CA GLY A 27 8.18 -26.59 -85.61
C GLY A 27 7.60 -25.32 -85.01
N GLY A 28 6.31 -25.40 -84.68
CA GLY A 28 5.62 -24.28 -84.08
C GLY A 28 4.42 -24.74 -83.29
N LEU A 29 4.07 -23.97 -82.27
CA LEU A 29 2.92 -24.30 -81.43
C LEU A 29 2.42 -23.01 -80.79
N PHE A 30 1.26 -22.52 -81.23
CA PHE A 30 0.71 -21.27 -80.75
C PHE A 30 -0.75 -21.47 -80.34
N PRO A 31 -1.20 -20.74 -79.33
CA PRO A 31 -2.62 -20.81 -78.93
C PRO A 31 -3.49 -19.89 -79.78
N VAL A 32 -3.68 -20.29 -81.04
CA VAL A 32 -4.42 -19.45 -81.99
C VAL A 32 -5.86 -19.27 -81.52
N HIS A 33 -6.50 -20.34 -81.10
CA HIS A 33 -7.87 -20.29 -80.62
C HIS A 33 -7.91 -20.31 -79.10
N GLN A 34 -9.05 -19.90 -78.55
CA GLN A 34 -9.25 -19.92 -77.11
C GLN A 34 -9.81 -21.26 -76.67
N LYS A 35 -9.78 -21.49 -75.35
CA LYS A 35 -10.27 -22.74 -74.81
C LYS A 35 -11.79 -22.83 -74.97
N GLY A 36 -12.26 -23.97 -75.48
CA GLY A 36 -13.67 -24.17 -75.74
C GLY A 36 -14.43 -24.66 -74.52
N GLY A 37 -15.72 -24.91 -74.72
CA GLY A 37 -16.58 -25.39 -73.67
C GLY A 37 -16.56 -26.90 -73.56
N PRO A 38 -17.45 -27.45 -72.74
CA PRO A 38 -17.52 -28.91 -72.61
C PRO A 38 -17.84 -29.63 -73.90
N ALA A 39 -18.65 -29.04 -74.77
CA ALA A 39 -19.06 -29.70 -76.02
C ALA A 39 -17.99 -29.56 -77.09
N GLU A 40 -17.68 -28.33 -77.48
CA GLU A 40 -16.71 -28.09 -78.53
C GLU A 40 -15.28 -28.27 -78.00
N ASP A 41 -14.34 -28.44 -78.93
CA ASP A 41 -12.94 -28.60 -78.56
C ASP A 41 -12.32 -27.27 -78.15
N CYS A 42 -12.28 -26.32 -79.09
CA CYS A 42 -11.78 -24.98 -78.81
C CYS A 42 -12.27 -24.04 -79.90
N GLY A 43 -12.77 -22.88 -79.50
CA GLY A 43 -13.52 -22.03 -80.39
C GLY A 43 -12.84 -20.73 -80.79
N PRO A 44 -13.17 -19.64 -80.10
CA PRO A 44 -12.81 -18.30 -80.60
C PRO A 44 -11.30 -18.12 -80.75
N VAL A 45 -10.92 -17.37 -81.79
CA VAL A 45 -9.53 -17.13 -82.12
C VAL A 45 -8.96 -16.07 -81.18
N ASN A 46 -7.72 -16.28 -80.75
CA ASN A 46 -7.02 -15.31 -79.91
C ASN A 46 -6.35 -14.27 -80.81
N GLU A 47 -6.79 -13.02 -80.69
CA GLU A 47 -6.34 -11.96 -81.59
C GLU A 47 -5.00 -11.37 -81.20
N HIS A 48 -4.49 -11.63 -80.00
CA HIS A 48 -3.23 -11.07 -79.56
C HIS A 48 -2.18 -12.13 -79.25
N ARG A 49 -2.53 -13.16 -78.50
CA ARG A 49 -1.57 -14.18 -78.10
C ARG A 49 -1.55 -15.38 -79.04
N GLY A 50 -2.38 -15.39 -80.08
CA GLY A 50 -2.41 -16.52 -80.99
C GLY A 50 -2.11 -16.15 -82.44
N ILE A 51 -2.43 -14.91 -82.82
CA ILE A 51 -2.24 -14.45 -84.19
C ILE A 51 -1.01 -13.56 -84.31
N GLN A 52 -0.85 -12.62 -83.37
CA GLN A 52 0.29 -11.70 -83.44
C GLN A 52 1.61 -12.46 -83.29
N ARG A 53 1.66 -13.43 -82.38
CA ARG A 53 2.88 -14.21 -82.21
C ARG A 53 3.18 -15.08 -83.43
N LEU A 54 2.14 -15.65 -84.03
CA LEU A 54 2.33 -16.43 -85.24
C LEU A 54 2.87 -15.57 -86.38
N GLU A 55 2.31 -14.37 -86.54
CA GLU A 55 2.80 -13.46 -87.58
C GLU A 55 4.20 -12.98 -87.27
N ALA A 56 4.53 -12.80 -85.99
CA ALA A 56 5.90 -12.43 -85.62
C ALA A 56 6.89 -13.53 -85.98
N MET A 57 6.52 -14.79 -85.71
CA MET A 57 7.39 -15.90 -86.10
C MET A 57 7.55 -15.97 -87.62
N LEU A 58 6.46 -15.78 -88.36
CA LEU A 58 6.55 -15.80 -89.82
C LEU A 58 7.43 -14.67 -90.33
N PHE A 59 7.30 -13.47 -89.76
CA PHE A 59 8.12 -12.35 -90.16
C PHE A 59 9.59 -12.59 -89.83
N ALA A 60 9.87 -13.17 -88.67
CA ALA A 60 11.25 -13.49 -88.31
C ALA A 60 11.83 -14.53 -89.26
N LEU A 61 11.05 -15.54 -89.63
CA LEU A 61 11.52 -16.54 -90.59
C LEU A 61 11.80 -15.92 -91.95
N ASP A 62 10.92 -15.02 -92.40
CA ASP A 62 11.15 -14.35 -93.68
C ASP A 62 12.40 -13.50 -93.63
N ARG A 63 12.62 -12.77 -92.53
CA ARG A 63 13.83 -11.96 -92.40
C ARG A 63 15.08 -12.83 -92.39
N ILE A 64 15.03 -13.97 -91.70
CA ILE A 64 16.18 -14.86 -91.66
C ILE A 64 16.47 -15.43 -93.05
N ASN A 65 15.42 -15.81 -93.78
CA ASN A 65 15.61 -16.31 -95.13
C ASN A 65 16.19 -15.24 -96.05
N ARG A 66 15.75 -13.99 -95.88
CA ARG A 66 16.27 -12.89 -96.68
C ARG A 66 17.62 -12.38 -96.18
N ASP A 67 18.04 -12.77 -94.97
CA ASP A 67 19.30 -12.29 -94.42
C ASP A 67 20.45 -13.03 -95.08
N PRO A 68 21.39 -12.32 -95.71
CA PRO A 68 22.53 -13.01 -96.34
C PRO A 68 23.54 -13.54 -95.34
N HIS A 69 23.73 -12.85 -94.21
CA HIS A 69 24.72 -13.28 -93.22
C HIS A 69 24.21 -14.40 -92.32
N LEU A 70 22.93 -14.76 -92.41
CA LEU A 70 22.34 -15.81 -91.59
C LEU A 70 21.75 -16.87 -92.51
N LEU A 71 22.46 -18.01 -92.62
CA LEU A 71 22.09 -19.12 -93.48
C LEU A 71 21.86 -18.65 -94.91
N PRO A 72 22.91 -18.25 -95.64
CA PRO A 72 22.72 -17.79 -97.02
C PRO A 72 22.25 -18.88 -97.97
N GLY A 73 22.48 -20.15 -97.66
CA GLY A 73 22.10 -21.23 -98.54
C GLY A 73 21.03 -22.13 -97.98
N VAL A 74 20.93 -22.18 -96.65
CA VAL A 74 19.96 -23.03 -95.97
C VAL A 74 18.66 -22.23 -95.79
N ARG A 75 17.55 -22.80 -96.28
CA ARG A 75 16.25 -22.16 -96.19
C ARG A 75 15.46 -22.81 -95.05
N LEU A 76 14.96 -21.98 -94.13
CA LEU A 76 14.23 -22.46 -92.97
C LEU A 76 12.75 -22.56 -93.28
N GLY A 77 12.18 -23.73 -93.04
CA GLY A 77 10.76 -23.96 -93.24
C GLY A 77 9.95 -23.65 -91.99
N ALA A 78 8.69 -24.07 -92.01
CA ALA A 78 7.79 -23.85 -90.90
C ALA A 78 6.73 -24.94 -90.88
N HIS A 79 6.41 -25.42 -89.67
CA HIS A 79 5.37 -26.42 -89.45
C HIS A 79 4.49 -25.98 -88.29
N ILE A 80 4.04 -24.72 -88.31
CA ILE A 80 3.30 -24.16 -87.20
C ILE A 80 1.98 -24.90 -87.02
N LEU A 81 1.70 -25.29 -85.78
CA LEU A 81 0.48 -25.98 -85.42
C LEU A 81 -0.37 -25.09 -84.51
N ASP A 82 -1.48 -25.64 -84.04
CA ASP A 82 -2.39 -24.93 -83.14
C ASP A 82 -2.70 -25.82 -81.95
N SER A 83 -2.45 -25.32 -80.75
CA SER A 83 -2.80 -26.02 -79.52
C SER A 83 -4.08 -25.49 -78.88
N CYS A 84 -4.45 -24.25 -79.18
CA CYS A 84 -5.66 -23.58 -78.68
C CYS A 84 -5.86 -23.82 -77.18
N SER A 85 -4.79 -23.57 -76.43
CA SER A 85 -4.83 -23.52 -74.96
C SER A 85 -5.34 -24.82 -74.35
N LYS A 86 -4.95 -25.95 -74.94
CA LYS A 86 -5.31 -27.25 -74.40
C LYS A 86 -4.09 -28.16 -74.43
N ASP A 87 -3.76 -28.74 -73.28
CA ASP A 87 -2.60 -29.64 -73.22
C ASP A 87 -2.85 -30.93 -73.98
N THR A 88 -4.07 -31.48 -73.89
CA THR A 88 -4.40 -32.69 -74.64
C THR A 88 -4.38 -32.43 -76.14
N HIS A 89 -4.95 -31.30 -76.58
CA HIS A 89 -4.92 -30.95 -78.00
C HIS A 89 -3.49 -30.70 -78.46
N ALA A 90 -2.67 -30.05 -77.62
CA ALA A 90 -1.27 -29.84 -77.97
C ALA A 90 -0.53 -31.16 -78.13
N LEU A 91 -0.77 -32.10 -77.22
CA LEU A 91 -0.13 -33.41 -77.33
C LEU A 91 -0.60 -34.15 -78.58
N GLU A 92 -1.88 -34.06 -78.90
CA GLU A 92 -2.39 -34.69 -80.12
C GLU A 92 -1.74 -34.08 -81.36
N GLN A 93 -1.59 -32.75 -81.39
CA GLN A 93 -1.02 -32.09 -82.55
C GLN A 93 0.48 -32.36 -82.67
N ALA A 94 1.19 -32.47 -81.54
CA ALA A 94 2.63 -32.65 -81.57
C ALA A 94 3.06 -34.02 -82.06
N LEU A 95 2.11 -34.95 -82.24
CA LEU A 95 2.47 -36.25 -82.78
C LEU A 95 3.01 -36.15 -84.20
N ASP A 96 2.62 -35.10 -84.93
CA ASP A 96 3.14 -34.89 -86.27
C ASP A 96 4.62 -34.52 -86.25
N PHE A 97 5.07 -33.86 -85.18
CA PHE A 97 6.48 -33.51 -85.06
C PHE A 97 7.39 -34.72 -84.91
N VAL A 98 6.85 -35.85 -84.44
CA VAL A 98 7.65 -37.04 -84.22
C VAL A 98 7.31 -38.18 -85.16
N ARG A 99 6.16 -38.13 -85.84
CA ARG A 99 5.82 -39.18 -86.80
C ARG A 99 6.69 -39.14 -88.04
N ALA A 100 7.28 -37.98 -88.36
CA ALA A 100 8.16 -37.89 -89.52
C ALA A 100 9.42 -38.74 -89.33
N SER A 101 9.97 -38.75 -88.12
CA SER A 101 11.17 -39.51 -87.81
C SER A 101 10.86 -40.84 -87.14
N LEU A 102 10.13 -40.82 -86.04
CA LEU A 102 9.75 -42.02 -85.29
C LEU A 102 10.97 -42.83 -84.87
N THR A 126 12.65 -34.18 -94.35
CA THR A 126 11.44 -33.44 -93.97
C THR A 126 11.22 -33.53 -92.46
N ALA A 127 12.24 -33.98 -91.73
CA ALA A 127 12.12 -34.09 -90.29
C ALA A 127 12.15 -32.71 -89.64
N ILE A 128 11.57 -32.64 -88.44
CA ILE A 128 11.51 -31.39 -87.70
C ILE A 128 12.83 -31.19 -86.95
N THR A 129 13.48 -30.04 -87.19
CA THR A 129 14.74 -29.74 -86.51
C THR A 129 14.48 -29.25 -85.08
N GLY A 130 13.69 -28.19 -84.94
CA GLY A 130 13.37 -27.65 -83.64
C GLY A 130 11.95 -27.18 -83.59
N VAL A 131 11.41 -27.10 -82.37
CA VAL A 131 10.03 -26.71 -82.13
C VAL A 131 10.04 -25.38 -81.40
N ILE A 132 9.66 -24.32 -82.12
CA ILE A 132 9.50 -22.98 -81.52
C ILE A 132 8.02 -22.87 -81.14
N GLY A 133 7.70 -23.28 -79.92
CA GLY A 133 6.31 -23.28 -79.50
C GLY A 133 6.20 -23.44 -77.99
N GLY A 134 4.96 -23.30 -77.52
CA GLY A 134 4.66 -23.41 -76.12
C GLY A 134 4.44 -22.06 -75.48
N SER A 135 3.18 -21.68 -75.30
CA SER A 135 2.84 -20.42 -74.66
C SER A 135 2.28 -20.58 -73.26
N TYR A 136 1.91 -21.80 -72.86
CA TYR A 136 1.45 -22.09 -71.52
C TYR A 136 2.35 -23.16 -70.90
N SER A 137 2.49 -23.10 -69.57
CA SER A 137 3.34 -24.06 -68.88
C SER A 137 2.82 -25.47 -69.04
N ASP A 138 1.52 -25.67 -68.85
CA ASP A 138 0.93 -27.00 -69.01
C ASP A 138 1.02 -27.47 -70.46
N VAL A 139 0.81 -26.57 -71.41
CA VAL A 139 0.91 -26.93 -72.82
C VAL A 139 2.33 -27.32 -73.17
N SER A 140 3.32 -26.56 -72.70
CA SER A 140 4.71 -26.81 -73.07
C SER A 140 5.30 -28.03 -72.35
N ILE A 141 4.84 -28.32 -71.14
CA ILE A 141 5.43 -29.43 -70.37
C ILE A 141 5.15 -30.76 -71.06
N GLN A 142 3.91 -30.98 -71.50
CA GLN A 142 3.58 -32.23 -72.18
C GLN A 142 4.34 -32.38 -73.49
N VAL A 143 4.46 -31.28 -74.24
CA VAL A 143 5.20 -31.33 -75.51
C VAL A 143 6.66 -31.63 -75.26
N ALA A 144 7.25 -31.01 -74.23
CA ALA A 144 8.64 -31.30 -73.90
C ALA A 144 8.84 -32.74 -73.47
N ASN A 145 7.90 -33.28 -72.68
CA ASN A 145 7.99 -34.68 -72.27
C ASN A 145 7.91 -35.60 -73.47
N LEU A 146 7.02 -35.31 -74.42
CA LEU A 146 6.91 -36.14 -75.61
C LEU A 146 8.15 -36.03 -76.50
N LEU A 147 8.70 -34.82 -76.63
CA LEU A 147 9.84 -34.61 -77.51
C LEU A 147 11.16 -35.10 -76.92
N ARG A 148 11.25 -35.22 -75.60
CA ARG A 148 12.49 -35.70 -74.98
C ARG A 148 12.83 -37.12 -75.42
N LEU A 149 11.81 -37.95 -75.65
CA LEU A 149 12.05 -39.32 -76.09
C LEU A 149 12.69 -39.35 -77.47
N PHE A 150 12.27 -38.46 -78.36
CA PHE A 150 12.74 -38.43 -79.74
C PHE A 150 13.94 -37.51 -79.94
N GLN A 151 14.46 -36.93 -78.87
CA GLN A 151 15.66 -36.08 -78.93
C GLN A 151 15.46 -34.89 -79.87
N ILE A 152 14.32 -34.22 -79.73
CA ILE A 152 13.98 -33.05 -80.53
C ILE A 152 14.06 -31.83 -79.62
N PRO A 153 14.99 -30.90 -79.85
CA PRO A 153 15.07 -29.72 -79.00
C PRO A 153 13.86 -28.82 -79.18
N GLN A 154 13.52 -28.10 -78.11
CA GLN A 154 12.39 -27.18 -78.11
C GLN A 154 12.77 -25.91 -77.38
N ILE A 155 12.49 -24.76 -78.00
CA ILE A 155 12.77 -23.46 -77.41
C ILE A 155 11.44 -22.72 -77.31
N SER A 156 11.02 -22.44 -76.08
CA SER A 156 9.76 -21.78 -75.83
C SER A 156 9.90 -20.26 -75.92
N TYR A 157 8.77 -19.57 -75.94
CA TYR A 157 8.74 -18.11 -76.02
C TYR A 157 7.90 -17.44 -74.95
N ALA A 158 7.00 -18.16 -74.28
CA ALA A 158 6.17 -17.57 -73.23
C ALA A 158 5.97 -18.47 -72.02
N SER A 159 6.60 -19.64 -71.98
CA SER A 159 6.42 -20.55 -70.85
C SER A 159 7.20 -20.02 -69.65
N THR A 160 6.48 -19.67 -68.58
CA THR A 160 7.08 -19.12 -67.36
C THR A 160 6.67 -20.02 -66.20
N SER A 161 7.48 -21.05 -65.96
CA SER A 161 7.23 -22.00 -64.88
C SER A 161 8.53 -22.34 -64.19
N ALA A 162 8.48 -22.45 -62.86
CA ALA A 162 9.67 -22.78 -62.09
C ALA A 162 10.05 -24.25 -62.20
N LYS A 163 9.09 -25.12 -62.52
CA LYS A 163 9.37 -26.56 -62.60
C LYS A 163 9.95 -26.97 -63.94
N LEU A 164 10.05 -26.05 -64.90
CA LEU A 164 10.63 -26.35 -66.20
C LEU A 164 12.15 -26.17 -66.23
N SER A 165 12.75 -25.76 -65.12
CA SER A 165 14.19 -25.60 -65.03
C SER A 165 14.91 -26.87 -64.60
N ASP A 166 14.18 -27.92 -64.23
CA ASP A 166 14.79 -29.18 -63.83
C ASP A 166 15.30 -29.91 -65.07
N LYS A 167 16.62 -29.92 -65.25
CA LYS A 167 17.20 -30.56 -66.43
C LYS A 167 17.19 -32.08 -66.35
N SER A 168 16.88 -32.65 -65.18
CA SER A 168 16.80 -34.10 -65.07
C SER A 168 15.54 -34.65 -65.70
N ARG A 169 14.45 -33.87 -65.71
CA ARG A 169 13.19 -34.29 -66.28
C ARG A 169 12.97 -33.79 -67.69
N TYR A 170 13.33 -32.55 -67.98
CA TYR A 170 13.20 -31.96 -69.31
C TYR A 170 14.62 -31.69 -69.83
N ASP A 171 15.21 -32.72 -70.44
CA ASP A 171 16.59 -32.62 -70.89
C ASP A 171 16.73 -31.60 -72.02
N TYR A 172 15.80 -31.61 -72.97
CA TYR A 172 15.92 -30.81 -74.19
C TYR A 172 14.81 -29.75 -74.16
N PHE A 173 15.11 -28.61 -73.54
CA PHE A 173 14.15 -27.52 -73.43
C PHE A 173 14.87 -26.24 -73.05
N ALA A 174 14.66 -25.18 -73.82
CA ALA A 174 15.24 -23.89 -73.55
C ALA A 174 14.14 -22.84 -73.54
N ARG A 175 14.41 -21.73 -72.85
CA ARG A 175 13.44 -20.64 -72.72
C ARG A 175 14.13 -19.31 -72.96
N THR A 176 13.37 -18.36 -73.49
CA THR A 176 13.81 -16.98 -73.64
C THR A 176 13.33 -16.08 -72.51
N VAL A 177 12.27 -16.48 -71.81
CA VAL A 177 11.66 -15.66 -70.78
C VAL A 177 12.08 -16.14 -69.40
N PRO A 178 12.12 -15.28 -68.39
CA PRO A 178 12.49 -15.70 -67.04
C PRO A 178 11.42 -16.59 -66.43
N PRO A 179 11.78 -17.43 -65.45
CA PRO A 179 10.79 -18.27 -64.78
C PRO A 179 9.99 -17.45 -63.76
N ASP A 180 9.10 -18.15 -63.06
CA ASP A 180 8.29 -17.54 -62.00
C ASP A 180 9.08 -17.32 -60.72
N PHE A 181 10.29 -17.85 -60.62
CA PHE A 181 11.10 -17.69 -59.42
C PHE A 181 11.34 -16.22 -59.11
N PHE A 182 11.51 -15.41 -60.14
CA PHE A 182 11.71 -13.97 -59.95
C PHE A 182 10.40 -13.20 -59.91
N GLN A 183 9.37 -13.66 -60.62
CA GLN A 183 8.08 -12.98 -60.60
C GLN A 183 7.43 -13.05 -59.22
N ALA A 184 7.52 -14.21 -58.57
CA ALA A 184 6.98 -14.33 -57.22
C ALA A 184 7.71 -13.40 -56.25
N LYS A 185 9.04 -13.31 -56.39
CA LYS A 185 9.81 -12.39 -55.56
C LYS A 185 9.41 -10.94 -55.82
N ALA A 186 9.19 -10.60 -57.09
CA ALA A 186 8.78 -9.22 -57.41
C ALA A 186 7.42 -8.91 -56.79
N MET A 187 6.47 -9.84 -56.87
CA MET A 187 5.16 -9.58 -56.27
C MET A 187 5.25 -9.51 -54.76
N ALA A 188 6.10 -10.33 -54.15
CA ALA A 188 6.29 -10.25 -52.70
C ALA A 188 6.88 -8.90 -52.31
N GLU A 189 7.84 -8.41 -53.10
CA GLU A 189 8.42 -7.10 -52.84
C GLU A 189 7.39 -5.98 -52.98
N ILE A 190 6.52 -6.08 -54.00
CA ILE A 190 5.47 -5.08 -54.17
C ILE A 190 4.51 -5.12 -52.98
N LEU A 191 4.14 -6.32 -52.54
CA LEU A 191 3.24 -6.45 -51.40
C LEU A 191 3.86 -5.87 -50.13
N ARG A 192 5.15 -6.12 -49.92
CA ARG A 192 5.82 -5.59 -48.74
C ARG A 192 5.99 -4.08 -48.81
N PHE A 193 6.17 -3.53 -50.02
CA PHE A 193 6.39 -2.10 -50.17
C PHE A 193 5.15 -1.31 -49.74
N PHE A 194 3.96 -1.81 -50.05
CA PHE A 194 2.72 -1.13 -49.71
C PHE A 194 2.21 -1.51 -48.32
N ASN A 195 3.03 -2.15 -47.50
CA ASN A 195 2.66 -2.53 -46.13
C ASN A 195 1.42 -3.42 -46.11
N TRP A 196 1.32 -4.31 -47.09
CA TRP A 196 0.25 -5.30 -47.14
C TRP A 196 0.71 -6.58 -46.46
N THR A 197 -0.08 -7.07 -45.52
CA THR A 197 0.29 -8.26 -44.75
C THR A 197 -0.69 -9.40 -44.92
N TYR A 198 -2.00 -9.14 -44.81
CA TYR A 198 -3.03 -10.17 -44.90
C TYR A 198 -3.56 -10.18 -46.33
N VAL A 199 -3.18 -11.20 -47.10
CA VAL A 199 -3.53 -11.29 -48.51
C VAL A 199 -4.23 -12.61 -48.78
N SER A 200 -4.93 -12.67 -49.91
CA SER A 200 -5.62 -13.86 -50.36
C SER A 200 -5.09 -14.24 -51.75
N THR A 201 -4.93 -15.54 -51.99
CA THR A 201 -4.33 -16.04 -53.21
C THR A 201 -5.30 -16.97 -53.92
N VAL A 202 -5.47 -16.76 -55.23
CA VAL A 202 -6.26 -17.65 -56.08
C VAL A 202 -5.43 -17.96 -57.32
N ALA A 203 -5.41 -19.23 -57.71
CA ALA A 203 -4.60 -19.67 -58.83
C ALA A 203 -5.36 -20.68 -59.66
N SER A 204 -4.98 -20.79 -60.93
CA SER A 204 -5.56 -21.77 -61.83
C SER A 204 -4.93 -23.14 -61.61
N GLU A 205 -5.77 -24.18 -61.68
CA GLU A 205 -5.27 -25.54 -61.53
C GLU A 205 -4.40 -25.91 -62.73
N GLY A 206 -3.14 -26.22 -62.46
CA GLY A 206 -2.23 -26.58 -63.54
C GLY A 206 -0.79 -26.51 -63.06
N ASP A 207 0.12 -26.49 -64.02
CA ASP A 207 1.55 -26.44 -63.74
C ASP A 207 2.09 -25.01 -63.65
N TYR A 208 1.24 -24.01 -63.86
CA TYR A 208 1.65 -22.61 -63.78
C TYR A 208 1.14 -21.90 -62.54
N GLY A 209 -0.07 -22.22 -62.09
CA GLY A 209 -0.63 -21.57 -60.91
C GLY A 209 -0.19 -22.18 -59.61
N GLU A 210 -0.18 -23.51 -59.54
CA GLU A 210 0.22 -24.19 -58.31
C GLU A 210 1.69 -23.91 -57.97
N THR A 211 2.56 -23.99 -58.97
CA THR A 211 3.97 -23.67 -58.75
C THR A 211 4.14 -22.20 -58.36
N GLY A 212 3.34 -21.32 -58.96
CA GLY A 212 3.38 -19.92 -58.57
C GLY A 212 3.00 -19.70 -57.12
N ILE A 213 1.93 -20.36 -56.66
CA ILE A 213 1.54 -20.27 -55.25
C ILE A 213 2.64 -20.82 -54.36
N GLU A 214 3.22 -21.97 -54.73
CA GLU A 214 4.27 -22.55 -53.92
C GLU A 214 5.46 -21.61 -53.78
N ALA A 215 5.96 -21.09 -54.90
CA ALA A 215 7.11 -20.20 -54.86
C ALA A 215 6.79 -18.92 -54.11
N PHE A 216 5.59 -18.36 -54.31
CA PHE A 216 5.22 -17.13 -53.62
C PHE A 216 5.14 -17.36 -52.11
N GLU A 217 4.60 -18.51 -51.69
CA GLU A 217 4.53 -18.80 -50.26
C GLU A 217 5.91 -19.00 -49.65
N LEU A 218 6.80 -19.71 -50.36
CA LEU A 218 8.15 -19.91 -49.83
C LEU A 218 8.90 -18.58 -49.73
N GLU A 219 8.76 -17.71 -50.73
CA GLU A 219 9.44 -16.43 -50.69
C GLU A 219 8.77 -15.40 -49.80
N ALA A 220 7.51 -15.65 -49.41
CA ALA A 220 6.82 -14.79 -48.46
C ALA A 220 6.99 -15.24 -47.02
N ARG A 221 7.35 -16.51 -46.79
CA ARG A 221 7.60 -16.97 -45.43
C ARG A 221 8.79 -16.23 -44.81
N ALA A 222 9.82 -15.96 -45.61
CA ALA A 222 10.94 -15.18 -45.12
C ALA A 222 10.51 -13.76 -44.74
N ARG A 223 9.65 -13.16 -45.54
CA ARG A 223 9.11 -11.83 -45.24
C ARG A 223 7.94 -11.98 -44.27
N ASN A 224 7.20 -10.91 -44.06
CA ASN A 224 6.04 -10.91 -43.17
C ASN A 224 4.72 -11.07 -43.92
N ILE A 225 4.78 -11.43 -45.21
CA ILE A 225 3.57 -11.60 -46.00
C ILE A 225 2.83 -12.85 -45.51
N CYS A 226 1.54 -12.70 -45.26
CA CYS A 226 0.70 -13.81 -44.79
C CYS A 226 -0.45 -14.04 -45.76
N VAL A 227 -0.71 -15.29 -46.09
CA VAL A 227 -1.79 -15.69 -46.99
C VAL A 227 -2.98 -16.10 -46.16
N ALA A 228 -4.15 -15.51 -46.44
CA ALA A 228 -5.36 -15.83 -45.70
C ALA A 228 -5.98 -17.14 -46.19
N THR A 229 -6.37 -17.18 -47.46
CA THR A 229 -6.99 -18.35 -48.06
C THR A 229 -6.35 -18.61 -49.41
N SER A 230 -6.37 -19.89 -49.80
CA SER A 230 -5.84 -20.32 -51.10
C SER A 230 -6.97 -20.96 -51.88
N GLU A 231 -7.26 -20.41 -53.07
CA GLU A 231 -8.35 -20.89 -53.90
C GLU A 231 -7.82 -21.40 -55.23
N LYS A 232 -8.48 -22.41 -55.78
CA LYS A 232 -8.08 -23.06 -57.01
C LYS A 232 -9.21 -22.95 -58.04
N VAL A 233 -8.82 -22.70 -59.28
CA VAL A 233 -9.76 -22.60 -60.39
C VAL A 233 -9.49 -23.79 -61.32
N GLY A 234 -10.50 -24.64 -61.49
CA GLY A 234 -10.34 -25.80 -62.33
C GLY A 234 -10.37 -25.46 -63.81
N ARG A 235 -9.91 -26.42 -64.61
CA ARG A 235 -9.92 -26.24 -66.06
C ARG A 235 -11.34 -26.12 -66.60
N ALA A 236 -12.24 -26.96 -66.12
CA ALA A 236 -13.66 -26.92 -66.51
C ALA A 236 -14.43 -26.31 -65.35
N MET A 237 -14.48 -24.98 -65.33
CA MET A 237 -15.14 -24.23 -64.25
C MET A 237 -16.28 -23.41 -64.84
N SER A 238 -17.43 -23.47 -64.19
CA SER A 238 -18.62 -22.76 -64.63
C SER A 238 -18.73 -21.42 -63.89
N ARG A 239 -19.77 -20.65 -64.23
CA ARG A 239 -19.97 -19.35 -63.60
C ARG A 239 -20.35 -19.49 -62.13
N ALA A 240 -21.09 -20.55 -61.77
CA ALA A 240 -21.47 -20.75 -60.38
C ALA A 240 -20.25 -20.96 -59.50
N ALA A 241 -19.27 -21.73 -59.97
CA ALA A 241 -18.05 -21.96 -59.20
C ALA A 241 -17.26 -20.66 -59.05
N PHE A 242 -17.22 -19.84 -60.10
CA PHE A 242 -16.52 -18.56 -59.99
C PHE A 242 -17.22 -17.64 -58.98
N GLU A 243 -18.55 -17.62 -58.98
CA GLU A 243 -19.29 -16.84 -58.00
C GLU A 243 -19.03 -17.35 -56.59
N GLY A 244 -18.96 -18.68 -56.43
CA GLY A 244 -18.63 -19.24 -55.13
C GLY A 244 -17.24 -18.86 -54.66
N VAL A 245 -16.27 -18.84 -55.59
CA VAL A 245 -14.91 -18.42 -55.25
C VAL A 245 -14.90 -16.95 -54.82
N VAL A 246 -15.63 -16.11 -55.56
CA VAL A 246 -15.70 -14.70 -55.21
C VAL A 246 -16.33 -14.51 -53.83
N ARG A 247 -17.38 -15.28 -53.54
CA ARG A 247 -18.01 -15.21 -52.23
C ARG A 247 -17.06 -15.68 -51.13
N ALA A 248 -16.27 -16.73 -51.41
CA ALA A 248 -15.30 -17.21 -50.43
C ALA A 248 -14.24 -16.16 -50.14
N LEU A 249 -13.77 -15.46 -51.17
CA LEU A 249 -12.84 -14.35 -50.96
C LEU A 249 -13.50 -13.23 -50.17
N LEU A 250 -14.77 -12.93 -50.46
CA LEU A 250 -15.49 -11.87 -49.76
C LEU A 250 -15.86 -12.25 -48.33
N GLN A 251 -15.77 -13.53 -47.96
CA GLN A 251 -16.14 -13.95 -46.61
C GLN A 251 -15.27 -13.28 -45.57
N LYS A 252 -13.97 -13.21 -45.82
CA LYS A 252 -13.05 -12.52 -44.92
C LYS A 252 -12.82 -11.11 -45.43
N PRO A 253 -13.28 -10.07 -44.74
CA PRO A 253 -13.15 -8.71 -45.26
C PRO A 253 -11.83 -8.02 -44.92
N SER A 254 -11.00 -8.62 -44.08
CA SER A 254 -9.72 -7.99 -43.75
C SER A 254 -8.80 -7.91 -44.97
N ALA A 255 -8.80 -8.95 -45.80
CA ALA A 255 -7.94 -8.99 -46.98
C ALA A 255 -8.57 -8.16 -48.10
N ARG A 256 -7.86 -7.12 -48.54
CA ARG A 256 -8.33 -6.26 -49.61
C ARG A 256 -7.71 -6.57 -50.96
N VAL A 257 -6.54 -7.21 -50.98
CA VAL A 257 -5.84 -7.50 -52.21
C VAL A 257 -6.01 -8.97 -52.55
N ALA A 258 -5.62 -9.34 -53.77
CA ALA A 258 -5.74 -10.72 -54.23
C ALA A 258 -4.60 -11.02 -55.18
N VAL A 259 -3.76 -11.99 -54.81
CA VAL A 259 -2.64 -12.40 -55.66
C VAL A 259 -3.16 -13.37 -56.71
N LEU A 260 -2.79 -13.12 -57.97
CA LEU A 260 -3.33 -13.86 -59.11
C LEU A 260 -2.25 -14.65 -59.80
N PHE A 261 -2.47 -15.95 -59.94
CA PHE A 261 -1.78 -16.81 -60.90
C PHE A 261 -2.86 -17.46 -61.76
N THR A 262 -3.31 -16.74 -62.78
CA THR A 262 -4.40 -17.22 -63.62
C THR A 262 -4.08 -16.92 -65.08
N ARG A 263 -4.67 -17.72 -65.96
CA ARG A 263 -4.54 -17.50 -67.39
C ARG A 263 -5.43 -16.32 -67.80
N SER A 264 -5.44 -16.02 -69.11
CA SER A 264 -6.26 -14.91 -69.59
C SER A 264 -7.75 -15.20 -69.37
N GLU A 265 -8.19 -16.40 -69.76
CA GLU A 265 -9.60 -16.74 -69.62
C GLU A 265 -10.04 -16.79 -68.16
N ASP A 266 -9.21 -17.39 -67.30
CA ASP A 266 -9.57 -17.50 -65.89
C ASP A 266 -9.62 -16.13 -65.22
N ALA A 267 -8.65 -15.26 -65.52
CA ALA A 267 -8.67 -13.91 -64.97
C ALA A 267 -9.87 -13.12 -65.48
N ARG A 268 -10.20 -13.27 -66.77
CA ARG A 268 -11.36 -12.57 -67.30
C ARG A 268 -12.64 -13.05 -66.64
N GLU A 269 -12.78 -14.36 -66.43
CA GLU A 269 -13.96 -14.90 -65.78
C GLU A 269 -14.05 -14.43 -64.33
N LEU A 270 -12.92 -14.40 -63.62
CA LEU A 270 -12.92 -13.92 -62.25
C LEU A 270 -13.32 -12.45 -62.18
N LEU A 271 -12.80 -11.63 -63.10
CA LEU A 271 -13.19 -10.22 -63.14
C LEU A 271 -14.67 -10.06 -63.45
N ALA A 272 -15.20 -10.87 -64.38
CA ALA A 272 -16.62 -10.80 -64.69
C ALA A 272 -17.47 -11.18 -63.49
N ALA A 273 -17.06 -12.23 -62.76
CA ALA A 273 -17.81 -12.63 -61.56
C ALA A 273 -17.76 -11.54 -60.50
N SER A 274 -16.59 -10.91 -60.32
CA SER A 274 -16.48 -9.82 -59.35
C SER A 274 -17.37 -8.65 -59.75
N GLN A 275 -17.43 -8.33 -61.04
CA GLN A 275 -18.31 -7.25 -61.51
C GLN A 275 -19.78 -7.61 -61.27
N ARG A 276 -20.15 -8.87 -61.53
CA ARG A 276 -21.52 -9.31 -61.30
C ARG A 276 -21.88 -9.20 -59.83
N LEU A 277 -20.96 -9.57 -58.94
CA LEU A 277 -21.20 -9.49 -57.50
C LEU A 277 -20.91 -8.10 -56.94
N ASN A 278 -20.48 -7.16 -57.78
CA ASN A 278 -20.19 -5.78 -57.37
C ASN A 278 -19.13 -5.75 -56.25
N ALA A 279 -18.14 -6.62 -56.38
CA ALA A 279 -17.03 -6.69 -55.43
C ALA A 279 -15.80 -6.03 -56.03
N SER A 280 -15.13 -5.19 -55.23
CA SER A 280 -13.95 -4.46 -55.65
C SER A 280 -12.76 -4.90 -54.81
N PHE A 281 -11.66 -5.25 -55.47
CA PHE A 281 -10.42 -5.66 -54.81
C PHE A 281 -9.27 -4.86 -55.38
N THR A 282 -8.06 -5.17 -54.92
CA THR A 282 -6.82 -4.60 -55.43
C THR A 282 -6.00 -5.77 -55.98
N TRP A 283 -6.23 -6.10 -57.26
CA TRP A 283 -5.64 -7.29 -57.84
C TRP A 283 -4.13 -7.12 -58.03
N VAL A 284 -3.37 -8.14 -57.63
CA VAL A 284 -1.94 -8.21 -57.89
C VAL A 284 -1.74 -9.44 -58.76
N ALA A 285 -1.49 -9.22 -60.06
CA ALA A 285 -1.49 -10.28 -61.04
C ALA A 285 -0.07 -10.61 -61.48
N SER A 286 0.02 -11.52 -62.46
CA SER A 286 1.29 -11.99 -62.99
C SER A 286 1.33 -11.81 -64.51
N ASP A 287 2.32 -12.43 -65.17
CA ASP A 287 2.44 -12.31 -66.61
C ASP A 287 1.23 -12.88 -67.34
N GLY A 288 0.43 -13.72 -66.69
CA GLY A 288 -0.77 -14.22 -67.33
C GLY A 288 -1.74 -13.11 -67.70
N TRP A 289 -1.94 -12.15 -66.79
CA TRP A 289 -2.74 -10.98 -67.11
C TRP A 289 -1.93 -10.00 -67.95
N GLY A 290 -0.79 -9.55 -67.44
CA GLY A 290 0.06 -8.65 -68.20
C GLY A 290 -0.62 -7.34 -68.49
N ALA A 291 -0.59 -6.94 -69.77
CA ALA A 291 -1.20 -5.70 -70.22
C ALA A 291 -2.27 -5.96 -71.27
N LEU A 292 -2.96 -7.09 -71.17
CA LEU A 292 -4.00 -7.43 -72.13
C LEU A 292 -5.24 -6.56 -71.94
N GLU A 293 -5.98 -6.36 -73.02
CA GLU A 293 -7.23 -5.61 -72.98
C GLU A 293 -8.46 -6.50 -72.95
N SER A 294 -8.31 -7.78 -73.30
CA SER A 294 -9.47 -8.68 -73.27
C SER A 294 -9.84 -9.06 -71.84
N VAL A 295 -8.88 -9.06 -70.92
CA VAL A 295 -9.18 -9.38 -69.53
C VAL A 295 -10.04 -8.29 -68.90
N VAL A 296 -9.80 -7.04 -69.29
CA VAL A 296 -10.55 -5.91 -68.77
C VAL A 296 -11.69 -5.50 -69.69
N ALA A 297 -12.09 -6.38 -70.61
CA ALA A 297 -13.18 -6.11 -71.54
C ALA A 297 -14.49 -6.48 -70.87
N GLY A 298 -15.32 -5.48 -70.59
CA GLY A 298 -16.60 -5.69 -69.94
C GLY A 298 -16.55 -5.74 -68.43
N SER A 299 -15.38 -5.63 -67.82
CA SER A 299 -15.24 -5.66 -66.37
C SER A 299 -14.27 -4.57 -65.91
N GLU A 300 -14.40 -3.38 -66.49
CA GLU A 300 -13.52 -2.27 -66.12
C GLU A 300 -13.79 -1.79 -64.70
N GLY A 301 -15.03 -1.90 -64.23
CA GLY A 301 -15.35 -1.47 -62.89
C GLY A 301 -14.68 -2.30 -61.82
N ALA A 302 -14.65 -3.63 -62.01
CA ALA A 302 -14.03 -4.50 -61.03
C ALA A 302 -12.51 -4.44 -61.08
N ALA A 303 -11.93 -3.95 -62.17
CA ALA A 303 -10.48 -3.82 -62.33
C ALA A 303 -10.13 -2.34 -62.33
N GLU A 304 -9.95 -1.78 -61.14
CA GLU A 304 -9.56 -0.39 -60.97
C GLU A 304 -8.34 -0.33 -60.06
N GLY A 305 -7.28 0.31 -60.54
CA GLY A 305 -6.04 0.37 -59.77
C GLY A 305 -5.44 -0.99 -59.52
N ALA A 306 -5.47 -1.87 -60.52
CA ALA A 306 -4.93 -3.21 -60.39
C ALA A 306 -3.47 -3.24 -60.81
N ILE A 307 -2.62 -3.81 -59.97
CA ILE A 307 -1.19 -3.89 -60.23
C ILE A 307 -0.90 -5.22 -60.91
N THR A 308 -0.32 -5.17 -62.11
CA THR A 308 0.07 -6.35 -62.87
C THR A 308 1.54 -6.26 -63.21
N ILE A 309 2.15 -7.42 -63.47
CA ILE A 309 3.55 -7.50 -63.85
C ILE A 309 3.66 -8.15 -65.22
N GLU A 310 4.35 -7.47 -66.14
CA GLU A 310 4.65 -8.00 -67.46
C GLU A 310 6.15 -8.18 -67.60
N LEU A 311 6.54 -8.90 -68.64
CA LEU A 311 7.95 -9.12 -68.91
C LEU A 311 8.55 -7.92 -69.62
N ALA A 312 9.82 -7.65 -69.34
CA ALA A 312 10.51 -6.53 -69.97
C ALA A 312 10.63 -6.75 -71.47
N SER A 313 10.14 -5.80 -72.25
CA SER A 313 10.12 -5.95 -73.70
C SER A 313 10.05 -4.58 -74.34
N TYR A 314 10.35 -4.55 -75.63
CA TYR A 314 10.29 -3.34 -76.43
C TYR A 314 9.52 -3.60 -77.71
N PRO A 315 8.82 -2.60 -78.24
CA PRO A 315 8.12 -2.76 -79.50
C PRO A 315 9.09 -2.99 -80.66
N ILE A 316 8.62 -3.75 -81.65
CA ILE A 316 9.38 -4.03 -82.85
C ILE A 316 8.85 -3.12 -83.95
N SER A 317 9.73 -2.30 -84.53
CA SER A 317 9.31 -1.32 -85.52
C SER A 317 8.82 -1.99 -86.80
N ASP A 318 9.56 -2.99 -87.29
CA ASP A 318 9.21 -3.62 -88.56
C ASP A 318 8.00 -4.53 -88.43
N PHE A 319 7.83 -5.17 -87.26
CA PHE A 319 6.71 -6.09 -87.08
C PHE A 319 5.38 -5.36 -87.15
N ALA A 320 5.31 -4.14 -86.60
CA ALA A 320 4.07 -3.38 -86.64
C ALA A 320 3.67 -3.08 -88.08
N SER A 321 4.63 -2.64 -88.90
CA SER A 321 4.34 -2.37 -90.31
C SER A 321 3.95 -3.65 -91.04
N TYR A 322 4.65 -4.76 -90.75
CA TYR A 322 4.32 -6.02 -91.40
C TYR A 322 2.91 -6.48 -91.07
N PHE A 323 2.50 -6.33 -89.81
CA PHE A 323 1.16 -6.75 -89.41
C PHE A 323 0.09 -5.82 -89.98
N GLN A 324 0.35 -4.51 -89.99
CA GLN A 324 -0.64 -3.58 -90.51
C GLN A 324 -0.77 -3.69 -92.03
N SER A 325 0.28 -4.11 -92.71
CA SER A 325 0.23 -4.32 -94.16
C SER A 325 -0.14 -5.76 -94.51
N LEU A 326 -1.25 -6.25 -93.95
CA LEU A 326 -1.71 -7.60 -94.17
C LEU A 326 -3.18 -7.58 -94.57
N ASP A 327 -3.53 -8.43 -95.54
CA ASP A 327 -4.89 -8.57 -96.02
C ASP A 327 -5.26 -10.05 -96.11
N PRO A 328 -6.53 -10.39 -95.95
CA PRO A 328 -6.93 -11.81 -95.98
C PRO A 328 -6.79 -12.47 -97.34
N TRP A 329 -6.61 -11.70 -98.41
CA TRP A 329 -6.55 -12.27 -99.76
C TRP A 329 -5.14 -12.71 -100.14
N ASN A 330 -4.18 -11.78 -100.11
CA ASN A 330 -2.81 -12.11 -100.46
C ASN A 330 -2.19 -13.06 -99.45
N ASN A 331 -2.48 -12.87 -98.16
CA ASN A 331 -1.91 -13.70 -97.11
C ASN A 331 -2.70 -15.02 -97.07
N SER A 332 -2.39 -15.89 -98.03
CA SER A 332 -3.03 -17.19 -98.14
C SER A 332 -2.26 -18.29 -97.42
N ARG A 333 -1.11 -17.98 -96.85
CA ARG A 333 -0.32 -18.99 -96.13
C ARG A 333 -0.77 -19.18 -94.70
N ASN A 334 -1.70 -18.36 -94.21
CA ASN A 334 -2.20 -18.48 -92.83
C ASN A 334 -3.65 -18.95 -92.85
N PRO A 335 -3.90 -20.23 -92.60
CA PRO A 335 -5.29 -20.72 -92.63
C PRO A 335 -6.20 -20.05 -91.61
N TRP A 336 -5.68 -19.70 -90.43
CA TRP A 336 -6.50 -19.12 -89.39
C TRP A 336 -6.74 -17.62 -89.58
N PHE A 337 -5.96 -16.96 -90.45
CA PHE A 337 -6.06 -15.52 -90.59
C PHE A 337 -7.47 -15.09 -90.98
N ARG A 338 -8.08 -15.82 -91.92
CA ARG A 338 -9.47 -15.53 -92.28
C ARG A 338 -10.37 -15.60 -91.06
N GLU A 339 -10.23 -16.66 -90.25
CA GLU A 339 -11.00 -16.77 -89.02
C GLU A 339 -10.73 -15.59 -88.09
N PHE A 340 -9.50 -15.08 -88.10
CA PHE A 340 -9.21 -13.87 -87.33
C PHE A 340 -9.94 -12.67 -87.91
N TRP A 341 -9.94 -12.54 -89.25
CA TRP A 341 -10.52 -11.36 -89.87
C TRP A 341 -12.01 -11.25 -89.58
N GLU A 342 -12.73 -12.37 -89.67
CA GLU A 342 -14.15 -12.37 -89.34
C GLU A 342 -14.40 -11.95 -87.89
N GLN A 343 -13.42 -12.21 -87.01
CA GLN A 343 -13.53 -11.79 -85.62
C GLN A 343 -12.95 -10.40 -85.37
N ARG A 344 -12.34 -9.79 -86.39
CA ARG A 344 -11.73 -8.47 -86.21
C ARG A 344 -12.72 -7.34 -86.46
N PHE A 345 -13.61 -7.50 -87.44
CA PHE A 345 -14.58 -6.46 -87.77
C PHE A 345 -16.01 -6.99 -87.86
N ARG A 346 -16.26 -8.22 -87.44
CA ARG A 346 -17.59 -8.82 -87.42
C ARG A 346 -18.20 -8.84 -88.82
N CYS A 347 -17.55 -9.57 -89.72
CA CYS A 347 -18.01 -9.75 -91.09
C CYS A 347 -18.21 -11.23 -91.38
N SER A 348 -18.57 -11.51 -92.63
CA SER A 348 -18.75 -12.89 -93.10
C SER A 348 -18.43 -12.92 -94.58
N PHE A 349 -17.50 -13.79 -94.97
CA PHE A 349 -17.08 -13.85 -96.37
C PHE A 349 -18.22 -14.33 -97.27
N ARG A 350 -19.15 -15.14 -96.73
CA ARG A 350 -20.29 -15.58 -97.51
C ARG A 350 -21.29 -14.46 -97.74
N GLN A 351 -21.29 -13.42 -96.90
CA GLN A 351 -22.20 -12.29 -97.04
C GLN A 351 -21.57 -11.11 -97.77
N ARG A 352 -20.34 -11.26 -98.25
CA ARG A 352 -19.63 -10.20 -98.98
C ARG A 352 -19.51 -8.93 -98.12
N ASP A 353 -18.81 -9.08 -97.01
CA ASP A 353 -18.58 -7.99 -96.07
C ASP A 353 -17.08 -7.80 -95.87
N CYS A 354 -16.73 -6.69 -95.21
CA CYS A 354 -15.33 -6.29 -95.03
C CYS A 354 -14.59 -6.24 -96.37
N ALA A 355 -15.24 -5.69 -97.39
CA ALA A 355 -14.62 -5.49 -98.68
C ALA A 355 -13.75 -4.23 -98.74
N ALA A 356 -13.89 -3.33 -97.76
CA ALA A 356 -13.10 -2.11 -97.72
C ALA A 356 -12.48 -1.88 -96.34
N HIS A 357 -12.37 -2.93 -95.53
CA HIS A 357 -11.78 -2.82 -94.21
C HIS A 357 -10.28 -3.08 -94.29
N SER A 358 -9.49 -2.19 -93.68
CA SER A 358 -8.04 -2.30 -93.67
C SER A 358 -7.55 -2.29 -92.24
N LEU A 359 -6.58 -3.17 -91.93
CA LEU A 359 -6.01 -3.23 -90.60
C LEU A 359 -5.16 -2.01 -90.28
N ARG A 360 -4.72 -1.26 -91.30
CA ARG A 360 -3.90 -0.08 -91.05
C ARG A 360 -4.67 1.00 -90.32
N ALA A 361 -5.94 1.21 -90.69
CA ALA A 361 -6.74 2.26 -90.05
C ALA A 361 -6.95 1.97 -88.57
N VAL A 362 -7.25 0.73 -88.23
CA VAL A 362 -7.48 0.36 -86.82
C VAL A 362 -6.16 0.48 -86.06
N PRO A 363 -6.15 1.11 -84.88
CA PRO A 363 -4.91 1.20 -84.10
C PRO A 363 -4.39 -0.18 -83.74
N PHE A 364 -3.06 -0.31 -83.73
CA PHE A 364 -2.39 -1.58 -83.49
C PHE A 364 -1.74 -1.58 -82.12
N GLU A 365 -2.04 -2.59 -81.32
CA GLU A 365 -1.42 -2.80 -80.02
C GLU A 365 -0.58 -4.06 -80.08
N GLN A 366 0.72 -3.92 -79.88
CA GLN A 366 1.66 -5.04 -80.01
C GLN A 366 1.73 -5.81 -78.70
N GLU A 367 1.69 -7.14 -78.80
CA GLU A 367 1.79 -7.99 -77.63
C GLU A 367 3.17 -7.84 -77.00
N SER A 368 3.20 -7.89 -75.65
CA SER A 368 4.47 -7.73 -74.94
C SER A 368 5.44 -8.86 -75.27
N LYS A 369 4.95 -10.10 -75.33
CA LYS A 369 5.80 -11.26 -75.61
C LYS A 369 5.90 -11.54 -77.10
N ILE A 370 6.28 -10.53 -77.88
CA ILE A 370 6.50 -10.69 -79.31
C ILE A 370 7.97 -10.85 -79.63
N MET A 371 8.81 -9.94 -79.12
CA MET A 371 10.24 -10.01 -79.39
C MET A 371 10.82 -11.34 -78.95
N PHE A 372 10.40 -11.83 -77.79
CA PHE A 372 10.84 -13.14 -77.32
C PHE A 372 10.61 -14.20 -78.39
N VAL A 373 9.42 -14.20 -78.99
CA VAL A 373 9.14 -15.15 -80.07
C VAL A 373 10.17 -15.03 -81.16
N VAL A 374 10.43 -13.79 -81.61
CA VAL A 374 11.46 -13.56 -82.62
C VAL A 374 12.79 -14.11 -82.13
N ASN A 375 13.15 -13.78 -80.88
CA ASN A 375 14.40 -14.29 -80.32
C ASN A 375 14.41 -15.81 -80.36
N ALA A 376 13.28 -16.44 -80.01
CA ALA A 376 13.21 -17.89 -80.05
C ALA A 376 13.56 -18.40 -81.45
N VAL A 377 13.01 -17.78 -82.48
CA VAL A 377 13.33 -18.19 -83.85
C VAL A 377 14.82 -18.01 -84.08
N TYR A 378 15.37 -16.86 -83.69
CA TYR A 378 16.81 -16.65 -83.83
C TYR A 378 17.59 -17.62 -82.95
N ALA A 379 16.99 -18.06 -81.85
CA ALA A 379 17.65 -19.06 -81.01
C ALA A 379 17.85 -20.37 -81.75
N MET A 380 17.04 -20.65 -82.77
CA MET A 380 17.28 -21.78 -83.66
C MET A 380 17.91 -21.37 -84.98
N ALA A 381 18.08 -20.07 -85.23
CA ALA A 381 18.73 -19.64 -86.46
C ALA A 381 20.24 -19.69 -86.32
N HIS A 382 20.80 -18.91 -85.39
CA HIS A 382 22.24 -18.90 -85.19
C HIS A 382 22.73 -20.27 -84.73
N ALA A 383 21.92 -20.99 -83.96
CA ALA A 383 22.28 -22.35 -83.58
C ALA A 383 22.44 -23.24 -84.80
N LEU A 384 21.64 -23.00 -85.85
CA LEU A 384 21.79 -23.70 -87.11
C LEU A 384 22.81 -23.03 -88.03
N HIS A 385 23.31 -21.86 -87.66
CA HIS A 385 24.34 -21.18 -88.44
C HIS A 385 25.74 -21.53 -87.97
N ASN A 386 25.97 -21.57 -86.65
CA ASN A 386 27.27 -21.96 -86.14
C ASN A 386 27.56 -23.43 -86.42
N MET A 387 26.55 -24.29 -86.23
CA MET A 387 26.75 -25.72 -86.45
C MET A 387 27.12 -26.01 -87.90
N HIS A 388 26.46 -25.35 -88.85
CA HIS A 388 26.80 -25.52 -90.26
C HIS A 388 28.22 -25.06 -90.54
N ARG A 389 28.74 -24.12 -89.74
CA ARG A 389 30.11 -23.68 -89.87
C ARG A 389 31.08 -24.48 -89.00
N ALA A 390 30.58 -25.43 -88.22
CA ALA A 390 31.43 -26.22 -87.34
C ALA A 390 31.51 -27.69 -87.73
N LEU A 391 30.50 -28.22 -88.43
CA LEU A 391 30.50 -29.63 -88.82
C LEU A 391 30.59 -29.85 -90.33
N CYS A 392 30.16 -28.88 -91.13
CA CYS A 392 30.18 -28.99 -92.59
C CYS A 392 30.80 -27.73 -93.19
N PRO A 393 32.13 -27.59 -93.10
CA PRO A 393 32.81 -26.43 -93.66
C PRO A 393 33.26 -26.63 -95.11
N ASN A 394 32.31 -26.99 -95.96
CA ASN A 394 32.58 -27.23 -97.38
C ASN A 394 31.85 -26.26 -98.28
N THR A 395 30.54 -26.12 -98.12
CA THR A 395 29.73 -25.23 -98.94
C THR A 395 28.70 -24.53 -98.06
N THR A 396 27.87 -23.70 -98.68
CA THR A 396 26.82 -22.98 -97.97
C THR A 396 25.46 -23.67 -98.07
N ARG A 397 25.33 -24.71 -98.88
CA ARG A 397 24.08 -25.43 -99.03
C ARG A 397 23.99 -26.55 -98.00
N LEU A 398 22.93 -27.35 -98.09
CA LEU A 398 22.72 -28.47 -97.19
C LEU A 398 23.51 -29.67 -97.72
N CYS A 399 24.65 -29.94 -97.09
CA CYS A 399 25.49 -31.05 -97.52
C CYS A 399 24.87 -32.38 -97.08
N ASP A 400 25.31 -33.45 -97.75
CA ASP A 400 24.77 -34.78 -97.47
C ASP A 400 25.14 -35.28 -96.08
N ALA A 401 26.19 -34.73 -95.46
CA ALA A 401 26.61 -35.18 -94.14
C ALA A 401 25.79 -34.59 -93.01
N MET A 402 25.01 -33.53 -93.28
CA MET A 402 24.16 -32.91 -92.27
C MET A 402 22.69 -33.24 -92.45
N ARG A 403 22.36 -34.19 -93.33
CA ARG A 403 20.95 -34.57 -93.51
C ARG A 403 20.31 -35.09 -92.22
N PRO A 404 20.91 -36.03 -91.47
CA PRO A 404 20.28 -36.44 -90.19
C PRO A 404 20.68 -35.55 -89.02
N VAL A 405 20.02 -34.40 -88.92
CA VAL A 405 20.33 -33.45 -87.85
C VAL A 405 19.91 -34.05 -86.51
N ASN A 406 20.87 -34.19 -85.60
CA ASN A 406 20.61 -34.73 -84.28
C ASN A 406 20.46 -33.59 -83.27
N GLY A 407 19.41 -33.68 -82.44
CA GLY A 407 19.17 -32.64 -81.45
C GLY A 407 20.10 -32.68 -80.26
N ARG A 408 20.71 -33.84 -79.98
CA ARG A 408 21.55 -33.98 -78.80
C ARG A 408 22.74 -33.02 -78.84
N ARG A 409 23.63 -33.20 -79.82
CA ARG A 409 24.81 -32.35 -79.92
C ARG A 409 24.43 -30.90 -80.18
N LEU A 410 23.41 -30.68 -81.01
CA LEU A 410 22.96 -29.31 -81.31
C LEU A 410 22.58 -28.58 -80.03
N TYR A 411 21.71 -29.18 -79.21
CA TYR A 411 21.29 -28.53 -77.98
C TYR A 411 22.45 -28.41 -76.99
N LYS A 412 23.29 -29.44 -76.90
CA LYS A 412 24.33 -29.44 -75.87
C LYS A 412 25.49 -28.52 -76.18
N ASP A 413 25.72 -28.18 -77.45
CA ASP A 413 26.91 -27.40 -77.81
C ASP A 413 26.63 -26.12 -78.58
N PHE A 414 25.42 -25.90 -79.09
CA PHE A 414 25.18 -24.73 -79.94
C PHE A 414 23.95 -23.95 -79.49
N VAL A 415 23.01 -24.62 -78.84
CA VAL A 415 21.78 -23.96 -78.41
C VAL A 415 21.90 -23.45 -76.97
N LEU A 416 22.39 -24.30 -76.06
CA LEU A 416 22.46 -23.92 -74.65
C LEU A 416 23.44 -22.78 -74.40
N ASN A 417 24.45 -22.61 -75.27
CA ASN A 417 25.45 -21.56 -75.11
C ASN A 417 25.55 -20.77 -76.42
N VAL A 418 24.68 -19.78 -76.58
CA VAL A 418 24.66 -18.92 -77.76
C VAL A 418 24.58 -17.47 -77.30
N LYS A 419 25.35 -16.61 -77.95
CA LYS A 419 25.36 -15.17 -77.65
C LYS A 419 25.35 -14.41 -78.96
N PHE A 420 24.37 -13.54 -79.15
CA PHE A 420 24.27 -12.75 -80.36
C PHE A 420 23.46 -11.50 -80.10
N ASP A 421 23.63 -10.51 -80.96
CA ASP A 421 22.89 -9.27 -80.86
C ASP A 421 21.43 -9.50 -81.25
N ALA A 422 20.53 -8.83 -80.53
CA ALA A 422 19.10 -8.98 -80.80
C ALA A 422 18.77 -8.44 -82.19
N PRO A 423 17.79 -9.05 -82.88
CA PRO A 423 17.56 -8.72 -84.29
C PRO A 423 17.06 -7.28 -84.53
N PHE A 424 16.10 -6.82 -83.75
CA PHE A 424 15.39 -5.57 -84.02
C PHE A 424 15.45 -4.66 -82.81
N ARG A 425 16.65 -4.44 -82.28
CA ARG A 425 16.83 -3.60 -81.12
C ARG A 425 16.41 -2.16 -81.43
N PRO A 426 15.66 -1.51 -80.54
CA PRO A 426 15.35 -0.10 -80.73
C PRO A 426 16.39 0.80 -80.09
N ALA A 427 16.73 1.87 -80.81
CA ALA A 427 17.71 2.88 -80.37
C ALA A 427 19.03 2.16 -80.12
N ASP A 428 19.71 2.38 -78.99
CA ASP A 428 21.01 1.78 -78.71
C ASP A 428 21.05 1.28 -77.27
N THR A 429 20.00 0.57 -76.85
CA THR A 429 19.93 0.04 -75.50
C THR A 429 20.97 -1.08 -75.32
N HIS A 430 21.04 -1.60 -74.10
CA HIS A 430 21.99 -2.64 -73.74
C HIS A 430 21.23 -3.91 -73.37
N ASN A 431 21.10 -4.82 -74.32
CA ASN A 431 20.44 -6.10 -74.09
C ASN A 431 21.13 -7.17 -74.92
N GLU A 432 21.20 -8.38 -74.37
CA GLU A 432 21.84 -9.50 -75.04
C GLU A 432 20.95 -10.73 -74.92
N VAL A 433 20.97 -11.57 -75.95
CA VAL A 433 20.19 -12.79 -76.00
C VAL A 433 21.14 -13.95 -75.67
N ARG A 434 21.04 -14.46 -74.45
CA ARG A 434 21.86 -15.58 -74.00
C ARG A 434 21.01 -16.53 -73.18
N PHE A 435 21.43 -17.79 -73.14
CA PHE A 435 20.76 -18.82 -72.37
C PHE A 435 21.62 -19.22 -71.18
N ASP A 436 21.00 -19.38 -70.02
CA ASP A 436 21.70 -19.76 -68.80
C ASP A 436 21.96 -21.26 -68.81
N ARG A 437 22.39 -21.79 -67.65
CA ARG A 437 22.66 -23.22 -67.56
C ARG A 437 21.41 -24.05 -67.79
N PHE A 438 20.25 -23.53 -67.41
CA PHE A 438 18.97 -24.22 -67.62
C PHE A 438 18.19 -23.67 -68.80
N GLY A 439 18.81 -22.82 -69.61
CA GLY A 439 18.12 -22.22 -70.74
C GLY A 439 17.07 -21.22 -70.30
N ASP A 440 17.49 -20.15 -69.63
CA ASP A 440 16.61 -19.14 -69.08
C ASP A 440 17.03 -17.77 -69.61
N GLY A 441 16.41 -16.72 -69.05
CA GLY A 441 16.74 -15.35 -69.42
C GLY A 441 16.89 -14.48 -68.19
N ILE A 442 17.31 -13.24 -68.42
CA ILE A 442 17.50 -12.30 -67.33
C ILE A 442 16.15 -11.86 -66.78
N GLY A 443 16.02 -11.89 -65.46
CA GLY A 443 14.74 -11.62 -64.81
C GLY A 443 14.41 -10.16 -64.64
N ARG A 444 14.03 -9.50 -65.73
CA ARG A 444 13.60 -8.11 -65.69
C ARG A 444 12.10 -8.03 -65.93
N TYR A 445 11.41 -7.27 -65.09
CA TYR A 445 9.95 -7.16 -65.14
C TYR A 445 9.55 -5.69 -65.15
N ASN A 446 8.30 -5.45 -65.57
CA ASN A 446 7.71 -4.13 -65.55
C ASN A 446 6.38 -4.19 -64.81
N ILE A 447 6.06 -3.13 -64.09
CA ILE A 447 4.85 -3.05 -63.29
C ILE A 447 3.89 -2.07 -63.95
N PHE A 448 2.66 -2.52 -64.20
CA PHE A 448 1.63 -1.73 -64.83
C PHE A 448 0.44 -1.58 -63.89
N THR A 449 -0.24 -0.44 -63.99
CA THR A 449 -1.46 -0.19 -63.25
C THR A 449 -2.57 0.20 -64.22
N TYR A 450 -3.77 -0.29 -63.97
CA TYR A 450 -4.93 -0.03 -64.82
C TYR A 450 -5.65 1.19 -64.27
N LEU A 451 -5.47 2.34 -64.92
CA LEU A 451 -6.02 3.59 -64.44
C LEU A 451 -6.82 4.27 -65.55
N ARG A 452 -7.80 5.07 -65.14
CA ARG A 452 -8.65 5.80 -66.06
C ARG A 452 -8.16 7.24 -66.17
N ALA A 453 -7.71 7.62 -67.36
CA ALA A 453 -7.26 8.98 -67.63
C ALA A 453 -7.79 9.42 -68.98
N GLY A 454 -7.89 10.73 -69.17
CA GLY A 454 -8.45 11.25 -70.40
C GLY A 454 -9.91 10.90 -70.56
N SER A 455 -10.69 11.11 -69.49
CA SER A 455 -12.11 10.81 -69.45
C SER A 455 -12.36 9.30 -69.64
N GLY A 456 -11.81 8.53 -68.71
CA GLY A 456 -12.09 7.10 -68.64
C GLY A 456 -11.59 6.27 -69.81
N ARG A 457 -10.36 6.49 -70.26
CA ARG A 457 -9.80 5.65 -71.31
C ARG A 457 -9.46 4.25 -70.81
N TYR A 458 -9.23 4.09 -69.51
CA TYR A 458 -8.96 2.79 -68.89
C TYR A 458 -7.73 2.13 -69.52
N ARG A 459 -6.60 2.78 -69.33
CA ARG A 459 -5.34 2.36 -69.93
C ARG A 459 -4.36 1.85 -68.88
N TYR A 460 -3.37 1.10 -69.36
CA TYR A 460 -2.29 0.61 -68.51
C TYR A 460 -1.15 1.61 -68.51
N GLN A 461 -0.65 1.93 -67.32
CA GLN A 461 0.46 2.87 -67.16
C GLN A 461 1.59 2.17 -66.41
N LYS A 462 2.81 2.31 -66.94
CA LYS A 462 3.97 1.72 -66.30
C LYS A 462 4.42 2.59 -65.13
N VAL A 463 4.59 1.98 -63.96
CA VAL A 463 4.92 2.72 -62.75
C VAL A 463 6.23 2.22 -62.16
N GLY A 464 7.11 1.71 -63.00
CA GLY A 464 8.41 1.26 -62.57
C GLY A 464 8.78 -0.04 -63.24
N TYR A 465 9.88 -0.62 -62.77
CA TYR A 465 10.39 -1.88 -63.31
C TYR A 465 10.96 -2.71 -62.16
N TRP A 466 11.51 -3.87 -62.50
CA TRP A 466 12.07 -4.77 -61.51
C TRP A 466 13.12 -5.64 -62.18
N ALA A 467 14.39 -5.38 -61.88
CA ALA A 467 15.49 -6.20 -62.37
C ALA A 467 16.20 -6.95 -61.24
N GLU A 468 16.65 -6.24 -60.22
CA GLU A 468 17.18 -6.85 -59.00
C GLU A 468 16.55 -6.31 -57.74
N GLY A 469 16.01 -5.09 -57.75
CA GLY A 469 15.31 -4.57 -56.59
C GLY A 469 14.12 -3.73 -57.04
N LEU A 470 13.15 -3.63 -56.14
CA LEU A 470 11.92 -2.91 -56.45
C LEU A 470 12.18 -1.41 -56.48
N THR A 471 11.91 -0.78 -57.63
CA THR A 471 12.14 0.65 -57.83
C THR A 471 10.92 1.28 -58.50
N LEU A 472 9.72 0.96 -58.00
CA LEU A 472 8.52 1.53 -58.57
C LEU A 472 8.32 2.98 -58.11
N ASP A 473 7.52 3.71 -58.86
CA ASP A 473 7.18 5.10 -58.55
C ASP A 473 5.69 5.19 -58.24
N THR A 474 5.38 5.74 -57.07
CA THR A 474 3.99 5.87 -56.63
C THR A 474 3.33 7.16 -57.12
N SER A 475 4.07 8.05 -57.78
CA SER A 475 3.49 9.29 -58.27
C SER A 475 2.45 9.03 -59.36
N LEU A 476 2.75 8.10 -60.28
CA LEU A 476 1.83 7.83 -61.38
C LEU A 476 0.62 7.04 -60.91
N ILE A 477 0.76 6.27 -59.84
CA ILE A 477 -0.37 5.48 -59.33
C ILE A 477 -1.44 6.43 -58.79
N PRO A 478 -2.70 6.31 -59.22
CA PRO A 478 -3.71 7.27 -58.76
C PRO A 478 -4.06 7.12 -57.29
N TRP A 479 -4.20 5.89 -56.79
CA TRP A 479 -4.60 5.68 -55.41
C TRP A 479 -3.45 5.74 -54.42
N ALA A 480 -2.20 5.81 -54.91
CA ALA A 480 -1.04 5.91 -54.03
C ALA A 480 -0.68 7.34 -53.67
N SER A 481 -1.32 8.33 -54.29
CA SER A 481 -1.03 9.72 -53.97
C SER A 481 -1.54 10.06 -52.58
N PRO A 482 -0.73 10.71 -51.74
CA PRO A 482 -1.22 11.08 -50.40
C PRO A 482 -2.45 11.98 -50.42
N SER A 483 -2.54 12.87 -51.41
CA SER A 483 -3.70 13.76 -51.48
C SER A 483 -4.95 13.01 -51.93
N ALA A 484 -4.79 11.94 -52.71
CA ALA A 484 -5.95 11.18 -53.19
C ALA A 484 -6.72 10.55 -52.03
N GLY A 485 -6.00 9.98 -51.06
CA GLY A 485 -6.64 9.37 -49.92
C GLY A 485 -5.72 8.38 -49.22
N PRO A 486 -6.24 7.73 -48.17
CA PRO A 486 -5.45 6.75 -47.44
C PRO A 486 -5.08 5.55 -48.33
N LEU A 487 -3.90 5.00 -48.08
CA LEU A 487 -3.45 3.83 -48.84
C LEU A 487 -4.30 2.62 -48.47
N PRO A 488 -4.68 1.79 -49.45
CA PRO A 488 -5.40 0.56 -49.13
C PRO A 488 -4.54 -0.38 -48.31
N ALA A 489 -5.05 -0.76 -47.15
CA ALA A 489 -4.33 -1.62 -46.21
C ALA A 489 -5.14 -2.89 -45.95
N SER A 490 -4.42 -4.00 -45.75
CA SER A 490 -5.05 -5.29 -45.48
C SER A 490 -4.23 -5.99 -44.41
N ARG A 491 -4.69 -5.93 -43.17
CA ARG A 491 -4.00 -6.55 -42.04
C ARG A 491 -4.98 -7.39 -41.23
N CYS A 492 -4.48 -8.48 -40.66
CA CYS A 492 -5.32 -9.36 -39.86
C CYS A 492 -5.86 -8.63 -38.63
N SER A 493 -5.00 -7.87 -37.94
CA SER A 493 -5.39 -7.11 -36.77
C SER A 493 -4.79 -5.71 -36.88
N GLU A 494 -5.63 -4.70 -36.76
CA GLU A 494 -5.15 -3.32 -36.79
C GLU A 494 -4.35 -3.02 -35.54
N PRO A 495 -3.34 -2.14 -35.63
CA PRO A 495 -2.55 -1.78 -34.45
C PRO A 495 -3.41 -1.10 -33.40
N CYS A 496 -3.55 -1.74 -32.25
CA CYS A 496 -4.39 -1.24 -31.17
C CYS A 496 -3.61 -0.18 -30.37
N LEU A 497 -4.16 0.22 -29.23
CA LEU A 497 -3.52 1.24 -28.41
C LEU A 497 -2.19 0.75 -27.88
N GLN A 498 -1.19 1.62 -27.92
CA GLN A 498 0.14 1.30 -27.43
C GLN A 498 0.28 1.48 -25.92
N ASN A 499 -0.73 2.04 -25.25
CA ASN A 499 -0.69 2.30 -23.82
C ASN A 499 -1.58 1.30 -23.10
N GLU A 500 -1.02 0.65 -22.08
CA GLU A 500 -1.70 -0.30 -21.20
C GLU A 500 -2.20 -1.53 -21.95
N VAL A 501 -1.77 -1.75 -23.18
CA VAL A 501 -2.17 -2.91 -23.97
C VAL A 501 -0.91 -3.65 -24.41
N LYS A 502 -0.89 -4.96 -24.19
CA LYS A 502 0.22 -5.81 -24.57
C LYS A 502 -0.21 -6.75 -25.69
N SER A 503 0.62 -6.85 -26.73
CA SER A 503 0.32 -7.66 -27.89
C SER A 503 1.05 -9.00 -27.81
N VAL A 504 0.29 -10.09 -27.92
CA VAL A 504 0.84 -11.44 -27.90
C VAL A 504 0.24 -12.22 -29.07
N GLN A 505 1.10 -12.97 -29.76
CA GLN A 505 0.70 -13.73 -30.95
C GLN A 505 1.17 -15.17 -30.81
N PRO A 506 0.48 -15.96 -29.98
CA PRO A 506 0.90 -17.36 -29.83
C PRO A 506 0.54 -18.23 -31.03
N GLY A 507 -0.66 -18.05 -31.58
CA GLY A 507 -1.11 -18.91 -32.66
C GLY A 507 -0.30 -18.76 -33.94
N GLU A 508 -0.02 -17.52 -34.34
CA GLU A 508 0.70 -17.27 -35.58
C GLU A 508 1.36 -15.90 -35.50
N VAL A 509 2.36 -15.71 -36.36
CA VAL A 509 3.09 -14.45 -36.42
C VAL A 509 2.37 -13.40 -37.26
N CYS A 510 1.39 -13.83 -38.07
CA CYS A 510 0.74 -12.91 -38.99
C CYS A 510 0.03 -11.77 -38.25
N CYS A 511 -0.68 -12.09 -37.17
CA CYS A 511 -1.39 -11.08 -36.42
C CYS A 511 -1.49 -11.52 -34.97
N TRP A 512 -1.77 -10.54 -34.10
CA TRP A 512 -1.83 -10.75 -32.67
C TRP A 512 -3.14 -10.22 -32.11
N LEU A 513 -3.61 -10.85 -31.04
CA LEU A 513 -4.82 -10.43 -30.34
C LEU A 513 -4.39 -9.71 -29.07
N CYS A 514 -4.14 -8.41 -29.20
CA CYS A 514 -3.69 -7.62 -28.06
C CYS A 514 -4.81 -7.45 -27.04
N ILE A 515 -4.45 -7.58 -25.77
CA ILE A 515 -5.41 -7.43 -24.67
C ILE A 515 -4.84 -6.48 -23.63
N PRO A 516 -5.67 -5.71 -22.92
CA PRO A 516 -5.15 -4.81 -21.88
C PRO A 516 -4.94 -5.57 -20.58
N CYS A 517 -3.71 -5.53 -20.06
CA CYS A 517 -3.37 -6.18 -18.81
C CYS A 517 -3.53 -5.19 -17.66
N GLN A 518 -3.00 -5.54 -16.49
CA GLN A 518 -3.16 -4.71 -15.32
C GLN A 518 -2.49 -3.34 -15.53
N PRO A 519 -3.09 -2.26 -15.04
CA PRO A 519 -2.50 -0.93 -15.26
C PRO A 519 -1.26 -0.66 -14.44
N TYR A 520 -1.00 -1.43 -13.39
CA TYR A 520 0.15 -1.20 -12.53
C TYR A 520 1.41 -1.91 -12.99
N GLU A 521 1.35 -2.64 -14.11
CA GLU A 521 2.51 -3.32 -14.68
C GLU A 521 2.75 -2.76 -16.08
N TYR A 522 3.81 -1.96 -16.22
CA TYR A 522 4.14 -1.30 -17.48
C TYR A 522 5.64 -1.28 -17.72
N ARG A 523 6.38 -2.25 -17.18
CA ARG A 523 7.83 -2.20 -17.24
C ARG A 523 8.34 -2.36 -18.67
N LEU A 524 7.89 -3.40 -19.37
CA LEU A 524 8.39 -3.69 -20.70
C LEU A 524 7.52 -3.10 -21.81
N ASP A 525 6.26 -3.52 -21.88
CA ASP A 525 5.29 -3.00 -22.86
C ASP A 525 5.80 -3.15 -24.29
N GLU A 526 6.39 -4.29 -24.61
CA GLU A 526 6.68 -4.63 -26.00
C GLU A 526 5.97 -5.90 -26.45
N PHE A 527 6.02 -6.96 -25.66
CA PHE A 527 5.24 -8.16 -25.91
C PHE A 527 4.45 -8.59 -24.68
N THR A 528 5.02 -8.46 -23.48
CA THR A 528 4.35 -8.72 -22.23
C THR A 528 4.60 -7.55 -21.27
N CYS A 529 3.65 -7.32 -20.38
CA CYS A 529 3.75 -6.26 -19.39
C CYS A 529 4.24 -6.84 -18.07
N ALA A 530 5.25 -6.19 -17.48
CA ALA A 530 5.86 -6.65 -16.25
C ALA A 530 5.66 -5.62 -15.15
N ASP A 531 5.59 -6.11 -13.91
CA ASP A 531 5.39 -5.25 -12.76
C ASP A 531 6.68 -4.50 -12.41
N CYS A 532 6.53 -3.46 -11.59
CA CYS A 532 7.63 -2.64 -11.13
C CYS A 532 7.77 -2.77 -9.62
N GLY A 533 8.71 -2.01 -9.06
CA GLY A 533 8.92 -2.04 -7.63
C GLY A 533 7.79 -1.39 -6.86
N LEU A 534 7.73 -1.70 -5.57
CA LEU A 534 6.70 -1.14 -4.72
C LEU A 534 6.90 0.36 -4.53
N GLY A 535 5.82 1.12 -4.65
CA GLY A 535 5.90 2.56 -4.50
C GLY A 535 6.43 3.30 -5.70
N TYR A 536 6.48 2.64 -6.86
CA TYR A 536 6.99 3.25 -8.09
C TYR A 536 5.96 3.03 -9.19
N TRP A 537 5.29 4.10 -9.61
CA TRP A 537 4.29 4.01 -10.66
C TRP A 537 4.97 3.94 -12.03
N PRO A 538 4.75 2.88 -12.81
CA PRO A 538 5.40 2.77 -14.14
C PRO A 538 4.73 3.66 -15.19
N ASN A 539 4.99 4.96 -15.09
CA ASN A 539 4.41 5.93 -16.01
C ASN A 539 5.42 7.00 -16.41
N ALA A 540 6.71 6.66 -16.40
CA ALA A 540 7.77 7.59 -16.76
C ALA A 540 8.33 7.21 -18.12
N SER A 541 8.26 8.13 -19.08
CA SER A 541 8.77 7.94 -20.44
C SER A 541 8.18 6.71 -21.12
N LEU A 542 7.03 6.22 -20.65
CA LEU A 542 6.33 5.07 -21.21
C LEU A 542 7.16 3.79 -21.09
N THR A 543 8.32 3.87 -20.44
CA THR A 543 9.16 2.69 -20.25
C THR A 543 9.84 2.64 -18.88
N GLY A 544 9.56 3.58 -17.98
CA GLY A 544 10.19 3.62 -16.68
C GLY A 544 9.17 3.82 -15.57
N CYS A 545 9.68 3.85 -14.34
CA CYS A 545 8.87 4.01 -13.15
C CYS A 545 9.29 5.27 -12.41
N PHE A 546 8.29 6.01 -11.92
CA PHE A 546 8.54 7.26 -11.20
C PHE A 546 7.45 7.45 -10.15
N GLU A 547 7.77 8.28 -9.16
CA GLU A 547 6.83 8.57 -8.09
C GLU A 547 7.14 9.95 -7.51
N LEU A 548 6.15 10.52 -6.83
CA LEU A 548 6.28 11.81 -6.20
C LEU A 548 6.02 11.73 -4.71
N PRO A 549 6.73 12.49 -3.89
CA PRO A 549 6.51 12.43 -2.44
C PRO A 549 5.16 13.01 -2.05
N GLN A 550 4.62 12.49 -0.95
CA GLN A 550 3.34 12.92 -0.40
C GLN A 550 3.54 13.44 1.02
N GLU A 551 2.43 13.70 1.71
CA GLU A 551 2.42 14.20 3.08
C GLU A 551 3.17 15.52 3.21
N TYR A 552 3.13 16.33 2.15
CA TYR A 552 3.80 17.63 2.13
C TYR A 552 2.76 18.73 1.93
N ILE A 553 1.69 18.71 2.73
CA ILE A 553 0.58 19.62 2.57
C ILE A 553 0.78 20.84 3.46
N ARG A 554 2.02 21.04 3.93
CA ARG A 554 2.35 22.21 4.72
C ARG A 554 2.04 23.48 3.94
N TRP A 555 1.40 24.44 4.61
CA TRP A 555 0.94 25.69 4.00
C TRP A 555 0.00 25.41 2.83
N GLY A 556 -0.85 24.39 2.99
CA GLY A 556 -1.81 24.03 1.96
C GLY A 556 -3.14 24.74 2.16
N ASP A 557 -3.70 25.24 1.06
CA ASP A 557 -4.98 25.95 1.13
C ASP A 557 -6.16 25.01 1.33
N ALA A 558 -6.01 23.74 0.94
CA ALA A 558 -7.16 22.82 0.95
C ALA A 558 -7.58 22.50 2.39
N TRP A 559 -6.63 22.11 3.23
CA TRP A 559 -6.97 21.63 4.56
C TRP A 559 -6.06 22.13 5.68
N ALA A 560 -5.06 22.96 5.38
CA ALA A 560 -4.11 23.40 6.40
C ALA A 560 -4.34 24.84 6.85
N VAL A 561 -5.18 25.60 6.16
CA VAL A 561 -5.41 26.99 6.54
C VAL A 561 -6.15 27.08 7.88
N GLY A 562 -7.19 26.27 8.05
CA GLY A 562 -7.99 26.29 9.25
C GLY A 562 -7.21 26.06 10.52
N PRO A 563 -6.52 24.91 10.63
CA PRO A 563 -5.75 24.63 11.85
C PRO A 563 -4.71 25.69 12.19
N VAL A 564 -3.99 26.22 11.19
CA VAL A 564 -2.94 27.18 11.50
C VAL A 564 -3.53 28.50 11.98
N THR A 565 -4.63 28.94 11.36
CA THR A 565 -5.28 30.18 11.81
C THR A 565 -5.87 30.02 13.20
N ILE A 566 -6.51 28.89 13.49
CA ILE A 566 -7.07 28.69 14.82
C ILE A 566 -5.95 28.59 15.85
N ALA A 567 -4.82 27.98 15.49
CA ALA A 567 -3.68 27.92 16.39
C ALA A 567 -3.12 29.31 16.67
N CYS A 568 -3.00 30.15 15.63
CA CYS A 568 -2.52 31.51 15.83
C CYS A 568 -3.47 32.30 16.72
N LEU A 569 -4.78 32.14 16.51
CA LEU A 569 -5.75 32.85 17.35
C LEU A 569 -5.64 32.39 18.80
N GLY A 570 -5.53 31.08 19.03
CA GLY A 570 -5.39 30.58 20.39
C GLY A 570 -4.10 31.04 21.06
N ALA A 571 -3.00 31.05 20.30
CA ALA A 571 -1.74 31.52 20.84
C ALA A 571 -1.81 33.00 21.21
N LEU A 572 -2.44 33.82 20.36
CA LEU A 572 -2.60 35.23 20.68
C LEU A 572 -3.48 35.41 21.92
N ALA A 573 -4.56 34.63 22.02
CA ALA A 573 -5.43 34.73 23.18
C ALA A 573 -4.70 34.36 24.47
N THR A 574 -3.95 33.26 24.45
CA THR A 574 -3.25 32.86 25.67
C THR A 574 -2.11 33.80 26.00
N LEU A 575 -1.46 34.39 24.99
CA LEU A 575 -0.45 35.40 25.26
C LEU A 575 -1.06 36.66 25.88
N PHE A 576 -2.25 37.05 25.40
CA PHE A 576 -2.94 38.18 26.01
C PHE A 576 -3.32 37.89 27.45
N VAL A 577 -3.80 36.67 27.73
CA VAL A 577 -4.14 36.29 29.09
C VAL A 577 -2.90 36.31 29.98
N LEU A 578 -1.77 35.80 29.46
CA LEU A 578 -0.52 35.83 30.20
C LEU A 578 -0.09 37.26 30.51
N GLY A 579 -0.20 38.15 29.52
CA GLY A 579 0.16 39.54 29.75
C GLY A 579 -0.74 40.22 30.75
N VAL A 580 -2.03 39.87 30.74
CA VAL A 580 -2.97 40.45 31.71
C VAL A 580 -2.62 39.99 33.12
N PHE A 581 -2.42 38.69 33.30
CA PHE A 581 -2.17 38.17 34.64
C PHE A 581 -0.80 38.59 35.17
N VAL A 582 0.22 38.65 34.31
CA VAL A 582 1.55 39.03 34.77
C VAL A 582 1.61 40.50 35.17
N ARG A 583 0.70 41.34 34.66
CA ARG A 583 0.72 42.76 34.94
C ARG A 583 -0.34 43.21 35.93
N HIS A 584 -1.37 42.38 36.17
CA HIS A 584 -2.47 42.74 37.06
C HIS A 584 -2.51 41.82 38.28
N ASN A 585 -1.34 41.53 38.85
CA ASN A 585 -1.25 40.66 40.03
C ASN A 585 -1.47 41.42 41.32
N ALA A 586 -2.56 42.19 41.39
CA ALA A 586 -2.94 42.93 42.58
C ALA A 586 -4.32 42.58 43.09
N THR A 587 -5.27 42.37 42.20
CA THR A 587 -6.60 41.94 42.60
C THR A 587 -6.52 40.54 43.23
N PRO A 588 -7.15 40.31 44.38
CA PRO A 588 -6.98 39.01 45.05
C PRO A 588 -7.53 37.82 44.27
N VAL A 589 -8.40 38.03 43.29
CA VAL A 589 -8.97 36.90 42.57
C VAL A 589 -7.89 36.18 41.76
N VAL A 590 -7.03 36.93 41.08
CA VAL A 590 -5.96 36.29 40.31
C VAL A 590 -4.90 35.70 41.24
N LYS A 591 -4.68 36.32 42.40
CA LYS A 591 -3.75 35.76 43.37
C LYS A 591 -4.28 34.47 43.97
N ALA A 592 -5.61 34.34 44.08
CA ALA A 592 -6.20 33.14 44.65
C ALA A 592 -5.93 31.90 43.81
N SER A 593 -5.57 32.06 42.53
CA SER A 593 -5.22 30.91 41.72
C SER A 593 -3.96 30.22 42.23
N GLY A 594 -2.97 30.99 42.66
CA GLY A 594 -1.72 30.43 43.14
C GLY A 594 -0.51 31.15 42.59
N ARG A 595 -0.67 31.75 41.41
CA ARG A 595 0.34 32.55 40.72
C ARG A 595 1.58 31.74 40.33
N GLU A 596 1.55 30.42 40.51
CA GLU A 596 2.54 29.53 39.91
C GLU A 596 1.89 28.47 39.04
N LEU A 597 0.88 27.77 39.56
CA LEU A 597 0.18 26.79 38.78
C LEU A 597 -0.60 27.44 37.64
N CYS A 598 -0.99 28.70 37.80
CA CYS A 598 -1.63 29.42 36.70
C CYS A 598 -0.66 29.58 35.52
N TYR A 599 0.59 29.94 35.81
CA TYR A 599 1.58 30.04 34.75
C TYR A 599 1.90 28.67 34.16
N ILE A 600 1.92 27.63 35.00
CA ILE A 600 2.15 26.27 34.48
C ILE A 600 1.03 25.89 33.52
N LEU A 601 -0.22 26.17 33.89
CA LEU A 601 -1.36 25.86 33.02
C LEU A 601 -1.30 26.69 31.74
N LEU A 602 -0.90 27.96 31.83
CA LEU A 602 -0.75 28.77 30.64
C LEU A 602 0.32 28.21 29.70
N GLY A 603 1.44 27.76 30.27
CA GLY A 603 2.46 27.11 29.44
C GLY A 603 1.95 25.85 28.78
N GLY A 604 1.20 25.04 29.52
CA GLY A 604 0.61 23.85 28.93
C GLY A 604 -0.36 24.17 27.80
N VAL A 605 -1.17 25.21 27.99
CA VAL A 605 -2.11 25.62 26.94
C VAL A 605 -1.36 26.12 25.71
N PHE A 606 -0.28 26.88 25.93
CA PHE A 606 0.53 27.36 24.81
C PHE A 606 1.15 26.19 24.06
N LEU A 607 1.65 25.19 24.78
CA LEU A 607 2.20 24.01 24.13
C LEU A 607 1.12 23.27 23.33
N CYS A 608 -0.07 23.14 23.89
CA CYS A 608 -1.17 22.50 23.16
C CYS A 608 -1.49 23.26 21.88
N TYR A 609 -1.53 24.59 21.96
CA TYR A 609 -1.85 25.41 20.79
C TYR A 609 -0.77 25.31 19.73
N CYS A 610 0.50 25.30 20.13
CA CYS A 610 1.61 25.32 19.18
C CYS A 610 2.04 23.94 18.73
N MET A 611 1.51 22.87 19.32
CA MET A 611 1.88 21.52 18.91
C MET A 611 1.36 21.15 17.53
N THR A 612 0.29 21.80 17.07
CA THR A 612 -0.24 21.51 15.74
C THR A 612 0.77 21.83 14.64
N PHE A 613 1.66 22.80 14.88
CA PHE A 613 2.73 23.07 13.93
C PHE A 613 3.65 21.87 13.78
N ILE A 614 3.96 21.20 14.90
CA ILE A 614 4.71 19.94 14.83
C ILE A 614 3.88 18.86 14.15
N PHE A 615 2.56 18.86 14.39
CA PHE A 615 1.70 17.86 13.79
C PHE A 615 1.71 17.93 12.27
N ILE A 616 1.54 19.13 11.71
CA ILE A 616 1.55 19.33 10.27
C ILE A 616 2.96 19.77 9.88
N ALA A 617 3.78 18.79 9.51
CA ALA A 617 5.16 19.05 9.11
C ALA A 617 5.65 17.86 8.30
N LYS A 618 6.77 18.07 7.61
CA LYS A 618 7.37 17.00 6.84
C LYS A 618 7.89 15.91 7.78
N PRO A 619 7.50 14.65 7.58
CA PRO A 619 7.98 13.59 8.48
C PRO A 619 9.49 13.47 8.46
N SER A 620 10.06 13.22 9.63
CA SER A 620 11.50 13.08 9.80
C SER A 620 11.76 12.42 11.14
N THR A 621 13.03 12.11 11.39
CA THR A 621 13.41 11.50 12.67
C THR A 621 13.19 12.47 13.82
N ALA A 622 13.44 13.77 13.60
CA ALA A 622 13.21 14.75 14.64
C ALA A 622 11.73 15.06 14.81
N VAL A 623 11.00 15.19 13.70
CA VAL A 623 9.58 15.55 13.77
C VAL A 623 8.77 14.44 14.42
N CYS A 624 9.04 13.19 14.04
CA CYS A 624 8.28 12.06 14.60
C CYS A 624 8.55 11.91 16.09
N THR A 625 9.79 12.13 16.51
CA THR A 625 10.13 12.00 17.94
C THR A 625 9.40 13.04 18.77
N LEU A 626 9.36 14.29 18.29
CA LEU A 626 8.75 15.37 19.08
C LEU A 626 7.25 15.17 19.25
N ARG A 627 6.57 14.68 18.21
CA ARG A 627 5.12 14.52 18.25
C ARG A 627 4.67 13.28 18.99
N ARG A 628 5.61 12.46 19.48
CA ARG A 628 5.25 11.24 20.20
C ARG A 628 5.05 11.47 21.69
N LEU A 629 5.97 12.20 22.33
CA LEU A 629 5.82 12.49 23.76
C LEU A 629 5.02 13.75 24.03
N GLY A 630 4.99 14.69 23.08
CA GLY A 630 4.26 15.92 23.30
C GLY A 630 2.77 15.70 23.43
N LEU A 631 2.22 14.74 22.68
CA LEU A 631 0.79 14.47 22.72
C LEU A 631 0.31 14.09 24.12
N GLY A 632 1.21 13.55 24.96
CA GLY A 632 0.88 13.26 26.33
C GLY A 632 1.33 14.37 27.27
N THR A 633 2.50 14.94 27.00
CA THR A 633 3.06 15.94 27.90
C THR A 633 2.19 17.20 27.95
N ALA A 634 1.70 17.65 26.81
CA ALA A 634 0.94 18.90 26.77
C ALA A 634 -0.33 18.80 27.61
N PHE A 635 -1.04 17.68 27.54
CA PHE A 635 -2.24 17.50 28.35
C PHE A 635 -1.89 17.18 29.79
N SER A 636 -0.80 16.46 30.04
CA SER A 636 -0.41 16.13 31.41
C SER A 636 -0.04 17.38 32.19
N VAL A 637 0.60 18.36 31.53
CA VAL A 637 0.94 19.60 32.22
C VAL A 637 -0.31 20.30 32.71
N CYS A 638 -1.31 20.45 31.84
CA CYS A 638 -2.56 21.10 32.23
C CYS A 638 -3.29 20.32 33.31
N TYR A 639 -3.33 18.99 33.18
CA TYR A 639 -4.03 18.18 34.18
C TYR A 639 -3.35 18.27 35.54
N SER A 640 -2.02 18.24 35.58
CA SER A 640 -1.30 18.39 36.85
C SER A 640 -1.51 19.77 37.43
N ALA A 641 -1.51 20.81 36.59
CA ALA A 641 -1.74 22.17 37.08
C ALA A 641 -3.12 22.30 37.70
N LEU A 642 -4.13 21.70 37.06
CA LEU A 642 -5.47 21.73 37.63
C LEU A 642 -5.59 20.86 38.88
N LEU A 643 -4.83 19.77 38.94
CA LEU A 643 -4.92 18.85 40.07
C LEU A 643 -4.29 19.45 41.33
N THR A 644 -3.10 20.04 41.19
CA THR A 644 -2.37 20.51 42.36
C THR A 644 -3.09 21.67 43.04
N LYS A 645 -3.66 22.59 42.27
CA LYS A 645 -4.38 23.72 42.87
C LYS A 645 -5.58 23.25 43.68
N THR A 646 -6.38 22.36 43.10
CA THR A 646 -7.54 21.84 43.81
C THR A 646 -7.11 21.05 45.04
N ASN A 647 -6.05 20.26 44.92
CA ASN A 647 -5.57 19.47 46.05
C ASN A 647 -5.12 20.36 47.20
N ARG A 648 -4.33 21.40 46.90
CA ARG A 648 -3.84 22.27 47.95
C ARG A 648 -4.99 23.05 48.59
N ILE A 649 -5.93 23.54 47.79
CA ILE A 649 -7.07 24.26 48.35
C ILE A 649 -7.89 23.36 49.26
N ALA A 650 -8.16 22.13 48.82
CA ALA A 650 -8.95 21.20 49.62
C ALA A 650 -8.22 20.84 50.91
N ARG A 651 -6.90 20.59 50.83
CA ARG A 651 -6.15 20.25 52.02
C ARG A 651 -6.11 21.40 53.01
N ILE A 652 -5.90 22.62 52.52
CA ILE A 652 -5.87 23.78 53.42
C ILE A 652 -7.22 23.98 54.09
N PHE A 653 -8.31 23.87 53.32
CA PHE A 653 -9.63 24.09 53.88
C PHE A 653 -10.11 22.92 54.74
N GLY A 654 -9.49 21.75 54.62
CA GLY A 654 -9.89 20.61 55.42
C GLY A 654 -9.10 20.42 56.70
N GLY A 655 -7.80 20.69 56.66
CA GLY A 655 -6.96 20.51 57.82
C GLY A 655 -7.01 21.62 58.85
N ALA A 656 -7.80 22.67 58.61
CA ALA A 656 -7.87 23.77 59.56
C ALA A 656 -8.67 23.39 60.80
N ARG A 657 -9.74 22.60 60.62
CA ARG A 657 -10.61 22.26 61.74
C ARG A 657 -9.88 21.40 62.77
N GLU A 658 -9.14 20.39 62.32
CA GLU A 658 -8.45 19.46 63.20
C GLU A 658 -6.95 19.57 62.96
N GLY A 659 -6.18 19.69 64.04
CA GLY A 659 -4.75 19.84 63.91
C GLY A 659 -4.35 21.19 63.34
N ALA A 660 -4.58 22.25 64.11
CA ALA A 660 -4.32 23.62 63.64
C ALA A 660 -2.82 23.83 63.51
N GLN A 661 -2.31 23.69 62.29
CA GLN A 661 -0.89 23.87 62.01
C GLN A 661 -0.72 24.03 60.51
N ARG A 662 0.48 24.39 60.10
CA ARG A 662 0.77 24.59 58.69
C ARG A 662 0.75 23.26 57.95
N PRO A 663 -0.09 23.08 56.94
CA PRO A 663 -0.07 21.82 56.17
C PRO A 663 1.26 21.61 55.47
N ARG A 664 1.63 20.35 55.32
CA ARG A 664 2.92 20.00 54.74
C ARG A 664 2.89 20.16 53.22
N PHE A 665 4.05 20.56 52.68
CA PHE A 665 4.31 20.60 51.24
C PHE A 665 3.44 21.60 50.49
N ILE A 666 2.91 22.63 51.17
CA ILE A 666 2.18 23.70 50.50
C ILE A 666 3.08 24.93 50.48
N SER A 667 3.32 25.45 49.27
CA SER A 667 4.20 26.58 49.04
C SER A 667 4.13 26.97 47.57
N PRO A 668 4.44 28.22 47.21
CA PRO A 668 4.52 28.56 45.78
C PRO A 668 5.57 27.74 45.03
N ALA A 669 6.62 27.28 45.72
CA ALA A 669 7.64 26.45 45.11
C ALA A 669 7.38 24.96 45.27
N SER A 670 6.85 24.55 46.43
CA SER A 670 6.59 23.13 46.66
C SER A 670 5.52 22.61 45.71
N GLN A 671 4.44 23.38 45.51
CA GLN A 671 3.41 22.97 44.58
C GLN A 671 3.96 22.87 43.15
N VAL A 672 4.89 23.77 42.80
CA VAL A 672 5.58 23.66 41.52
C VAL A 672 6.36 22.34 41.46
N ALA A 673 7.01 21.96 42.56
CA ALA A 673 7.74 20.70 42.58
C ALA A 673 6.81 19.52 42.36
N ILE A 674 5.64 19.53 43.01
CA ILE A 674 4.69 18.43 42.83
C ILE A 674 4.17 18.40 41.39
N CYS A 675 3.87 19.56 40.82
CA CYS A 675 3.37 19.61 39.45
C CYS A 675 4.40 19.08 38.46
N LEU A 676 5.67 19.50 38.62
CA LEU A 676 6.71 19.00 37.74
C LEU A 676 6.99 17.52 37.98
N ALA A 677 6.81 17.02 39.19
CA ALA A 677 6.94 15.58 39.41
C ALA A 677 5.84 14.82 38.67
N LEU A 678 4.60 15.33 38.73
CA LEU A 678 3.51 14.69 38.00
C LEU A 678 3.77 14.70 36.50
N ILE A 679 4.27 15.83 35.98
CA ILE A 679 4.60 15.91 34.57
C ILE A 679 5.74 14.94 34.22
N SER A 680 6.76 14.87 35.08
CA SER A 680 7.90 14.02 34.82
C SER A 680 7.54 12.54 34.87
N GLY A 681 6.50 12.17 35.62
CA GLY A 681 6.03 10.80 35.56
C GLY A 681 5.56 10.41 34.17
N GLN A 682 4.73 11.27 33.57
CA GLN A 682 4.28 11.03 32.20
C GLN A 682 5.44 11.07 31.23
N LEU A 683 6.38 12.00 31.44
CA LEU A 683 7.56 12.06 30.59
C LEU A 683 8.36 10.76 30.66
N LEU A 684 8.54 10.22 31.87
CA LEU A 684 9.29 8.99 32.05
C LEU A 684 8.60 7.81 31.38
N ILE A 685 7.28 7.71 31.54
CA ILE A 685 6.59 6.56 30.96
C ILE A 685 6.59 6.65 29.43
N VAL A 686 6.39 7.86 28.88
CA VAL A 686 6.39 7.98 27.43
C VAL A 686 7.79 7.79 26.85
N VAL A 687 8.83 8.19 27.58
CA VAL A 687 10.20 7.94 27.15
C VAL A 687 10.50 6.45 27.17
N ALA A 688 10.04 5.75 28.22
CA ALA A 688 10.20 4.30 28.27
C ALA A 688 9.50 3.64 27.09
N TRP A 689 8.33 4.15 26.70
CA TRP A 689 7.73 3.68 25.46
C TRP A 689 8.49 4.18 24.24
N LEU A 690 9.08 5.38 24.31
CA LEU A 690 9.80 5.93 23.17
C LEU A 690 11.16 5.27 23.00
N VAL A 691 11.85 4.93 24.10
CA VAL A 691 13.18 4.37 24.01
C VAL A 691 13.14 3.00 23.33
N VAL A 692 12.14 2.19 23.66
CA VAL A 692 12.04 0.85 23.07
C VAL A 692 11.91 0.93 21.55
N GLU A 693 11.06 1.83 21.07
CA GLU A 693 10.89 2.04 19.64
C GLU A 693 11.91 3.07 19.16
N ALA A 694 11.77 3.51 17.90
CA ALA A 694 12.66 4.50 17.33
C ALA A 694 11.94 5.18 16.18
N PRO A 695 12.31 6.41 15.83
CA PRO A 695 11.69 7.07 14.67
C PRO A 695 11.95 6.30 13.38
N GLY A 696 10.89 5.76 12.79
CA GLY A 696 11.02 4.96 11.59
C GLY A 696 10.15 5.46 10.44
N THR A 697 10.09 6.78 10.27
CA THR A 697 9.25 7.36 9.23
C THR A 697 9.70 6.87 7.85
N GLY A 698 8.74 6.43 7.04
CA GLY A 698 9.04 5.92 5.72
C GLY A 698 7.77 5.73 4.93
N LYS A 699 7.95 5.51 3.63
CA LYS A 699 6.81 5.34 2.74
C LYS A 699 6.06 4.05 3.06
N GLU A 700 4.74 4.09 2.91
CA GLU A 700 3.89 2.94 3.12
C GLU A 700 3.00 2.73 1.91
N THR A 701 2.64 1.47 1.65
CA THR A 701 1.86 1.10 0.49
C THR A 701 0.61 0.34 0.93
N ALA A 702 -0.43 0.44 0.10
CA ALA A 702 -1.69 -0.24 0.35
C ALA A 702 -2.05 -1.12 -0.84
N PRO A 703 -2.51 -2.36 -0.59
CA PRO A 703 -2.87 -3.25 -1.71
C PRO A 703 -3.98 -2.71 -2.58
N GLU A 704 -4.93 -1.97 -2.00
CA GLU A 704 -6.05 -1.42 -2.75
C GLU A 704 -5.76 -0.05 -3.35
N ARG A 705 -4.59 0.52 -3.08
CA ARG A 705 -4.25 1.84 -3.61
C ARG A 705 -2.74 1.84 -3.90
N ARG A 706 -2.38 1.59 -5.15
CA ARG A 706 -0.98 1.58 -5.56
C ARG A 706 -0.58 2.84 -6.31
N GLU A 707 -1.53 3.57 -6.88
CA GLU A 707 -1.21 4.80 -7.61
C GLU A 707 -0.77 5.92 -6.68
N VAL A 708 -1.11 5.85 -5.40
CA VAL A 708 -0.76 6.87 -4.42
C VAL A 708 0.02 6.22 -3.29
N VAL A 709 1.10 6.88 -2.87
CA VAL A 709 1.95 6.40 -1.78
C VAL A 709 2.07 7.51 -0.75
N THR A 710 2.08 7.13 0.53
CA THR A 710 2.19 8.09 1.62
C THR A 710 3.20 7.58 2.64
N LEU A 711 3.79 8.52 3.38
CA LEU A 711 4.74 8.22 4.43
C LEU A 711 4.26 8.83 5.74
N ARG A 712 4.46 8.10 6.83
CA ARG A 712 4.05 8.55 8.15
C ARG A 712 4.99 7.93 9.18
N CYS A 713 4.66 8.13 10.46
CA CYS A 713 5.47 7.57 11.53
C CYS A 713 5.31 6.06 11.60
N ASN A 714 6.32 5.40 12.18
CA ASN A 714 6.34 3.95 12.30
C ASN A 714 5.60 3.45 13.53
N HIS A 715 5.08 4.35 14.36
CA HIS A 715 4.36 3.98 15.57
C HIS A 715 2.86 4.16 15.36
N ARG A 716 2.09 3.16 15.77
CA ARG A 716 0.65 3.22 15.61
C ARG A 716 0.03 4.24 16.57
N ASP A 717 -1.18 4.69 16.23
CA ASP A 717 -1.89 5.65 17.07
C ASP A 717 -2.30 5.07 18.41
N ALA A 718 -2.31 3.74 18.55
CA ALA A 718 -2.65 3.08 19.80
C ALA A 718 -1.47 2.94 20.74
N SER A 719 -0.28 3.40 20.33
CA SER A 719 0.90 3.27 21.17
C SER A 719 0.80 4.11 22.44
N MET A 720 0.12 5.26 22.38
CA MET A 720 -0.03 6.15 23.53
C MET A 720 -1.26 5.82 24.37
N LEU A 721 -1.72 4.56 24.34
CA LEU A 721 -2.83 4.17 25.19
C LEU A 721 -2.46 4.28 26.67
N GLY A 722 -1.19 4.00 27.01
CA GLY A 722 -0.76 4.19 28.39
C GLY A 722 -0.83 5.63 28.84
N SER A 723 -0.39 6.55 27.98
CA SER A 723 -0.50 7.98 28.30
C SER A 723 -1.95 8.41 28.40
N LEU A 724 -2.81 7.88 27.52
CA LEU A 724 -4.24 8.17 27.60
C LEU A 724 -4.82 7.69 28.93
N ALA A 725 -4.45 6.49 29.36
CA ALA A 725 -4.95 5.98 30.64
C ALA A 725 -4.43 6.81 31.81
N TYR A 726 -3.15 7.23 31.74
CA TYR A 726 -2.61 8.09 32.79
C TYR A 726 -3.37 9.40 32.87
N ASN A 727 -3.67 10.01 31.71
CA ASN A 727 -4.43 11.25 31.70
C ASN A 727 -5.86 11.04 32.21
N VAL A 728 -6.45 9.88 31.91
CA VAL A 728 -7.79 9.59 32.41
C VAL A 728 -7.77 9.48 33.93
N LEU A 729 -6.76 8.80 34.49
CA LEU A 729 -6.64 8.73 35.94
C LEU A 729 -6.40 10.10 36.55
N LEU A 730 -5.59 10.94 35.89
CA LEU A 730 -5.38 12.30 36.39
C LEU A 730 -6.69 13.10 36.39
N ILE A 731 -7.50 12.94 35.34
CA ILE A 731 -8.79 13.63 35.28
C ILE A 731 -9.72 13.12 36.38
N ALA A 732 -9.71 11.80 36.62
CA ALA A 732 -10.53 11.24 37.68
C ALA A 732 -10.12 11.78 39.04
N LEU A 733 -8.82 11.87 39.30
CA LEU A 733 -8.34 12.44 40.56
C LEU A 733 -8.72 13.92 40.67
N CYS A 734 -8.64 14.66 39.57
CA CYS A 734 -9.04 16.07 39.58
C CYS A 734 -10.51 16.21 39.91
N THR A 735 -11.36 15.36 39.33
CA THR A 735 -12.79 15.41 39.65
C THR A 735 -13.04 15.03 41.11
N LEU A 736 -12.31 14.03 41.61
CA LEU A 736 -12.48 13.64 43.01
C LEU A 736 -12.10 14.76 43.96
N TYR A 737 -11.00 15.46 43.66
CA TYR A 737 -10.60 16.58 44.51
C TYR A 737 -11.55 17.76 44.37
N ALA A 738 -12.09 17.98 43.16
CA ALA A 738 -13.09 19.03 42.98
C ALA A 738 -14.37 18.72 43.74
N PHE A 739 -14.67 17.43 43.93
CA PHE A 739 -15.81 17.04 44.73
C PHE A 739 -15.60 17.36 46.22
N LYS A 740 -14.36 17.65 46.63
CA LYS A 740 -14.07 17.96 48.02
C LYS A 740 -13.90 19.45 48.28
N THR A 741 -13.55 20.25 47.26
CA THR A 741 -13.52 21.70 47.38
C THR A 741 -14.88 22.34 47.17
N ARG A 742 -15.96 21.53 47.27
CA ARG A 742 -17.30 22.04 47.03
C ARG A 742 -17.67 23.15 48.02
N LYS A 743 -17.43 22.91 49.31
CA LYS A 743 -17.77 23.88 50.34
C LYS A 743 -16.58 24.83 50.55
N CYS A 744 -16.42 25.73 49.61
CA CYS A 744 -15.35 26.72 49.62
C CYS A 744 -15.89 28.05 49.15
N PRO A 745 -15.23 29.15 49.52
CA PRO A 745 -15.67 30.47 49.03
C PRO A 745 -15.55 30.57 47.51
N GLU A 746 -16.35 31.47 46.95
CA GLU A 746 -16.46 31.58 45.49
C GLU A 746 -15.10 31.80 44.85
N ASN A 747 -14.23 32.59 45.50
CA ASN A 747 -12.90 32.82 44.95
C ASN A 747 -12.10 31.52 44.87
N PHE A 748 -12.20 30.67 45.90
CA PHE A 748 -11.47 29.42 45.94
C PHE A 748 -12.28 28.23 45.45
N ASN A 749 -13.51 28.45 45.00
CA ASN A 749 -14.38 27.36 44.54
C ASN A 749 -14.45 27.38 43.02
N GLU A 750 -14.15 26.23 42.40
CA GLU A 750 -14.24 26.09 40.95
C GLU A 750 -14.84 24.74 40.57
N ALA A 751 -15.72 24.20 41.41
CA ALA A 751 -16.35 22.92 41.14
C ALA A 751 -17.47 23.01 40.11
N LYS A 752 -17.76 24.20 39.60
CA LYS A 752 -18.73 24.38 38.53
C LYS A 752 -18.07 24.90 37.25
N PHE A 753 -16.74 24.91 37.20
CA PHE A 753 -16.02 25.36 36.02
C PHE A 753 -14.93 24.40 35.57
N ILE A 754 -14.50 23.47 36.42
CA ILE A 754 -13.55 22.44 36.01
C ILE A 754 -14.21 21.07 35.84
N GLY A 755 -15.36 20.83 36.46
CA GLY A 755 -16.09 19.61 36.19
C GLY A 755 -16.62 19.56 34.77
N PHE A 756 -17.02 20.71 34.23
CA PHE A 756 -17.43 20.78 32.83
C PHE A 756 -16.27 20.48 31.90
N THR A 757 -15.07 20.95 32.24
CA THR A 757 -13.92 20.81 31.35
C THR A 757 -13.54 19.34 31.16
N MET A 758 -13.55 18.56 32.24
CA MET A 758 -13.27 17.13 32.12
C MET A 758 -14.31 16.44 31.23
N TYR A 759 -15.59 16.73 31.45
CA TYR A 759 -16.64 16.14 30.63
C TYR A 759 -16.52 16.59 29.18
N THR A 760 -16.20 17.87 28.95
CA THR A 760 -16.07 18.36 27.59
C THR A 760 -14.92 17.68 26.87
N THR A 761 -13.77 17.51 27.54
CA THR A 761 -12.65 16.82 26.92
C THR A 761 -12.99 15.36 26.64
N CYS A 762 -13.67 14.70 27.58
CA CYS A 762 -14.08 13.32 27.36
C CYS A 762 -14.99 13.20 26.16
N ILE A 763 -15.94 14.11 26.03
CA ILE A 763 -16.84 14.11 24.87
C ILE A 763 -16.05 14.34 23.59
N ILE A 764 -15.10 15.28 23.63
CA ILE A 764 -14.30 15.59 22.44
C ILE A 764 -13.55 14.35 21.96
N TRP A 765 -12.91 13.64 22.88
CA TRP A 765 -12.11 12.49 22.47
C TRP A 765 -12.98 11.28 22.10
N LEU A 766 -14.09 11.06 22.82
CA LEU A 766 -15.00 9.99 22.45
C LEU A 766 -15.75 10.27 21.16
N ALA A 767 -15.74 11.52 20.69
CA ALA A 767 -16.25 11.81 19.36
C ALA A 767 -15.16 11.76 18.30
N PHE A 768 -13.92 12.08 18.67
CA PHE A 768 -12.82 12.01 17.72
C PHE A 768 -12.45 10.58 17.38
N LEU A 769 -12.57 9.66 18.35
CA LEU A 769 -12.19 8.27 18.11
C LEU A 769 -12.97 7.61 16.98
N PRO A 770 -14.31 7.66 16.93
CA PRO A 770 -15.01 7.04 15.79
C PRO A 770 -14.66 7.67 14.46
N ILE A 771 -14.43 8.99 14.41
CA ILE A 771 -14.05 9.64 13.17
C ILE A 771 -12.69 9.11 12.70
N PHE A 772 -11.74 8.99 13.63
CA PHE A 772 -10.44 8.42 13.28
C PHE A 772 -10.59 6.98 12.78
N TYR A 773 -11.47 6.20 13.41
CA TYR A 773 -11.67 4.82 12.98
C TYR A 773 -12.27 4.75 11.58
N VAL A 774 -13.22 5.61 11.27
CA VAL A 774 -13.96 5.48 10.02
C VAL A 774 -13.25 6.14 8.83
N THR A 775 -12.50 7.21 9.06
CA THR A 775 -11.90 7.95 7.94
C THR A 775 -10.81 7.13 7.27
N SER A 776 -9.74 6.82 8.01
CA SER A 776 -8.63 6.00 7.51
C SER A 776 -8.06 6.54 6.20
N SER A 777 -7.87 7.86 6.15
CA SER A 777 -7.27 8.55 5.00
C SER A 777 -6.05 9.29 5.52
N ASP A 778 -4.90 8.61 5.55
CA ASP A 778 -3.73 9.11 6.26
C ASP A 778 -3.20 10.41 5.70
N TYR A 779 -3.59 10.80 4.49
CA TYR A 779 -3.01 11.99 3.87
C TYR A 779 -3.36 13.26 4.64
N ARG A 780 -4.65 13.50 4.88
CA ARG A 780 -5.09 14.79 5.41
C ARG A 780 -5.90 14.69 6.69
N VAL A 781 -6.85 13.74 6.77
CA VAL A 781 -7.95 13.88 7.72
C VAL A 781 -7.48 13.74 9.16
N GLN A 782 -6.60 12.78 9.45
CA GLN A 782 -6.19 12.57 10.85
C GLN A 782 -5.44 13.77 11.40
N THR A 783 -4.58 14.39 10.58
CA THR A 783 -3.89 15.59 11.05
C THR A 783 -4.87 16.70 11.37
N THR A 784 -5.82 16.95 10.48
CA THR A 784 -6.81 18.00 10.71
C THR A 784 -7.68 17.71 11.92
N THR A 785 -8.12 16.46 12.07
CA THR A 785 -8.98 16.11 13.19
C THR A 785 -8.25 16.27 14.51
N MET A 786 -7.01 15.77 14.59
CA MET A 786 -6.24 15.90 15.82
C MET A 786 -5.95 17.36 16.15
N CYS A 787 -5.57 18.15 15.14
CA CYS A 787 -5.29 19.56 15.38
C CYS A 787 -6.52 20.30 15.86
N VAL A 788 -7.68 20.04 15.24
CA VAL A 788 -8.92 20.69 15.65
C VAL A 788 -9.29 20.28 17.06
N SER A 789 -9.17 18.99 17.38
CA SER A 789 -9.52 18.50 18.71
C SER A 789 -8.64 19.14 19.77
N VAL A 790 -7.33 19.20 19.53
CA VAL A 790 -6.41 19.78 20.50
C VAL A 790 -6.69 21.27 20.68
N SER A 791 -6.88 22.00 19.57
CA SER A 791 -7.13 23.43 19.66
C SER A 791 -8.43 23.71 20.39
N LEU A 792 -9.49 22.96 20.10
CA LEU A 792 -10.77 23.21 20.75
C LEU A 792 -10.74 22.79 22.22
N SER A 793 -9.99 21.74 22.54
CA SER A 793 -9.82 21.38 23.95
C SER A 793 -9.09 22.49 24.72
N GLY A 794 -8.02 23.04 24.14
CA GLY A 794 -7.36 24.16 24.78
C GLY A 794 -8.28 25.35 24.93
N SER A 795 -9.07 25.64 23.90
CA SER A 795 -10.00 26.77 23.95
C SER A 795 -11.04 26.57 25.05
N VAL A 796 -11.60 25.37 25.17
CA VAL A 796 -12.62 25.14 26.19
C VAL A 796 -12.01 25.17 27.59
N VAL A 797 -10.77 24.68 27.74
CA VAL A 797 -10.09 24.79 29.03
C VAL A 797 -9.92 26.25 29.41
N LEU A 798 -9.45 27.07 28.47
CA LEU A 798 -9.25 28.49 28.75
C LEU A 798 -10.58 29.15 29.11
N GLY A 799 -11.62 28.90 28.32
CA GLY A 799 -12.90 29.55 28.56
C GLY A 799 -13.55 29.14 29.87
N CYS A 800 -13.40 27.87 30.25
CA CYS A 800 -13.98 27.40 31.51
C CYS A 800 -13.16 27.85 32.72
N LEU A 801 -11.85 28.04 32.57
CA LEU A 801 -11.01 28.37 33.71
C LEU A 801 -10.85 29.87 33.91
N PHE A 802 -10.28 30.57 32.92
CA PHE A 802 -9.87 31.95 33.13
C PHE A 802 -10.85 32.98 32.59
N ALA A 803 -11.65 32.63 31.58
CA ALA A 803 -12.61 33.60 31.04
C ALA A 803 -13.52 34.19 32.10
N PRO A 804 -14.08 33.43 33.06
CA PRO A 804 -14.79 34.09 34.17
C PRO A 804 -13.90 35.01 34.98
N LYS A 805 -12.62 34.67 35.15
CA LYS A 805 -11.72 35.54 35.90
C LYS A 805 -11.39 36.80 35.11
N LEU A 806 -11.20 36.68 33.79
CA LEU A 806 -11.01 37.86 32.96
C LEU A 806 -12.24 38.75 32.98
N HIS A 807 -13.43 38.14 33.03
CA HIS A 807 -14.66 38.93 33.08
C HIS A 807 -14.73 39.77 34.35
N ILE A 808 -14.33 39.18 35.49
CA ILE A 808 -14.31 39.93 36.75
C ILE A 808 -13.27 41.04 36.69
N ILE A 809 -12.09 40.76 36.15
CA ILE A 809 -11.04 41.78 36.05
C ILE A 809 -11.47 42.88 35.10
N LEU A 810 -12.06 42.52 33.95
CA LEU A 810 -12.51 43.53 33.00
C LEU A 810 -13.60 44.40 33.58
N PHE A 811 -14.54 43.80 34.31
CA PHE A 811 -15.64 44.55 34.92
C PHE A 811 -15.18 45.22 36.21
N ARG B 39 18.80 -53.17 -70.51
CA ARG B 39 17.53 -53.32 -69.82
C ARG B 39 16.96 -54.73 -70.00
N ARG B 40 15.99 -55.09 -69.17
CA ARG B 40 15.36 -56.40 -69.22
C ARG B 40 13.86 -56.26 -69.37
N GLU B 41 13.24 -57.23 -70.03
CA GLU B 41 11.81 -57.22 -70.24
C GLU B 41 11.35 -58.63 -70.58
N ILE B 42 10.03 -58.84 -70.47
CA ILE B 42 9.40 -60.10 -70.83
C ILE B 42 8.58 -59.86 -72.09
N LYS B 43 8.83 -60.66 -73.12
CA LYS B 43 8.22 -60.49 -74.43
C LYS B 43 7.58 -61.80 -74.90
N ILE B 44 6.78 -62.42 -74.02
CA ILE B 44 6.07 -63.63 -74.38
C ILE B 44 5.06 -63.31 -75.47
N GLU B 45 5.12 -64.08 -76.57
CA GLU B 45 4.29 -63.83 -77.72
C GLU B 45 2.96 -64.59 -77.63
N GLY B 46 1.98 -64.09 -78.37
CA GLY B 46 0.67 -64.71 -78.40
C GLY B 46 -0.23 -64.02 -79.40
N ASP B 47 -1.44 -64.55 -79.55
CA ASP B 47 -2.40 -63.96 -80.47
C ASP B 47 -2.78 -62.56 -80.00
N LEU B 48 -3.01 -62.38 -78.72
CA LEU B 48 -3.30 -61.09 -78.12
C LEU B 48 -2.31 -60.83 -77.00
N VAL B 49 -1.71 -59.64 -77.01
CA VAL B 49 -0.67 -59.27 -76.05
C VAL B 49 -1.23 -58.20 -75.12
N LEU B 50 -1.14 -58.45 -73.82
CA LEU B 50 -1.57 -57.51 -72.79
C LEU B 50 -0.32 -56.99 -72.09
N GLY B 51 0.10 -55.77 -72.45
CA GLY B 51 1.28 -55.18 -71.86
C GLY B 51 1.06 -54.77 -70.42
N GLY B 52 2.17 -54.45 -69.76
CA GLY B 52 2.11 -54.02 -68.38
C GLY B 52 3.39 -53.31 -67.98
N LEU B 53 3.27 -52.48 -66.94
CA LEU B 53 4.39 -51.73 -66.41
C LEU B 53 4.45 -51.94 -64.90
N PHE B 54 5.61 -52.32 -64.40
CA PHE B 54 5.71 -52.63 -62.98
C PHE B 54 6.87 -51.89 -62.32
N PRO B 55 6.70 -51.49 -61.06
CA PRO B 55 7.80 -50.83 -60.31
C PRO B 55 8.74 -51.83 -59.66
N ILE B 56 9.48 -52.56 -60.50
CA ILE B 56 10.36 -53.61 -60.01
C ILE B 56 11.54 -53.02 -59.24
N ASN B 57 12.13 -51.95 -59.76
CA ASN B 57 13.32 -51.35 -59.17
C ASN B 57 12.95 -50.09 -58.41
N GLU B 58 13.73 -49.79 -57.37
CA GLU B 58 13.54 -48.57 -56.59
C GLU B 58 14.14 -47.39 -57.33
N LYS B 59 13.78 -46.18 -56.90
CA LYS B 59 14.29 -44.98 -57.54
C LYS B 59 15.71 -44.68 -57.09
N GLY B 60 16.56 -44.33 -58.05
CA GLY B 60 17.94 -43.96 -57.73
C GLY B 60 18.72 -45.13 -57.16
N THR B 61 19.64 -44.80 -56.24
CA THR B 61 20.49 -45.80 -55.58
C THR B 61 21.29 -46.62 -56.59
N GLY B 62 21.83 -45.94 -57.60
CA GLY B 62 22.63 -46.62 -58.61
C GLY B 62 22.29 -46.22 -60.02
N THR B 63 23.29 -45.81 -60.80
CA THR B 63 23.16 -45.38 -62.18
C THR B 63 22.25 -44.16 -62.34
N GLU B 64 21.91 -43.49 -61.24
CA GLU B 64 21.10 -42.27 -61.23
C GLU B 64 19.68 -42.52 -61.73
N GLU B 65 19.36 -43.76 -62.08
CA GLU B 65 18.03 -44.09 -62.57
C GLU B 65 17.25 -44.98 -61.62
N CYS B 66 17.75 -46.19 -61.36
CA CYS B 66 17.07 -47.13 -60.50
C CYS B 66 18.05 -48.19 -60.01
N GLY B 67 17.99 -48.50 -58.72
CA GLY B 67 18.94 -49.37 -58.07
C GLY B 67 18.32 -50.66 -57.56
N ARG B 68 17.98 -50.69 -56.27
CA ARG B 68 17.52 -51.90 -55.62
C ARG B 68 16.15 -52.32 -56.16
N ILE B 69 15.78 -53.57 -55.85
CA ILE B 69 14.57 -54.19 -56.37
C ILE B 69 13.52 -54.23 -55.26
N ASN B 70 12.31 -53.77 -55.58
CA ASN B 70 11.18 -53.88 -54.66
C ASN B 70 10.79 -55.35 -54.52
N GLU B 71 11.08 -55.92 -53.34
CA GLU B 71 10.73 -57.32 -53.11
C GLU B 71 9.22 -57.52 -53.05
N ASP B 72 8.51 -56.58 -52.42
CA ASP B 72 7.07 -56.73 -52.20
C ASP B 72 6.25 -56.19 -53.36
N ARG B 73 6.47 -54.93 -53.75
CA ARG B 73 5.66 -54.29 -54.77
C ARG B 73 6.23 -54.42 -56.17
N GLY B 74 7.34 -55.12 -56.35
CA GLY B 74 7.96 -55.21 -57.65
C GLY B 74 7.97 -56.60 -58.26
N ILE B 75 8.10 -57.63 -57.42
CA ILE B 75 8.14 -58.99 -57.89
C ILE B 75 6.85 -59.76 -57.60
N GLN B 76 6.18 -59.48 -56.48
CA GLN B 76 4.96 -60.21 -56.15
C GLN B 76 3.85 -59.88 -57.13
N ARG B 77 3.68 -58.59 -57.47
CA ARG B 77 2.66 -58.21 -58.44
C ARG B 77 3.00 -58.74 -59.83
N LEU B 78 4.29 -58.75 -60.19
CA LEU B 78 4.70 -59.31 -61.47
C LEU B 78 4.35 -60.79 -61.56
N GLU B 79 4.68 -61.56 -60.52
CA GLU B 79 4.34 -62.98 -60.54
C GLU B 79 2.84 -63.20 -60.45
N ALA B 80 2.11 -62.31 -59.79
CA ALA B 80 0.65 -62.40 -59.78
C ALA B 80 0.08 -62.21 -61.17
N MET B 81 0.59 -61.23 -61.92
CA MET B 81 0.13 -61.03 -63.29
C MET B 81 0.49 -62.23 -64.17
N LEU B 82 1.69 -62.78 -64.00
CA LEU B 82 2.08 -63.96 -64.76
C LEU B 82 1.17 -65.15 -64.44
N PHE B 83 0.85 -65.34 -63.15
CA PHE B 83 -0.04 -66.42 -62.75
C PHE B 83 -1.44 -66.23 -63.32
N ALA B 84 -1.94 -64.99 -63.31
CA ALA B 84 -3.26 -64.72 -63.89
C ALA B 84 -3.26 -65.01 -65.40
N ILE B 85 -2.19 -64.60 -66.09
CA ILE B 85 -2.10 -64.86 -67.53
C ILE B 85 -2.07 -66.36 -67.79
N ASP B 86 -1.31 -67.11 -66.99
CA ASP B 86 -1.26 -68.55 -67.15
C ASP B 86 -2.63 -69.19 -66.89
N GLU B 87 -3.34 -68.70 -65.87
CA GLU B 87 -4.66 -69.25 -65.56
C GLU B 87 -5.65 -68.98 -66.68
N ILE B 88 -5.60 -67.78 -67.27
CA ILE B 88 -6.52 -67.47 -68.36
C ILE B 88 -6.23 -68.35 -69.57
N ASN B 89 -4.94 -68.60 -69.85
CA ASN B 89 -4.59 -69.42 -71.00
C ASN B 89 -4.93 -70.90 -70.77
N LYS B 90 -4.74 -71.38 -69.54
CA LYS B 90 -4.89 -72.81 -69.28
C LYS B 90 -6.36 -73.24 -69.27
N ASP B 91 -7.27 -72.34 -68.92
CA ASP B 91 -8.68 -72.70 -68.83
C ASP B 91 -9.38 -72.50 -70.17
N ASP B 92 -10.55 -73.15 -70.31
CA ASP B 92 -11.33 -73.06 -71.53
C ASP B 92 -12.59 -72.22 -71.39
N TYR B 93 -13.05 -71.98 -70.15
CA TYR B 93 -14.25 -71.18 -69.95
C TYR B 93 -14.05 -69.74 -70.41
N LEU B 94 -12.87 -69.17 -70.12
CA LEU B 94 -12.57 -67.78 -70.45
C LEU B 94 -11.59 -67.74 -71.61
N LEU B 95 -11.96 -67.04 -72.68
CA LEU B 95 -11.14 -66.86 -73.88
C LEU B 95 -10.64 -68.19 -74.43
N PRO B 96 -11.52 -69.03 -74.99
CA PRO B 96 -11.07 -70.30 -75.53
C PRO B 96 -10.20 -70.11 -76.77
N GLY B 97 -9.26 -71.02 -76.95
CA GLY B 97 -8.41 -71.03 -78.13
C GLY B 97 -7.35 -69.95 -78.15
N VAL B 98 -7.76 -68.69 -77.99
CA VAL B 98 -6.83 -67.58 -78.07
C VAL B 98 -5.87 -67.62 -76.88
N LYS B 99 -4.58 -67.49 -77.15
CA LYS B 99 -3.55 -67.49 -76.13
C LYS B 99 -3.10 -66.06 -75.85
N LEU B 100 -2.95 -65.73 -74.57
CA LEU B 100 -2.58 -64.39 -74.14
C LEU B 100 -1.09 -64.33 -73.86
N GLY B 101 -0.43 -63.33 -74.44
CA GLY B 101 0.97 -63.05 -74.20
C GLY B 101 1.14 -61.74 -73.43
N VAL B 102 2.36 -61.53 -72.96
CA VAL B 102 2.68 -60.37 -72.13
C VAL B 102 3.84 -59.62 -72.73
N HIS B 103 3.88 -58.32 -72.46
CA HIS B 103 4.97 -57.43 -72.83
C HIS B 103 5.38 -56.59 -71.62
N ILE B 104 5.56 -57.28 -70.49
CA ILE B 104 5.80 -56.60 -69.22
C ILE B 104 7.11 -55.83 -69.27
N LEU B 105 7.08 -54.60 -68.78
CA LEU B 105 8.24 -53.73 -68.72
C LEU B 105 8.40 -53.24 -67.29
N ASP B 106 9.63 -52.87 -66.96
CA ASP B 106 9.99 -52.40 -65.62
C ASP B 106 10.00 -50.88 -65.61
N THR B 107 9.28 -50.29 -64.67
CA THR B 107 9.32 -48.86 -64.44
C THR B 107 10.18 -48.60 -63.21
N CYS B 108 11.31 -47.91 -63.39
CA CYS B 108 12.24 -47.70 -62.30
C CYS B 108 11.74 -46.62 -61.35
N SER B 109 10.47 -46.72 -60.94
CA SER B 109 9.89 -45.83 -59.94
C SER B 109 9.99 -44.36 -60.35
N ARG B 110 10.05 -44.10 -61.65
CA ARG B 110 10.17 -42.76 -62.21
C ARG B 110 9.17 -42.60 -63.35
N ASP B 111 8.55 -41.43 -63.43
CA ASP B 111 7.59 -41.17 -64.49
C ASP B 111 8.30 -40.98 -65.84
N THR B 112 9.48 -40.36 -65.84
CA THR B 112 10.23 -40.22 -67.08
C THR B 112 10.69 -41.56 -67.62
N TYR B 113 11.18 -42.44 -66.74
CA TYR B 113 11.58 -43.77 -67.17
C TYR B 113 10.38 -44.56 -67.69
N ALA B 114 9.23 -44.45 -67.03
CA ALA B 114 8.03 -45.12 -67.50
C ALA B 114 7.61 -44.61 -68.88
N LEU B 115 7.69 -43.30 -69.09
CA LEU B 115 7.35 -42.74 -70.39
C LEU B 115 8.32 -43.22 -71.46
N GLU B 116 9.61 -43.31 -71.13
CA GLU B 116 10.59 -43.83 -72.08
C GLU B 116 10.30 -45.28 -72.43
N GLN B 117 9.96 -46.10 -71.43
CA GLN B 117 9.71 -47.52 -71.67
C GLN B 117 8.41 -47.74 -72.45
N SER B 118 7.39 -46.92 -72.19
CA SER B 118 6.09 -47.11 -72.81
C SER B 118 6.09 -46.80 -74.30
N LEU B 119 7.16 -46.20 -74.82
CA LEU B 119 7.23 -45.93 -76.26
C LEU B 119 7.22 -47.21 -77.07
N GLU B 120 7.67 -48.33 -76.48
CA GLU B 120 7.65 -49.60 -77.18
C GLU B 120 6.24 -50.16 -77.34
N PHE B 121 5.31 -49.75 -76.47
CA PHE B 121 3.93 -50.22 -76.60
C PHE B 121 3.25 -49.61 -77.81
N VAL B 122 3.61 -48.37 -78.17
CA VAL B 122 3.00 -47.67 -79.28
C VAL B 122 3.92 -47.63 -80.49
N ARG B 123 5.05 -48.33 -80.44
CA ARG B 123 5.98 -48.33 -81.57
C ARG B 123 5.36 -48.97 -82.80
N ALA B 124 4.59 -50.04 -82.61
CA ALA B 124 3.95 -50.71 -83.74
C ALA B 124 2.94 -49.78 -84.42
N SER B 125 2.17 -49.03 -83.64
CA SER B 125 1.16 -48.14 -84.18
C SER B 125 1.71 -46.76 -84.53
N LEU B 126 2.99 -46.51 -84.29
CA LEU B 126 3.58 -45.22 -84.60
C LEU B 126 3.93 -45.11 -86.09
N ILE B 147 10.96 -55.69 -83.38
CA ILE B 147 9.79 -56.54 -83.27
C ILE B 147 8.59 -55.72 -82.83
N PRO B 148 7.76 -55.29 -83.80
CA PRO B 148 6.58 -54.49 -83.47
C PRO B 148 5.41 -55.40 -83.07
N LEU B 149 4.94 -55.24 -81.84
CA LEU B 149 3.83 -56.01 -81.32
C LEU B 149 2.63 -55.10 -81.07
N LEU B 150 1.46 -55.52 -81.54
CA LEU B 150 0.24 -54.75 -81.36
C LEU B 150 -0.33 -55.03 -79.98
N ILE B 151 -0.30 -54.04 -79.10
CA ILE B 151 -0.75 -54.20 -77.72
C ILE B 151 -2.23 -53.84 -77.67
N ALA B 152 -3.04 -54.75 -77.15
CA ALA B 152 -4.48 -54.52 -77.00
C ALA B 152 -4.84 -53.92 -75.65
N GLY B 153 -3.89 -53.80 -74.73
CA GLY B 153 -4.16 -53.25 -73.42
C GLY B 153 -2.93 -53.25 -72.53
N VAL B 154 -2.80 -52.24 -71.68
CA VAL B 154 -1.65 -52.09 -70.80
C VAL B 154 -2.15 -52.28 -69.37
N ILE B 155 -1.88 -53.45 -68.81
CA ILE B 155 -2.25 -53.75 -67.41
C ILE B 155 -1.04 -53.33 -66.57
N GLY B 156 -0.98 -52.03 -66.27
CA GLY B 156 0.16 -51.52 -65.54
C GLY B 156 -0.12 -50.14 -64.99
N GLY B 157 0.84 -49.66 -64.20
CA GLY B 157 0.73 -48.38 -63.55
C GLY B 157 0.46 -48.51 -62.07
N SER B 158 1.51 -48.36 -61.25
CA SER B 158 1.39 -48.48 -59.81
C SER B 158 1.49 -47.15 -59.09
N TYR B 159 2.12 -46.14 -59.69
CA TYR B 159 2.23 -44.82 -59.12
C TYR B 159 1.36 -43.85 -59.89
N SER B 160 0.87 -42.82 -59.19
CA SER B 160 -0.05 -41.87 -59.80
C SER B 160 0.62 -41.11 -60.94
N SER B 161 1.85 -40.64 -60.73
CA SER B 161 2.56 -39.92 -61.78
C SER B 161 2.86 -40.82 -62.98
N VAL B 162 3.31 -42.05 -62.71
CA VAL B 162 3.61 -42.99 -63.79
C VAL B 162 2.34 -43.30 -64.58
N SER B 163 1.25 -43.57 -63.87
CA SER B 163 -0.02 -43.86 -64.54
C SER B 163 -0.50 -42.67 -65.36
N ILE B 164 -0.34 -41.46 -64.83
CA ILE B 164 -0.79 -40.26 -65.54
C ILE B 164 0.01 -40.08 -66.83
N GLN B 165 1.34 -40.22 -66.75
CA GLN B 165 2.17 -40.07 -67.93
C GLN B 165 1.85 -41.15 -68.96
N VAL B 166 1.68 -42.40 -68.51
CA VAL B 166 1.40 -43.49 -69.44
C VAL B 166 0.04 -43.28 -70.11
N ALA B 167 -0.96 -42.84 -69.34
CA ALA B 167 -2.27 -42.58 -69.91
C ALA B 167 -2.22 -41.44 -70.92
N ASN B 168 -1.46 -40.38 -70.61
CA ASN B 168 -1.32 -39.27 -71.54
C ASN B 168 -0.67 -39.72 -72.84
N LEU B 169 0.34 -40.60 -72.75
CA LEU B 169 0.97 -41.11 -73.96
C LEU B 169 0.03 -42.03 -74.73
N LEU B 170 -0.73 -42.88 -74.03
CA LEU B 170 -1.54 -43.90 -74.69
C LEU B 170 -2.82 -43.34 -75.30
N ARG B 171 -3.35 -42.24 -74.75
CA ARG B 171 -4.60 -41.70 -75.26
C ARG B 171 -4.49 -41.24 -76.71
N LEU B 172 -3.28 -40.95 -77.18
CA LEU B 172 -3.09 -40.58 -78.57
C LEU B 172 -3.19 -41.78 -79.51
N PHE B 173 -2.80 -42.96 -79.04
CA PHE B 173 -2.78 -44.17 -79.85
C PHE B 173 -3.98 -45.07 -79.62
N GLN B 174 -4.95 -44.64 -78.80
CA GLN B 174 -6.18 -45.40 -78.54
C GLN B 174 -5.86 -46.78 -77.98
N ILE B 175 -5.21 -46.80 -76.82
CA ILE B 175 -4.85 -48.04 -76.14
C ILE B 175 -5.45 -48.04 -74.75
N PRO B 176 -6.39 -48.93 -74.44
CA PRO B 176 -6.94 -48.98 -73.07
C PRO B 176 -5.88 -49.34 -72.05
N GLN B 177 -6.02 -48.77 -70.85
CA GLN B 177 -5.08 -49.01 -69.76
C GLN B 177 -5.86 -49.26 -68.47
N ILE B 178 -5.43 -50.26 -67.72
CA ILE B 178 -6.01 -50.60 -66.43
C ILE B 178 -4.90 -50.58 -65.39
N SER B 179 -5.13 -49.84 -64.31
CA SER B 179 -4.20 -49.77 -63.19
C SER B 179 -4.64 -50.71 -62.07
N TYR B 180 -3.72 -50.92 -61.12
CA TYR B 180 -3.98 -51.81 -60.00
C TYR B 180 -3.63 -51.22 -58.64
N ALA B 181 -2.82 -50.16 -58.58
CA ALA B 181 -2.46 -49.55 -57.31
C ALA B 181 -2.43 -48.03 -57.34
N SER B 182 -2.80 -47.40 -58.46
CA SER B 182 -2.75 -45.95 -58.58
C SER B 182 -4.08 -45.36 -58.11
N THR B 183 -4.04 -44.69 -56.95
CA THR B 183 -5.21 -44.05 -56.36
C THR B 183 -4.95 -42.54 -56.33
N SER B 184 -5.62 -41.82 -57.22
CA SER B 184 -5.48 -40.36 -57.28
C SER B 184 -6.77 -39.75 -57.79
N ALA B 185 -7.00 -38.50 -57.42
CA ALA B 185 -8.18 -37.77 -57.88
C ALA B 185 -7.96 -37.05 -59.19
N LYS B 186 -6.71 -36.85 -59.60
CA LYS B 186 -6.43 -36.29 -60.93
C LYS B 186 -6.91 -37.23 -62.02
N LEU B 187 -6.74 -38.54 -61.81
CA LEU B 187 -7.27 -39.53 -62.73
C LEU B 187 -8.79 -39.60 -62.61
N SER B 188 -9.39 -40.52 -63.36
CA SER B 188 -10.84 -40.71 -63.46
C SER B 188 -11.55 -39.51 -64.05
N ASP B 189 -10.80 -38.50 -64.51
CA ASP B 189 -11.37 -37.34 -65.19
C ASP B 189 -11.38 -37.69 -66.67
N LYS B 190 -12.52 -38.14 -67.17
CA LYS B 190 -12.60 -38.64 -68.54
C LYS B 190 -12.39 -37.56 -69.59
N SER B 191 -12.42 -36.28 -69.21
CA SER B 191 -12.14 -35.23 -70.18
C SER B 191 -10.70 -35.30 -70.68
N ARG B 192 -9.76 -35.58 -69.78
CA ARG B 192 -8.35 -35.68 -70.15
C ARG B 192 -7.81 -37.10 -70.17
N TYR B 193 -8.42 -38.02 -69.43
CA TYR B 193 -8.03 -39.43 -69.41
C TYR B 193 -9.25 -40.26 -69.80
N ASP B 194 -9.45 -40.43 -71.11
CA ASP B 194 -10.60 -41.14 -71.64
C ASP B 194 -10.34 -42.63 -71.87
N TYR B 195 -9.13 -43.11 -71.62
CA TYR B 195 -8.78 -44.52 -71.81
C TYR B 195 -8.10 -45.06 -70.57
N PHE B 196 -8.58 -44.65 -69.39
CA PHE B 196 -8.04 -45.11 -68.12
C PHE B 196 -9.18 -45.66 -67.27
N ALA B 197 -8.98 -46.86 -66.71
CA ALA B 197 -9.98 -47.48 -65.85
C ALA B 197 -9.24 -48.34 -64.83
N ARG B 198 -9.22 -47.91 -63.59
CA ARG B 198 -8.52 -48.60 -62.52
C ARG B 198 -9.47 -49.47 -61.71
N THR B 199 -8.88 -50.38 -60.93
CA THR B 199 -9.63 -51.25 -60.03
C THR B 199 -9.57 -50.79 -58.59
N VAL B 200 -9.14 -49.56 -58.33
CA VAL B 200 -9.00 -49.05 -56.97
C VAL B 200 -9.72 -47.71 -56.85
N PRO B 201 -10.27 -47.39 -55.70
CA PRO B 201 -10.95 -46.09 -55.53
C PRO B 201 -9.95 -44.95 -55.48
N PRO B 202 -10.38 -43.73 -55.79
CA PRO B 202 -9.46 -42.59 -55.76
C PRO B 202 -9.08 -42.18 -54.34
N ASP B 203 -8.30 -41.10 -54.22
CA ASP B 203 -7.82 -40.63 -52.93
C ASP B 203 -8.87 -39.86 -52.14
N PHE B 204 -10.00 -39.51 -52.76
CA PHE B 204 -11.04 -38.79 -52.04
C PHE B 204 -11.59 -39.62 -50.90
N TYR B 205 -11.83 -40.91 -51.13
CA TYR B 205 -12.31 -41.79 -50.08
C TYR B 205 -11.27 -41.97 -48.98
N GLN B 206 -9.99 -42.05 -49.36
CA GLN B 206 -8.94 -42.14 -48.35
C GLN B 206 -8.89 -40.90 -47.47
N ALA B 207 -9.02 -39.72 -48.09
CA ALA B 207 -9.05 -38.47 -47.32
C ALA B 207 -10.24 -38.44 -46.39
N LYS B 208 -11.42 -38.85 -46.88
CA LYS B 208 -12.60 -38.91 -46.03
C LYS B 208 -12.40 -39.84 -44.84
N ALA B 209 -11.85 -41.03 -45.11
CA ALA B 209 -11.64 -42.01 -44.05
C ALA B 209 -10.65 -41.50 -43.01
N MET B 210 -9.56 -40.86 -43.45
CA MET B 210 -8.57 -40.37 -42.51
C MET B 210 -9.09 -39.19 -41.71
N ALA B 211 -9.90 -38.32 -42.33
CA ALA B 211 -10.54 -37.24 -41.58
C ALA B 211 -11.50 -37.80 -40.53
N GLU B 212 -12.26 -38.83 -40.88
CA GLU B 212 -13.15 -39.47 -39.91
C GLU B 212 -12.35 -40.11 -38.78
N ILE B 213 -11.21 -40.72 -39.10
CA ILE B 213 -10.36 -41.31 -38.07
C ILE B 213 -9.86 -40.24 -37.11
N LEU B 214 -9.40 -39.10 -37.65
CA LEU B 214 -8.92 -38.02 -36.80
C LEU B 214 -10.06 -37.47 -35.93
N ARG B 215 -11.25 -37.31 -36.50
CA ARG B 215 -12.38 -36.80 -35.72
C ARG B 215 -12.80 -37.79 -34.64
N PHE B 216 -12.64 -39.09 -34.88
CA PHE B 216 -13.03 -40.09 -33.89
C PHE B 216 -12.21 -39.94 -32.61
N PHE B 217 -10.92 -39.68 -32.73
CA PHE B 217 -10.03 -39.51 -31.59
C PHE B 217 -9.92 -38.07 -31.13
N ASN B 218 -10.74 -37.17 -31.70
CA ASN B 218 -10.75 -35.76 -31.32
C ASN B 218 -9.39 -35.10 -31.50
N TRP B 219 -8.69 -35.47 -32.57
CA TRP B 219 -7.42 -34.86 -32.94
C TRP B 219 -7.70 -33.67 -33.85
N THR B 220 -7.54 -32.46 -33.31
CA THR B 220 -7.85 -31.24 -34.04
C THR B 220 -6.61 -30.53 -34.59
N TYR B 221 -5.58 -30.36 -33.75
CA TYR B 221 -4.35 -29.68 -34.15
C TYR B 221 -3.38 -30.74 -34.64
N VAL B 222 -3.44 -31.04 -35.93
CA VAL B 222 -2.59 -32.05 -36.55
C VAL B 222 -1.71 -31.39 -37.59
N SER B 223 -0.57 -32.01 -37.86
CA SER B 223 0.34 -31.58 -38.91
C SER B 223 0.26 -32.53 -40.09
N THR B 224 0.60 -32.02 -41.28
CA THR B 224 0.51 -32.79 -42.50
C THR B 224 1.84 -32.76 -43.24
N VAL B 225 2.28 -33.94 -43.69
CA VAL B 225 3.47 -34.07 -44.53
C VAL B 225 3.06 -34.80 -45.80
N ALA B 226 3.38 -34.22 -46.94
CA ALA B 226 3.01 -34.77 -48.24
C ALA B 226 4.24 -34.88 -49.13
N SER B 227 4.12 -35.73 -50.14
CA SER B 227 5.18 -35.93 -51.13
C SER B 227 4.77 -35.28 -52.44
N GLU B 228 5.68 -34.49 -53.02
CA GLU B 228 5.38 -33.79 -54.25
C GLU B 228 5.15 -34.77 -55.39
N GLY B 229 4.26 -34.39 -56.30
CA GLY B 229 3.90 -35.21 -57.44
C GLY B 229 2.41 -35.14 -57.68
N ASP B 230 1.90 -36.15 -58.37
CA ASP B 230 0.48 -36.23 -58.69
C ASP B 230 -0.31 -37.08 -57.70
N TYR B 231 0.34 -37.61 -56.67
CA TYR B 231 -0.32 -38.42 -55.65
C TYR B 231 -0.41 -37.71 -54.31
N GLY B 232 0.72 -37.23 -53.78
CA GLY B 232 0.70 -36.57 -52.49
C GLY B 232 -0.02 -35.24 -52.51
N GLU B 233 0.16 -34.46 -53.58
CA GLU B 233 -0.40 -33.11 -53.62
C GLU B 233 -1.92 -33.13 -53.67
N THR B 234 -2.50 -33.91 -54.59
CA THR B 234 -3.95 -33.96 -54.69
C THR B 234 -4.57 -34.59 -53.43
N GLY B 235 -3.94 -35.65 -52.91
CA GLY B 235 -4.44 -36.27 -51.70
C GLY B 235 -4.42 -35.33 -50.51
N ILE B 236 -3.33 -34.56 -50.36
CA ILE B 236 -3.24 -33.65 -49.23
C ILE B 236 -4.20 -32.48 -49.41
N GLU B 237 -4.45 -32.05 -50.65
CA GLU B 237 -5.45 -31.01 -50.87
C GLU B 237 -6.85 -31.51 -50.48
N ALA B 238 -7.19 -32.74 -50.89
CA ALA B 238 -8.48 -33.30 -50.50
C ALA B 238 -8.58 -33.47 -48.99
N PHE B 239 -7.49 -33.90 -48.36
CA PHE B 239 -7.48 -34.04 -46.90
C PHE B 239 -7.64 -32.70 -46.21
N GLU B 240 -7.01 -31.65 -46.73
CA GLU B 240 -7.17 -30.32 -46.16
C GLU B 240 -8.62 -29.85 -46.28
N GLN B 241 -9.24 -30.09 -47.44
CA GLN B 241 -10.65 -29.73 -47.61
C GLN B 241 -11.53 -30.49 -46.62
N GLU B 242 -11.28 -31.79 -46.46
CA GLU B 242 -12.08 -32.59 -45.53
C GLU B 242 -11.88 -32.11 -44.08
N ALA B 243 -10.64 -31.80 -43.71
CA ALA B 243 -10.37 -31.33 -42.36
C ALA B 243 -11.04 -29.99 -42.10
N ARG B 244 -11.01 -29.08 -43.08
CA ARG B 244 -11.72 -27.82 -42.94
C ARG B 244 -13.22 -28.05 -42.83
N LEU B 245 -13.74 -29.07 -43.51
CA LEU B 245 -15.15 -29.40 -43.38
C LEU B 245 -15.49 -29.86 -41.97
N ARG B 246 -14.61 -30.66 -41.35
CA ARG B 246 -14.84 -31.24 -40.04
C ARG B 246 -14.21 -30.43 -38.90
N ASN B 247 -14.00 -29.13 -39.11
CA ASN B 247 -13.46 -28.23 -38.09
C ASN B 247 -12.13 -28.72 -37.55
N ILE B 248 -11.25 -29.15 -38.45
CA ILE B 248 -9.90 -29.58 -38.11
C ILE B 248 -8.91 -28.64 -38.77
N CYS B 249 -8.02 -28.05 -37.97
CA CYS B 249 -7.06 -27.07 -38.46
C CYS B 249 -5.68 -27.71 -38.55
N ILE B 250 -5.01 -27.50 -39.67
CA ILE B 250 -3.69 -28.08 -39.90
C ILE B 250 -2.65 -27.19 -39.23
N ALA B 251 -1.80 -27.80 -38.39
CA ALA B 251 -0.76 -27.04 -37.71
C ALA B 251 0.29 -26.52 -38.70
N THR B 252 0.77 -27.40 -39.58
CA THR B 252 1.77 -27.01 -40.57
C THR B 252 1.68 -27.97 -41.75
N ALA B 253 2.15 -27.50 -42.90
CA ALA B 253 2.11 -28.27 -44.14
C ALA B 253 3.49 -28.30 -44.75
N GLU B 254 3.97 -29.51 -45.07
CA GLU B 254 5.25 -29.71 -45.72
C GLU B 254 5.06 -30.54 -46.98
N LYS B 255 5.98 -30.37 -47.93
CA LYS B 255 5.93 -31.08 -49.21
C LYS B 255 7.32 -31.67 -49.47
N VAL B 256 7.48 -32.95 -49.13
CA VAL B 256 8.75 -33.63 -49.35
C VAL B 256 8.92 -33.92 -50.84
N GLY B 257 10.11 -33.61 -51.36
CA GLY B 257 10.37 -33.86 -52.77
C GLY B 257 11.86 -33.91 -53.03
N ARG B 258 12.19 -34.32 -54.26
CA ARG B 258 13.57 -34.42 -54.72
C ARG B 258 13.92 -33.31 -55.71
N SER B 259 13.14 -32.24 -55.75
CA SER B 259 13.37 -31.16 -56.69
C SER B 259 14.57 -30.32 -56.27
N ASN B 260 14.83 -29.27 -57.05
CA ASN B 260 15.98 -28.40 -56.76
C ASN B 260 15.81 -27.67 -55.43
N ILE B 261 14.61 -27.18 -55.15
CA ILE B 261 14.32 -26.46 -53.91
C ILE B 261 13.31 -27.29 -53.14
N ARG B 262 13.81 -28.16 -52.25
CA ARG B 262 12.97 -29.04 -51.46
C ARG B 262 13.67 -29.33 -50.14
N LYS B 263 12.89 -29.81 -49.17
CA LYS B 263 13.44 -30.17 -47.88
C LYS B 263 14.38 -31.36 -48.00
N SER B 264 15.41 -31.38 -47.15
CA SER B 264 16.44 -32.40 -47.18
C SER B 264 16.21 -33.50 -46.15
N TYR B 265 14.95 -33.84 -45.88
CA TYR B 265 14.52 -34.92 -44.99
C TYR B 265 14.82 -34.64 -43.52
N ASP B 266 15.45 -33.51 -43.20
CA ASP B 266 15.69 -33.12 -41.82
C ASP B 266 15.01 -31.83 -41.43
N SER B 267 14.80 -30.91 -42.39
CA SER B 267 14.09 -29.67 -42.09
C SER B 267 12.65 -29.95 -41.70
N VAL B 268 12.02 -30.94 -42.33
CA VAL B 268 10.64 -31.30 -41.99
C VAL B 268 10.56 -31.77 -40.54
N ILE B 269 11.49 -32.65 -40.15
CA ILE B 269 11.48 -33.16 -38.78
C ILE B 269 11.81 -32.05 -37.79
N ARG B 270 12.72 -31.15 -38.15
CA ARG B 270 13.05 -30.03 -37.28
C ARG B 270 11.84 -29.13 -37.07
N GLU B 271 11.09 -28.85 -38.14
CA GLU B 271 9.89 -28.05 -38.01
C GLU B 271 8.82 -28.77 -37.20
N LEU B 272 8.69 -30.08 -37.38
CA LEU B 272 7.74 -30.85 -36.58
C LEU B 272 8.09 -30.78 -35.09
N LEU B 273 9.37 -30.90 -34.76
CA LEU B 273 9.80 -30.78 -33.38
C LEU B 273 9.71 -29.35 -32.87
N GLN B 274 9.69 -28.37 -33.77
CA GLN B 274 9.57 -26.97 -33.35
C GLN B 274 8.21 -26.71 -32.70
N LYS B 275 7.18 -27.45 -33.09
CA LYS B 275 5.83 -27.31 -32.54
C LYS B 275 5.46 -28.61 -31.84
N PRO B 276 5.71 -28.73 -30.53
CA PRO B 276 5.36 -29.96 -29.82
C PRO B 276 3.89 -30.10 -29.49
N ASN B 277 3.09 -29.06 -29.70
CA ASN B 277 1.67 -29.13 -29.38
C ASN B 277 0.90 -30.04 -30.33
N ALA B 278 1.43 -30.29 -31.53
CA ALA B 278 0.79 -31.15 -32.52
C ALA B 278 1.64 -32.40 -32.66
N ARG B 279 1.23 -33.49 -32.01
CA ARG B 279 1.97 -34.74 -32.04
C ARG B 279 1.43 -35.73 -33.06
N VAL B 280 0.44 -35.34 -33.87
CA VAL B 280 -0.16 -36.21 -34.87
C VAL B 280 0.29 -35.72 -36.24
N VAL B 281 0.88 -36.63 -37.01
CA VAL B 281 1.38 -36.32 -38.35
C VAL B 281 0.60 -37.17 -39.35
N VAL B 282 0.00 -36.53 -40.33
CA VAL B 282 -0.75 -37.20 -41.40
C VAL B 282 0.13 -37.24 -42.64
N LEU B 283 0.44 -38.44 -43.10
CA LEU B 283 1.38 -38.66 -44.19
C LEU B 283 0.63 -38.98 -45.47
N PHE B 284 0.91 -38.21 -46.52
CA PHE B 284 0.52 -38.54 -47.90
C PHE B 284 1.81 -38.64 -48.69
N MET B 285 2.44 -39.82 -48.63
CA MET B 285 3.75 -40.03 -49.22
C MET B 285 3.78 -41.42 -49.83
N ARG B 286 4.65 -41.57 -50.84
CA ARG B 286 4.82 -42.85 -51.49
C ARG B 286 5.78 -43.73 -50.69
N SER B 287 5.91 -44.99 -51.13
CA SER B 287 6.77 -45.93 -50.43
C SER B 287 8.25 -45.61 -50.62
N ASP B 288 8.61 -44.85 -51.65
CA ASP B 288 10.00 -44.49 -51.85
C ASP B 288 10.47 -43.42 -50.88
N ASP B 289 9.58 -42.50 -50.51
CA ASP B 289 9.93 -41.39 -49.62
C ASP B 289 9.60 -41.66 -48.16
N SER B 290 8.57 -42.46 -47.88
CA SER B 290 8.19 -42.73 -46.50
C SER B 290 9.27 -43.50 -45.77
N ARG B 291 9.92 -44.45 -46.43
CA ARG B 291 11.00 -45.20 -45.80
C ARG B 291 12.14 -44.29 -45.39
N GLU B 292 12.55 -43.39 -46.29
CA GLU B 292 13.65 -42.49 -45.99
C GLU B 292 13.26 -41.48 -44.91
N LEU B 293 12.01 -41.01 -44.93
CA LEU B 293 11.57 -40.09 -43.89
C LEU B 293 11.55 -40.77 -42.53
N ILE B 294 11.09 -42.02 -42.46
CA ILE B 294 11.05 -42.70 -41.17
C ILE B 294 12.47 -43.05 -40.71
N ALA B 295 13.38 -43.33 -41.65
CA ALA B 295 14.77 -43.54 -41.27
C ALA B 295 15.38 -42.26 -40.69
N ALA B 296 15.09 -41.11 -41.31
CA ALA B 296 15.58 -39.84 -40.79
C ALA B 296 14.97 -39.55 -39.42
N ALA B 297 13.69 -39.87 -39.23
CA ALA B 297 13.07 -39.68 -37.93
C ALA B 297 13.70 -40.56 -36.86
N SER B 298 14.03 -41.81 -37.22
CA SER B 298 14.71 -42.69 -36.29
C SER B 298 16.10 -42.15 -35.95
N ARG B 299 16.80 -41.60 -36.94
CA ARG B 299 18.10 -40.99 -36.68
C ARG B 299 17.97 -39.80 -35.73
N ALA B 300 16.93 -38.98 -35.92
CA ALA B 300 16.74 -37.80 -35.08
C ALA B 300 16.09 -38.13 -33.74
N ASN B 301 15.67 -39.38 -33.53
CA ASN B 301 15.05 -39.81 -32.27
C ASN B 301 13.81 -38.97 -31.94
N ALA B 302 13.01 -38.67 -32.95
CA ALA B 302 11.76 -37.95 -32.79
C ALA B 302 10.60 -38.91 -33.00
N SER B 303 9.75 -39.04 -31.99
CA SER B 303 8.66 -40.01 -32.00
C SER B 303 7.33 -39.29 -32.11
N PHE B 304 6.55 -39.63 -33.13
CA PHE B 304 5.21 -39.10 -33.33
C PHE B 304 4.30 -40.22 -33.76
N THR B 305 3.01 -40.09 -33.43
CA THR B 305 2.02 -41.01 -33.96
C THR B 305 1.79 -40.74 -35.44
N TRP B 306 1.66 -41.79 -36.22
CA TRP B 306 1.58 -41.70 -37.67
C TRP B 306 0.20 -42.11 -38.14
N VAL B 307 -0.48 -41.20 -38.84
CA VAL B 307 -1.71 -41.52 -39.55
C VAL B 307 -1.40 -41.48 -41.04
N ALA B 308 -1.04 -42.62 -41.61
CA ALA B 308 -0.51 -42.69 -42.97
C ALA B 308 -1.58 -43.14 -43.95
N SER B 309 -1.33 -42.81 -45.22
CA SER B 309 -2.23 -43.16 -46.32
C SER B 309 -1.82 -44.52 -46.89
N ASP B 310 -2.36 -44.84 -48.08
CA ASP B 310 -2.07 -46.11 -48.72
C ASP B 310 -0.60 -46.25 -49.12
N GLY B 311 0.13 -45.14 -49.20
CA GLY B 311 1.54 -45.23 -49.57
C GLY B 311 2.35 -46.05 -48.59
N TRP B 312 2.15 -45.80 -47.29
CA TRP B 312 2.78 -46.63 -46.27
C TRP B 312 2.23 -48.05 -46.30
N GLY B 313 0.90 -48.18 -46.29
CA GLY B 313 0.29 -49.49 -46.36
C GLY B 313 0.53 -50.31 -45.11
N ALA B 314 0.47 -51.63 -45.29
CA ALA B 314 0.70 -52.60 -44.22
C ALA B 314 1.91 -53.47 -44.53
N GLN B 315 2.94 -52.86 -45.12
CA GLN B 315 4.16 -53.57 -45.51
C GLN B 315 5.26 -53.31 -44.49
N GLU B 316 6.06 -54.33 -44.21
CA GLU B 316 7.16 -54.24 -43.27
C GLU B 316 8.47 -53.84 -43.93
N SER B 317 8.49 -53.64 -45.24
CA SER B 317 9.71 -53.22 -45.91
C SER B 317 10.12 -51.81 -45.47
N ILE B 318 9.16 -50.92 -45.28
CA ILE B 318 9.46 -49.56 -44.84
C ILE B 318 10.08 -49.58 -43.45
N ILE B 319 9.48 -50.37 -42.54
CA ILE B 319 9.93 -50.44 -41.16
C ILE B 319 11.00 -51.53 -41.09
N LYS B 320 12.25 -51.14 -41.29
CA LYS B 320 13.39 -52.06 -41.22
C LYS B 320 14.50 -51.33 -40.46
N GLY B 321 14.71 -51.72 -39.21
CA GLY B 321 15.68 -51.06 -38.36
C GLY B 321 15.18 -49.80 -37.69
N SER B 322 13.92 -49.43 -37.89
CA SER B 322 13.33 -48.22 -37.31
C SER B 322 11.98 -48.54 -36.69
N GLU B 323 11.88 -49.68 -36.01
CA GLU B 323 10.62 -50.05 -35.37
C GLU B 323 10.32 -49.17 -34.17
N HIS B 324 11.34 -48.73 -33.44
CA HIS B 324 11.13 -47.92 -32.24
C HIS B 324 10.51 -46.57 -32.58
N VAL B 325 10.98 -45.93 -33.66
CA VAL B 325 10.50 -44.60 -34.00
C VAL B 325 9.05 -44.61 -34.46
N ALA B 326 8.55 -45.74 -34.94
CA ALA B 326 7.19 -45.85 -35.46
C ALA B 326 6.39 -46.88 -34.68
N TYR B 327 6.52 -46.87 -33.36
CA TYR B 327 5.74 -47.79 -32.53
C TYR B 327 4.25 -47.51 -32.65
N GLY B 328 3.87 -46.23 -32.62
CA GLY B 328 2.48 -45.86 -32.81
C GLY B 328 2.21 -45.42 -34.24
N ALA B 329 1.66 -46.31 -35.06
CA ALA B 329 1.42 -46.02 -36.47
C ALA B 329 0.07 -46.58 -36.88
N ILE B 330 -0.77 -45.73 -37.48
CA ILE B 330 -2.06 -46.12 -38.02
C ILE B 330 -2.02 -45.88 -39.52
N THR B 331 -2.28 -46.93 -40.29
CA THR B 331 -2.21 -46.87 -41.75
C THR B 331 -3.51 -47.39 -42.34
N LEU B 332 -3.77 -46.96 -43.58
CA LEU B 332 -4.96 -47.37 -44.32
C LEU B 332 -4.54 -48.21 -45.52
N GLU B 333 -5.19 -49.36 -45.69
CA GLU B 333 -4.88 -50.27 -46.78
C GLU B 333 -6.16 -50.66 -47.50
N LEU B 334 -6.06 -50.91 -48.80
CA LEU B 334 -7.21 -51.36 -49.56
C LEU B 334 -7.68 -52.72 -49.08
N ALA B 335 -9.00 -52.93 -49.09
CA ALA B 335 -9.59 -54.17 -48.60
C ALA B 335 -9.24 -55.31 -49.55
N SER B 336 -8.30 -56.15 -49.12
CA SER B 336 -7.83 -57.27 -49.93
C SER B 336 -7.77 -58.53 -49.10
N GLN B 337 -8.27 -59.64 -49.67
CA GLN B 337 -8.13 -60.92 -48.99
C GLN B 337 -7.01 -61.73 -49.63
N PRO B 338 -6.29 -62.54 -48.85
CA PRO B 338 -5.21 -63.34 -49.41
C PRO B 338 -5.72 -64.37 -50.41
N VAL B 339 -4.90 -64.65 -51.42
CA VAL B 339 -5.22 -65.64 -52.45
C VAL B 339 -4.34 -66.86 -52.21
N ARG B 340 -4.98 -67.99 -51.90
CA ARG B 340 -4.21 -69.21 -51.60
C ARG B 340 -3.48 -69.71 -52.83
N GLN B 341 -4.10 -69.64 -54.01
CA GLN B 341 -3.47 -70.13 -55.22
C GLN B 341 -2.22 -69.33 -55.55
N PHE B 342 -2.27 -68.00 -55.37
CA PHE B 342 -1.09 -67.18 -55.61
C PHE B 342 0.03 -67.53 -54.65
N ASP B 343 -0.29 -67.78 -53.37
CA ASP B 343 0.73 -68.18 -52.42
C ASP B 343 1.36 -69.52 -52.80
N ARG B 344 0.53 -70.48 -53.24
CA ARG B 344 1.05 -71.76 -53.67
C ARG B 344 1.96 -71.61 -54.89
N TYR B 345 1.56 -70.77 -55.84
CA TYR B 345 2.38 -70.55 -57.03
C TYR B 345 3.69 -69.86 -56.70
N PHE B 346 3.66 -68.88 -55.79
CA PHE B 346 4.86 -68.11 -55.48
C PHE B 346 5.83 -68.88 -54.59
N GLN B 347 5.32 -69.71 -53.68
CA GLN B 347 6.19 -70.46 -52.79
C GLN B 347 6.92 -71.59 -53.48
N SER B 348 6.54 -71.95 -54.70
CA SER B 348 7.20 -73.00 -55.47
C SER B 348 8.19 -72.44 -56.48
N LEU B 349 8.44 -71.14 -56.46
CA LEU B 349 9.34 -70.52 -57.42
C LEU B 349 10.80 -70.70 -57.00
N ASN B 350 11.63 -71.06 -57.97
CA ASN B 350 13.06 -71.25 -57.75
C ASN B 350 13.83 -70.50 -58.83
N PRO B 351 15.07 -70.09 -58.54
CA PRO B 351 15.86 -69.37 -59.56
C PRO B 351 16.37 -70.25 -60.68
N TYR B 352 16.10 -71.56 -60.65
CA TYR B 352 16.56 -72.47 -61.70
C TYR B 352 15.47 -72.88 -62.66
N ASN B 353 14.22 -72.98 -62.20
CA ASN B 353 13.11 -73.36 -63.06
C ASN B 353 12.30 -72.16 -63.56
N ASN B 354 12.71 -70.94 -63.21
CA ASN B 354 12.03 -69.72 -63.62
C ASN B 354 12.96 -68.95 -64.54
N HIS B 355 12.82 -69.19 -65.85
CA HIS B 355 13.66 -68.55 -66.85
C HIS B 355 12.99 -67.35 -67.52
N ARG B 356 11.68 -67.19 -67.36
CA ARG B 356 10.95 -66.11 -68.00
C ARG B 356 10.95 -64.82 -67.19
N ASN B 357 11.57 -64.81 -66.02
CA ASN B 357 11.63 -63.62 -65.16
C ASN B 357 13.09 -63.19 -65.02
N PRO B 358 13.56 -62.22 -65.82
CA PRO B 358 14.97 -61.81 -65.73
C PRO B 358 15.37 -61.27 -64.37
N TRP B 359 14.47 -60.54 -63.69
CA TRP B 359 14.81 -59.94 -62.41
C TRP B 359 14.80 -60.94 -61.27
N PHE B 360 14.10 -62.07 -61.42
CA PHE B 360 13.88 -62.98 -60.30
C PHE B 360 15.20 -63.45 -59.70
N ARG B 361 16.15 -63.83 -60.55
CA ARG B 361 17.46 -64.25 -60.06
C ARG B 361 18.08 -63.16 -59.18
N ASP B 362 18.06 -61.92 -59.67
CA ASP B 362 18.56 -60.82 -58.86
C ASP B 362 17.76 -60.69 -57.57
N PHE B 363 16.43 -60.86 -57.67
CA PHE B 363 15.60 -60.86 -56.47
C PHE B 363 16.03 -61.98 -55.52
N TRP B 364 16.39 -63.14 -56.07
CA TRP B 364 16.85 -64.24 -55.23
C TRP B 364 18.11 -63.86 -54.47
N GLU B 365 18.89 -62.93 -55.00
CA GLU B 365 20.10 -62.47 -54.30
C GLU B 365 19.81 -61.41 -53.25
N GLN B 366 18.61 -60.85 -53.21
CA GLN B 366 18.28 -59.78 -52.28
C GLN B 366 17.41 -60.22 -51.12
N LYS B 367 16.39 -61.05 -51.38
CA LYS B 367 15.47 -61.46 -50.32
C LYS B 367 16.19 -62.28 -49.25
N PHE B 368 17.03 -63.21 -49.66
CA PHE B 368 17.69 -64.12 -48.72
C PHE B 368 19.07 -63.63 -48.27
N GLN B 369 19.49 -62.45 -48.72
CA GLN B 369 20.80 -61.89 -48.39
C GLN B 369 21.93 -62.83 -48.77
N CYS B 370 21.73 -63.59 -49.85
CA CYS B 370 22.72 -64.55 -50.35
C CYS B 370 23.10 -64.10 -51.75
N SER B 371 24.06 -63.20 -51.85
CA SER B 371 24.52 -62.71 -53.13
C SER B 371 25.46 -63.73 -53.78
N LEU B 372 25.93 -63.40 -54.99
CA LEU B 372 26.85 -64.26 -55.73
C LEU B 372 26.27 -65.64 -55.96
N GLN B 373 25.18 -65.69 -56.72
CA GLN B 373 24.50 -66.95 -56.98
C GLN B 373 25.39 -67.92 -57.74
N ASN B 374 26.27 -67.42 -58.60
CA ASN B 374 27.19 -68.28 -59.35
C ASN B 374 28.55 -68.40 -58.67
N LYS B 375 29.28 -67.29 -58.53
CA LYS B 375 30.57 -67.28 -57.86
C LYS B 375 31.07 -65.86 -57.62
N ARG B 376 31.41 -65.55 -56.38
CA ARG B 376 32.05 -64.28 -56.00
C ARG B 376 32.34 -64.35 -54.50
N ASN B 377 33.12 -63.38 -54.03
CA ASN B 377 33.46 -63.27 -52.62
C ASN B 377 32.56 -62.31 -51.87
N HIS B 378 31.55 -61.73 -52.53
CA HIS B 378 30.67 -60.77 -51.87
C HIS B 378 29.86 -61.41 -50.75
N ARG B 379 29.36 -62.62 -50.99
CA ARG B 379 28.52 -63.30 -50.01
C ARG B 379 28.54 -64.80 -50.30
N ARG B 380 28.09 -65.57 -49.31
CA ARG B 380 28.03 -67.01 -49.46
C ARG B 380 27.00 -67.41 -50.51
N VAL B 381 27.26 -68.56 -51.14
CA VAL B 381 26.40 -69.05 -52.23
C VAL B 381 25.37 -69.98 -51.60
N CYS B 382 24.15 -69.46 -51.42
CA CYS B 382 23.03 -70.25 -50.91
C CYS B 382 22.30 -70.90 -52.09
N ASP B 383 22.96 -71.90 -52.67
CA ASP B 383 22.46 -72.52 -53.89
C ASP B 383 21.15 -73.27 -53.64
N LYS B 384 21.11 -74.12 -52.63
CA LYS B 384 19.95 -74.99 -52.39
C LYS B 384 19.68 -75.03 -50.89
N HIS B 385 18.77 -75.92 -50.49
CA HIS B 385 18.37 -76.14 -49.11
C HIS B 385 17.73 -74.90 -48.48
N LEU B 386 17.29 -73.96 -49.30
CA LEU B 386 16.63 -72.76 -48.79
C LEU B 386 15.74 -72.21 -49.91
N ALA B 387 14.43 -72.26 -49.69
CA ALA B 387 13.45 -71.80 -50.68
C ALA B 387 12.44 -70.88 -50.00
N ILE B 388 11.60 -70.26 -50.83
CA ILE B 388 10.58 -69.36 -50.31
C ILE B 388 9.54 -70.17 -49.55
N ASP B 389 9.34 -69.81 -48.28
CA ASP B 389 8.39 -70.50 -47.41
C ASP B 389 7.55 -69.47 -46.67
N SER B 390 6.52 -69.97 -45.98
CA SER B 390 5.61 -69.09 -45.23
C SER B 390 6.28 -68.45 -44.03
N SER B 391 7.47 -68.93 -43.62
CA SER B 391 8.14 -68.36 -42.46
C SER B 391 8.67 -66.95 -42.72
N ASN B 392 8.89 -66.59 -43.98
CA ASN B 392 9.43 -65.27 -44.30
C ASN B 392 8.75 -64.60 -45.50
N TYR B 393 7.70 -65.20 -46.07
CA TYR B 393 7.01 -64.64 -47.22
C TYR B 393 5.60 -64.25 -46.82
N GLU B 394 5.24 -63.00 -47.12
CA GLU B 394 3.90 -62.48 -46.85
C GLU B 394 3.31 -61.94 -48.13
N GLN B 395 2.06 -62.32 -48.43
CA GLN B 395 1.42 -61.90 -49.65
C GLN B 395 1.16 -60.40 -49.64
N GLU B 396 1.37 -59.76 -50.79
CA GLU B 396 1.10 -58.34 -50.92
C GLU B 396 -0.40 -58.07 -50.77
N SER B 397 -0.72 -56.91 -50.20
CA SER B 397 -2.10 -56.52 -49.93
C SER B 397 -2.81 -55.95 -51.15
N LYS B 398 -2.29 -56.18 -52.37
CA LYS B 398 -2.96 -55.72 -53.57
C LYS B 398 -2.92 -56.75 -54.69
N ILE B 399 -2.61 -58.01 -54.37
CA ILE B 399 -2.50 -59.04 -55.41
C ILE B 399 -3.82 -59.20 -56.15
N MET B 400 -4.92 -59.35 -55.40
CA MET B 400 -6.22 -59.46 -56.06
C MET B 400 -6.56 -58.21 -56.86
N PHE B 401 -5.91 -57.09 -56.58
CA PHE B 401 -6.14 -55.88 -57.36
C PHE B 401 -5.43 -55.92 -58.72
N VAL B 402 -4.36 -56.68 -58.85
CA VAL B 402 -3.70 -56.78 -60.15
C VAL B 402 -4.24 -57.96 -60.95
N VAL B 403 -4.56 -59.07 -60.29
CA VAL B 403 -5.17 -60.20 -60.99
C VAL B 403 -6.50 -59.77 -61.61
N ASN B 404 -7.35 -59.12 -60.81
CA ASN B 404 -8.59 -58.56 -61.34
C ASN B 404 -8.31 -57.50 -62.40
N ALA B 405 -7.13 -56.88 -62.38
CA ALA B 405 -6.78 -55.92 -63.42
C ALA B 405 -6.53 -56.63 -64.75
N VAL B 406 -6.15 -57.90 -64.71
CA VAL B 406 -5.93 -58.63 -65.95
C VAL B 406 -7.23 -59.21 -66.48
N TYR B 407 -7.96 -59.93 -65.62
CA TYR B 407 -9.23 -60.54 -66.04
C TYR B 407 -10.20 -59.51 -66.59
N ALA B 408 -10.14 -58.27 -66.07
CA ALA B 408 -11.02 -57.21 -66.57
C ALA B 408 -10.86 -57.02 -68.07
N MET B 409 -9.62 -57.08 -68.57
CA MET B 409 -9.43 -57.08 -70.02
C MET B 409 -9.77 -58.43 -70.65
N ALA B 410 -9.49 -59.53 -69.95
CA ALA B 410 -9.75 -60.84 -70.52
C ALA B 410 -11.22 -61.01 -70.86
N HIS B 411 -12.10 -60.70 -69.90
CA HIS B 411 -13.54 -60.70 -70.20
C HIS B 411 -13.86 -59.68 -71.29
N ALA B 412 -13.18 -58.53 -71.27
CA ALA B 412 -13.35 -57.56 -72.35
C ALA B 412 -12.92 -58.15 -73.69
N LEU B 413 -11.91 -59.02 -73.69
CA LEU B 413 -11.52 -59.73 -74.90
C LEU B 413 -12.34 -61.00 -75.11
N HIS B 414 -13.13 -61.42 -74.12
CA HIS B 414 -13.98 -62.58 -74.27
C HIS B 414 -15.36 -62.23 -74.82
N LYS B 415 -15.96 -61.16 -74.31
CA LYS B 415 -17.25 -60.71 -74.80
C LYS B 415 -17.17 -60.01 -76.15
N MET B 416 -15.99 -59.50 -76.51
CA MET B 416 -15.84 -58.85 -77.81
C MET B 416 -15.76 -59.88 -78.93
N GLN B 417 -14.90 -60.90 -78.77
CA GLN B 417 -14.80 -61.94 -79.79
C GLN B 417 -16.08 -62.75 -79.91
N ARG B 418 -16.93 -62.74 -78.90
CA ARG B 418 -18.24 -63.39 -78.97
C ARG B 418 -19.28 -62.54 -79.70
N THR B 419 -18.94 -61.30 -80.06
CA THR B 419 -19.87 -60.41 -80.74
C THR B 419 -19.43 -60.08 -82.16
N LEU B 420 -18.15 -59.75 -82.36
CA LEU B 420 -17.68 -59.38 -83.69
C LEU B 420 -17.73 -60.56 -84.65
N CYS B 421 -17.17 -61.70 -84.25
CA CYS B 421 -17.15 -62.91 -85.08
C CYS B 421 -17.53 -64.12 -84.22
N PRO B 422 -18.81 -64.22 -83.81
CA PRO B 422 -19.21 -65.35 -82.97
C PRO B 422 -19.23 -66.69 -83.68
N ASN B 423 -19.12 -66.72 -85.01
CA ASN B 423 -19.20 -67.97 -85.75
C ASN B 423 -18.06 -68.91 -85.36
N THR B 424 -16.84 -68.40 -85.23
CA THR B 424 -15.68 -69.20 -84.87
C THR B 424 -15.15 -68.75 -83.52
N THR B 425 -14.75 -69.73 -82.70
CA THR B 425 -14.18 -69.44 -81.39
C THR B 425 -12.66 -69.48 -81.48
N LYS B 426 -12.13 -68.48 -82.19
CA LYS B 426 -10.70 -68.34 -82.41
C LYS B 426 -10.45 -66.95 -82.99
N LEU B 427 -9.20 -66.68 -83.35
CA LEU B 427 -8.88 -65.41 -83.99
C LEU B 427 -9.49 -65.35 -85.38
N CYS B 428 -10.07 -64.19 -85.70
CA CYS B 428 -10.73 -63.98 -86.97
C CYS B 428 -10.19 -62.72 -87.65
N ASP B 429 -10.35 -62.68 -88.97
CA ASP B 429 -9.81 -61.56 -89.75
C ASP B 429 -10.49 -60.24 -89.37
N ALA B 430 -11.74 -60.29 -88.92
CA ALA B 430 -12.43 -59.08 -88.50
C ALA B 430 -11.80 -58.44 -87.27
N MET B 431 -11.06 -59.21 -86.47
CA MET B 431 -10.40 -58.72 -85.28
C MET B 431 -8.92 -58.40 -85.53
N LYS B 432 -8.54 -58.16 -86.78
CA LYS B 432 -7.14 -57.84 -87.08
C LYS B 432 -6.72 -56.53 -86.42
N ILE B 433 -7.59 -55.53 -86.44
CA ILE B 433 -7.32 -54.24 -85.82
C ILE B 433 -8.20 -54.10 -84.58
N LEU B 434 -7.59 -53.72 -83.47
CA LEU B 434 -8.29 -53.59 -82.19
C LEU B 434 -8.31 -52.11 -81.80
N ASP B 435 -9.37 -51.42 -82.22
CA ASP B 435 -9.53 -50.03 -81.83
C ASP B 435 -9.83 -49.92 -80.34
N GLY B 436 -9.17 -48.98 -79.67
CA GLY B 436 -9.30 -48.87 -78.23
C GLY B 436 -10.66 -48.35 -77.78
N LYS B 437 -11.33 -47.57 -78.63
CA LYS B 437 -12.61 -46.98 -78.24
C LYS B 437 -13.66 -48.06 -78.01
N LYS B 438 -13.82 -48.96 -78.97
CA LYS B 438 -14.81 -50.02 -78.85
C LYS B 438 -14.45 -50.98 -77.70
N LEU B 439 -13.17 -51.31 -77.56
CA LEU B 439 -12.75 -52.22 -76.50
C LEU B 439 -13.01 -51.61 -75.12
N TYR B 440 -12.77 -50.30 -74.96
CA TYR B 440 -12.89 -49.68 -73.66
C TYR B 440 -14.34 -49.32 -73.34
N LYS B 441 -14.96 -48.46 -74.16
CA LYS B 441 -16.26 -47.93 -73.81
C LYS B 441 -17.36 -49.00 -73.90
N ASP B 442 -17.35 -49.80 -74.95
CA ASP B 442 -18.46 -50.73 -75.17
C ASP B 442 -18.41 -51.91 -74.21
N TYR B 443 -17.22 -52.48 -73.98
CA TYR B 443 -17.09 -53.70 -73.20
C TYR B 443 -16.39 -53.49 -71.86
N LEU B 444 -15.21 -52.88 -71.87
CA LEU B 444 -14.43 -52.77 -70.63
C LEU B 444 -15.13 -51.89 -69.59
N LEU B 445 -15.76 -50.81 -70.04
CA LEU B 445 -16.38 -49.88 -69.09
C LEU B 445 -17.51 -50.53 -68.32
N LYS B 446 -18.35 -51.32 -69.00
CA LYS B 446 -19.49 -51.98 -68.37
C LYS B 446 -19.25 -53.47 -68.13
N ILE B 447 -18.01 -53.84 -67.80
CA ILE B 447 -17.72 -55.24 -67.49
C ILE B 447 -18.31 -55.59 -66.13
N ASN B 448 -18.62 -56.88 -65.94
CA ASN B 448 -19.20 -57.35 -64.68
C ASN B 448 -18.91 -58.84 -64.56
N PHE B 449 -18.02 -59.21 -63.63
CA PHE B 449 -17.70 -60.60 -63.39
C PHE B 449 -17.29 -60.77 -61.94
N THR B 450 -17.43 -61.99 -61.44
CA THR B 450 -17.09 -62.31 -60.07
C THR B 450 -15.57 -62.45 -59.92
N ALA B 451 -15.12 -62.42 -58.68
CA ALA B 451 -13.69 -62.54 -58.41
C ALA B 451 -13.19 -63.92 -58.82
N PRO B 452 -12.15 -64.01 -59.64
CA PRO B 452 -11.71 -65.32 -60.15
C PRO B 452 -11.30 -66.31 -59.08
N PHE B 453 -10.69 -65.85 -57.98
CA PHE B 453 -10.11 -66.74 -56.99
C PHE B 453 -10.66 -66.48 -55.59
N ASN B 454 -11.91 -66.05 -55.50
CA ASN B 454 -12.56 -65.87 -54.21
C ASN B 454 -13.67 -66.90 -54.05
N PRO B 455 -13.54 -67.87 -53.13
CA PRO B 455 -14.63 -68.84 -52.93
C PRO B 455 -15.95 -68.19 -52.58
N ASN B 456 -15.92 -67.11 -51.79
CA ASN B 456 -17.14 -66.40 -51.44
C ASN B 456 -17.70 -65.65 -52.64
N LYS B 457 -19.03 -65.56 -52.71
CA LYS B 457 -19.73 -64.87 -53.78
C LYS B 457 -20.69 -63.87 -53.14
N ASP B 458 -20.18 -62.66 -52.89
CA ASP B 458 -20.99 -61.62 -52.27
C ASP B 458 -20.85 -60.31 -53.04
N ALA B 459 -21.41 -59.23 -52.49
CA ALA B 459 -21.30 -57.92 -53.15
C ALA B 459 -19.87 -57.40 -53.15
N ASP B 460 -19.08 -57.80 -52.16
CA ASP B 460 -17.69 -57.38 -52.07
C ASP B 460 -16.75 -58.21 -52.93
N SER B 461 -17.24 -59.29 -53.55
CA SER B 461 -16.42 -60.16 -54.38
C SER B 461 -16.73 -59.99 -55.86
N ILE B 462 -17.32 -58.86 -56.26
CA ILE B 462 -17.64 -58.59 -57.65
C ILE B 462 -16.62 -57.59 -58.19
N VAL B 463 -16.32 -57.73 -59.48
CA VAL B 463 -15.34 -56.89 -60.15
C VAL B 463 -16.10 -56.09 -61.21
N LYS B 464 -16.52 -54.88 -60.85
CA LYS B 464 -17.21 -54.00 -61.77
C LYS B 464 -16.67 -52.58 -61.64
N PHE B 465 -16.71 -51.85 -62.73
CA PHE B 465 -16.24 -50.46 -62.74
C PHE B 465 -17.39 -49.52 -62.48
N ASP B 466 -17.10 -48.22 -62.45
CA ASP B 466 -18.08 -47.18 -62.21
C ASP B 466 -18.17 -46.28 -63.44
N THR B 467 -18.94 -45.20 -63.32
CA THR B 467 -19.07 -44.24 -64.42
C THR B 467 -17.77 -43.51 -64.71
N PHE B 468 -16.83 -43.49 -63.75
CA PHE B 468 -15.53 -42.87 -63.93
C PHE B 468 -14.40 -43.88 -64.01
N GLY B 469 -14.73 -45.18 -64.06
CA GLY B 469 -13.71 -46.22 -64.09
C GLY B 469 -12.96 -46.35 -62.79
N ASP B 470 -13.68 -46.71 -61.72
CA ASP B 470 -13.09 -46.82 -60.39
C ASP B 470 -13.51 -48.10 -59.71
N GLY B 471 -13.22 -48.23 -58.41
CA GLY B 471 -13.59 -49.40 -57.64
C GLY B 471 -14.31 -49.01 -56.37
N MET B 472 -14.67 -50.04 -55.59
CA MET B 472 -15.36 -49.82 -54.33
C MET B 472 -14.44 -49.15 -53.32
N GLY B 473 -14.98 -48.17 -52.60
CA GLY B 473 -14.20 -47.43 -51.63
C GLY B 473 -14.25 -48.02 -50.23
N ARG B 474 -13.67 -49.20 -50.07
CA ARG B 474 -13.61 -49.88 -48.78
C ARG B 474 -12.15 -50.01 -48.35
N TYR B 475 -11.86 -49.66 -47.10
CA TYR B 475 -10.50 -49.67 -46.59
C TYR B 475 -10.45 -50.40 -45.25
N ASN B 476 -9.23 -50.75 -44.85
CA ASN B 476 -8.96 -51.37 -43.56
C ASN B 476 -7.90 -50.55 -42.84
N VAL B 477 -8.03 -50.47 -41.52
CA VAL B 477 -7.10 -49.70 -40.69
C VAL B 477 -6.19 -50.67 -39.97
N PHE B 478 -4.87 -50.46 -40.12
CA PHE B 478 -3.86 -51.31 -39.52
C PHE B 478 -3.07 -50.50 -38.51
N ASN B 479 -2.92 -51.05 -37.30
CA ASN B 479 -2.12 -50.44 -36.26
C ASN B 479 -0.84 -51.25 -36.08
N PHE B 480 0.28 -50.55 -35.94
CA PHE B 480 1.57 -51.19 -35.73
C PHE B 480 1.72 -51.52 -34.25
N GLN B 481 1.66 -52.81 -33.91
CA GLN B 481 1.72 -53.25 -32.53
C GLN B 481 2.90 -54.19 -32.33
N ASN B 482 3.47 -54.13 -31.14
CA ASN B 482 4.58 -55.00 -30.73
C ASN B 482 4.03 -56.07 -29.80
N VAL B 483 3.87 -57.28 -30.32
CA VAL B 483 3.37 -58.41 -29.55
C VAL B 483 4.48 -59.44 -29.42
N GLY B 484 4.79 -59.82 -28.19
CA GLY B 484 5.81 -60.82 -27.94
C GLY B 484 7.17 -60.46 -28.48
N GLY B 485 7.53 -59.18 -28.46
CA GLY B 485 8.78 -58.74 -29.04
C GLY B 485 8.82 -58.66 -30.54
N LYS B 486 7.69 -58.89 -31.21
CA LYS B 486 7.62 -58.84 -32.66
C LYS B 486 6.71 -57.70 -33.09
N TYR B 487 7.22 -56.83 -33.97
CA TYR B 487 6.45 -55.71 -34.49
C TYR B 487 5.69 -56.16 -35.74
N SER B 488 4.38 -55.90 -35.77
CA SER B 488 3.57 -56.29 -36.91
C SER B 488 2.34 -55.42 -36.98
N TYR B 489 1.72 -55.40 -38.16
CA TYR B 489 0.48 -54.66 -38.37
C TYR B 489 -0.71 -55.55 -38.06
N LEU B 490 -1.64 -55.03 -37.26
CA LEU B 490 -2.86 -55.74 -36.90
C LEU B 490 -4.07 -54.88 -37.26
N LYS B 491 -5.09 -55.51 -37.83
CA LYS B 491 -6.30 -54.78 -38.20
C LYS B 491 -7.07 -54.37 -36.95
N VAL B 492 -7.42 -53.10 -36.87
CA VAL B 492 -8.15 -52.55 -35.73
C VAL B 492 -9.47 -51.90 -36.16
N GLY B 493 -9.97 -52.25 -37.33
CA GLY B 493 -11.21 -51.70 -37.82
C GLY B 493 -11.23 -51.70 -39.34
N HIS B 494 -12.30 -51.12 -39.88
CA HIS B 494 -12.48 -51.00 -41.32
C HIS B 494 -13.17 -49.67 -41.61
N TRP B 495 -13.45 -49.44 -42.90
CA TRP B 495 -14.09 -48.20 -43.32
C TRP B 495 -14.82 -48.49 -44.63
N ALA B 496 -16.15 -48.59 -44.55
CA ALA B 496 -17.03 -48.66 -45.72
C ALA B 496 -18.14 -47.64 -45.47
N GLU B 497 -17.86 -46.38 -45.81
CA GLU B 497 -18.77 -45.25 -45.60
C GLU B 497 -19.04 -45.00 -44.12
N THR B 498 -18.44 -45.81 -43.24
CA THR B 498 -18.57 -45.68 -41.80
C THR B 498 -17.22 -45.97 -41.17
N LEU B 499 -17.14 -45.78 -39.85
CA LEU B 499 -15.94 -46.04 -39.08
C LEU B 499 -16.24 -47.08 -38.01
N SER B 500 -15.39 -48.09 -37.90
CA SER B 500 -15.56 -49.18 -36.95
C SER B 500 -14.25 -49.47 -36.23
N LEU B 501 -13.60 -48.41 -35.74
CA LEU B 501 -12.33 -48.57 -35.03
C LEU B 501 -12.54 -49.30 -33.71
N ASP B 502 -11.58 -50.13 -33.35
CA ASP B 502 -11.59 -50.88 -32.09
C ASP B 502 -10.51 -50.27 -31.19
N VAL B 503 -10.92 -49.30 -30.36
CA VAL B 503 -9.97 -48.61 -29.50
C VAL B 503 -9.40 -49.54 -28.45
N ASN B 504 -10.20 -50.49 -27.95
CA ASN B 504 -9.75 -51.37 -26.88
C ASN B 504 -8.61 -52.28 -27.30
N SER B 505 -8.38 -52.47 -28.60
CA SER B 505 -7.33 -53.34 -29.12
C SER B 505 -6.33 -52.55 -29.96
N ILE B 506 -5.95 -51.37 -29.48
CA ILE B 506 -4.97 -50.52 -30.16
C ILE B 506 -3.82 -50.25 -29.21
N HIS B 507 -2.61 -50.55 -29.65
CA HIS B 507 -1.39 -50.27 -28.88
C HIS B 507 -0.82 -48.93 -29.33
N TRP B 508 -0.81 -47.96 -28.43
CA TRP B 508 -0.33 -46.63 -28.76
C TRP B 508 1.18 -46.53 -28.55
N SER B 509 1.75 -45.41 -29.00
CA SER B 509 3.19 -45.19 -28.88
C SER B 509 3.61 -45.09 -27.41
N ARG B 510 2.82 -44.38 -26.60
CA ARG B 510 3.13 -44.17 -25.19
C ARG B 510 2.16 -44.90 -24.27
N ASN B 511 1.52 -45.97 -24.77
CA ASN B 511 0.57 -46.77 -24.00
C ASN B 511 -0.58 -45.92 -23.45
N SER B 512 -0.98 -44.90 -24.20
CA SER B 512 -2.08 -44.04 -23.81
C SER B 512 -2.62 -43.35 -25.05
N VAL B 513 -3.89 -42.98 -25.00
CA VAL B 513 -4.54 -42.34 -26.15
C VAL B 513 -3.95 -40.95 -26.33
N PRO B 514 -3.35 -40.66 -27.49
CA PRO B 514 -2.74 -39.35 -27.70
C PRO B 514 -3.78 -38.28 -27.91
N THR B 515 -3.39 -37.04 -27.64
CA THR B 515 -4.22 -35.88 -27.89
C THR B 515 -3.39 -34.81 -28.60
N SER B 516 -4.06 -34.05 -29.47
CA SER B 516 -3.42 -33.00 -30.26
C SER B 516 -4.39 -31.83 -30.37
N GLN B 517 -4.24 -30.87 -29.46
CA GLN B 517 -5.05 -29.66 -29.47
C GLN B 517 -4.13 -28.45 -29.51
N CYS B 518 -4.58 -27.39 -30.17
CA CYS B 518 -3.77 -26.18 -30.28
C CYS B 518 -3.53 -25.56 -28.91
N SER B 519 -4.55 -25.55 -28.06
CA SER B 519 -4.44 -25.04 -26.70
C SER B 519 -5.09 -26.03 -25.74
N ASP B 520 -4.49 -26.18 -24.57
CA ASP B 520 -5.04 -27.06 -23.55
C ASP B 520 -6.38 -26.50 -23.06
N PRO B 521 -7.43 -27.32 -23.00
CA PRO B 521 -8.70 -26.83 -22.46
C PRO B 521 -8.53 -26.31 -21.04
N CYS B 522 -9.22 -25.22 -20.75
CA CYS B 522 -9.04 -24.49 -19.50
C CYS B 522 -10.28 -24.59 -18.63
N ALA B 523 -10.09 -24.29 -17.34
CA ALA B 523 -11.18 -24.37 -16.38
C ALA B 523 -12.21 -23.29 -16.65
N PRO B 524 -13.49 -23.58 -16.40
CA PRO B 524 -14.54 -22.56 -16.63
C PRO B 524 -14.78 -21.70 -15.40
N ASN B 525 -13.85 -21.73 -14.45
CA ASN B 525 -14.01 -20.99 -13.19
C ASN B 525 -13.78 -19.51 -13.44
N GLU B 526 -14.80 -18.86 -14.01
CA GLU B 526 -14.80 -17.42 -14.27
C GLU B 526 -13.59 -17.02 -15.11
N MET B 527 -13.28 -17.84 -16.12
CA MET B 527 -12.12 -17.62 -16.99
C MET B 527 -12.53 -17.99 -18.41
N LYS B 528 -12.65 -16.98 -19.27
CA LYS B 528 -13.15 -17.12 -20.62
C LYS B 528 -12.00 -17.19 -21.63
N ASN B 529 -12.32 -17.62 -22.84
CA ASN B 529 -11.33 -17.88 -23.88
C ASN B 529 -11.66 -17.10 -25.15
N MET B 530 -10.65 -16.44 -25.71
CA MET B 530 -10.73 -15.71 -26.96
C MET B 530 -9.94 -16.41 -28.05
N GLN B 531 -10.47 -16.39 -29.28
CA GLN B 531 -9.78 -16.97 -30.42
C GLN B 531 -8.97 -15.89 -31.13
N PRO B 532 -7.64 -16.00 -31.19
CA PRO B 532 -6.83 -14.94 -31.81
C PRO B 532 -7.09 -14.78 -33.30
N GLY B 533 -6.90 -15.85 -34.07
CA GLY B 533 -7.10 -15.77 -35.51
C GLY B 533 -7.67 -17.03 -36.12
N ASP B 534 -8.05 -18.00 -35.29
CA ASP B 534 -8.60 -19.26 -35.78
C ASP B 534 -9.49 -19.85 -34.71
N VAL B 535 -10.53 -20.57 -35.15
CA VAL B 535 -11.45 -21.20 -34.21
C VAL B 535 -10.78 -22.29 -33.41
N CYS B 536 -9.83 -23.02 -34.03
CA CYS B 536 -9.20 -24.15 -33.34
C CYS B 536 -8.33 -23.68 -32.18
N CYS B 537 -7.70 -22.52 -32.31
CA CYS B 537 -6.80 -22.00 -31.28
C CYS B 537 -7.51 -20.93 -30.47
N TRP B 538 -7.47 -21.07 -29.14
CA TRP B 538 -8.04 -20.06 -28.25
C TRP B 538 -7.07 -19.84 -27.09
N ILE B 539 -7.15 -18.64 -26.51
CA ILE B 539 -6.37 -18.27 -25.34
C ILE B 539 -7.32 -17.94 -24.21
N CYS B 540 -7.09 -18.54 -23.04
CA CYS B 540 -7.99 -18.42 -21.90
C CYS B 540 -7.48 -17.32 -20.98
N ILE B 541 -8.34 -16.34 -20.69
CA ILE B 541 -7.98 -15.23 -19.81
C ILE B 541 -9.07 -15.04 -18.77
N PRO B 542 -8.72 -14.89 -17.49
CA PRO B 542 -9.75 -14.72 -16.45
C PRO B 542 -10.34 -13.32 -16.50
N CYS B 543 -11.67 -13.24 -16.45
CA CYS B 543 -12.37 -11.97 -16.39
C CYS B 543 -12.60 -11.60 -14.91
N GLU B 544 -13.43 -10.61 -14.67
CA GLU B 544 -13.66 -10.14 -13.31
C GLU B 544 -14.29 -11.25 -12.48
N PRO B 545 -13.89 -11.40 -11.20
CA PRO B 545 -14.47 -12.46 -10.37
C PRO B 545 -15.96 -12.30 -10.11
N TYR B 546 -16.50 -11.09 -10.23
CA TYR B 546 -17.92 -10.86 -10.02
C TYR B 546 -18.75 -11.01 -11.29
N GLU B 547 -18.12 -11.38 -12.40
CA GLU B 547 -18.81 -11.57 -13.68
C GLU B 547 -18.94 -13.06 -13.97
N TYR B 548 -20.11 -13.45 -14.49
CA TYR B 548 -20.40 -14.83 -14.81
C TYR B 548 -20.40 -15.04 -16.32
N LEU B 549 -20.46 -16.31 -16.73
CA LEU B 549 -20.42 -16.70 -18.13
C LEU B 549 -21.85 -16.89 -18.62
N ALA B 550 -22.39 -15.87 -19.29
CA ALA B 550 -23.67 -16.04 -19.97
C ALA B 550 -23.52 -17.00 -21.15
N ASP B 551 -22.44 -16.87 -21.90
CA ASP B 551 -22.04 -17.81 -22.94
C ASP B 551 -20.61 -18.28 -22.66
N GLU B 552 -20.13 -19.19 -23.49
CA GLU B 552 -18.77 -19.69 -23.33
C GLU B 552 -17.73 -18.61 -23.62
N PHE B 553 -18.05 -17.67 -24.50
CA PHE B 553 -17.10 -16.66 -24.94
C PHE B 553 -17.41 -15.27 -24.40
N THR B 554 -18.28 -15.15 -23.40
CA THR B 554 -18.67 -13.86 -22.87
C THR B 554 -18.63 -13.85 -21.36
N CYS B 555 -18.09 -12.78 -20.79
CA CYS B 555 -18.14 -12.51 -19.35
C CYS B 555 -19.02 -11.29 -19.14
N MET B 556 -20.07 -11.45 -18.34
CA MET B 556 -21.02 -10.36 -18.11
C MET B 556 -21.32 -10.25 -16.62
N ASP B 557 -21.55 -9.02 -16.18
CA ASP B 557 -21.91 -8.79 -14.79
C ASP B 557 -23.38 -9.13 -14.54
N CYS B 558 -23.71 -9.39 -13.28
CA CYS B 558 -25.06 -9.71 -12.86
C CYS B 558 -25.56 -8.65 -11.88
N GLY B 559 -26.74 -8.89 -11.32
CA GLY B 559 -27.35 -7.92 -10.44
C GLY B 559 -26.57 -7.71 -9.16
N SER B 560 -26.76 -6.53 -8.58
CA SER B 560 -26.09 -6.18 -7.33
C SER B 560 -26.60 -7.05 -6.19
N GLY B 561 -25.70 -7.36 -5.26
CA GLY B 561 -26.03 -8.22 -4.14
C GLY B 561 -26.06 -9.70 -4.48
N GLN B 562 -25.61 -10.09 -5.67
CA GLN B 562 -25.59 -11.48 -6.09
C GLN B 562 -24.17 -11.90 -6.42
N TRP B 563 -23.80 -13.09 -5.97
CA TRP B 563 -22.45 -13.60 -6.19
C TRP B 563 -22.46 -14.69 -7.26
N PRO B 564 -21.45 -14.72 -8.13
CA PRO B 564 -21.38 -15.78 -9.13
C PRO B 564 -21.25 -17.15 -8.48
N THR B 565 -21.90 -18.15 -9.08
CA THR B 565 -21.85 -19.51 -8.59
C THR B 565 -20.57 -20.19 -9.07
N ALA B 566 -20.22 -21.29 -8.39
CA ALA B 566 -18.98 -21.99 -8.71
C ALA B 566 -18.95 -22.47 -10.15
N ASP B 567 -20.09 -22.92 -10.67
CA ASP B 567 -20.16 -23.37 -12.06
C ASP B 567 -20.12 -22.21 -13.05
N LEU B 568 -20.22 -20.97 -12.58
CA LEU B 568 -20.15 -19.78 -13.43
C LEU B 568 -21.23 -19.78 -14.50
N THR B 569 -22.42 -20.23 -14.13
CA THR B 569 -23.57 -20.23 -15.03
C THR B 569 -24.64 -19.21 -14.64
N GLY B 570 -24.82 -18.95 -13.35
CA GLY B 570 -25.80 -17.98 -12.90
C GLY B 570 -25.54 -17.47 -11.50
N CYS B 571 -25.61 -16.16 -11.33
CA CYS B 571 -25.38 -15.56 -10.01
C CYS B 571 -26.50 -15.93 -9.05
N TYR B 572 -26.13 -16.27 -7.83
CA TYR B 572 -27.09 -16.56 -6.77
C TYR B 572 -27.16 -15.37 -5.80
N ASP B 573 -28.37 -15.07 -5.35
CA ASP B 573 -28.58 -13.93 -4.46
C ASP B 573 -27.94 -14.20 -3.10
N LEU B 574 -27.05 -13.30 -2.69
CA LEU B 574 -26.38 -13.44 -1.40
C LEU B 574 -27.38 -13.16 -0.28
N PRO B 575 -27.48 -14.04 0.73
CA PRO B 575 -28.39 -13.77 1.85
C PRO B 575 -28.00 -12.50 2.58
N GLU B 576 -29.00 -11.76 3.04
CA GLU B 576 -28.79 -10.49 3.74
C GLU B 576 -28.46 -10.78 5.21
N ASP B 577 -27.23 -11.24 5.42
CA ASP B 577 -26.73 -11.57 6.75
C ASP B 577 -25.87 -10.46 7.35
N TYR B 578 -25.80 -9.30 6.70
CA TYR B 578 -25.00 -8.19 7.16
C TYR B 578 -25.76 -7.28 8.12
N ILE B 579 -26.84 -7.77 8.73
CA ILE B 579 -27.62 -6.99 9.68
C ILE B 579 -26.83 -6.83 10.97
N ARG B 580 -27.26 -5.91 11.83
CA ARG B 580 -26.58 -5.65 13.11
C ARG B 580 -27.02 -6.70 14.13
N TRP B 581 -26.50 -7.91 13.95
CA TRP B 581 -26.80 -9.02 14.83
C TRP B 581 -26.05 -8.87 16.16
N GLU B 582 -26.44 -9.69 17.13
CA GLU B 582 -25.81 -9.65 18.44
C GLU B 582 -24.40 -10.21 18.36
N ASP B 583 -23.42 -9.39 18.71
CA ASP B 583 -22.02 -9.78 18.63
C ASP B 583 -21.22 -8.89 19.59
N ALA B 584 -19.89 -8.89 19.45
CA ALA B 584 -19.05 -8.07 20.31
C ALA B 584 -19.37 -6.59 20.15
N TRP B 585 -19.66 -6.16 18.92
CA TRP B 585 -20.07 -4.78 18.70
C TRP B 585 -21.39 -4.47 19.41
N ALA B 586 -22.30 -5.45 19.42
CA ALA B 586 -23.61 -5.26 20.03
C ALA B 586 -23.61 -5.45 21.54
N ILE B 587 -22.52 -5.95 22.12
CA ILE B 587 -22.50 -6.25 23.55
C ILE B 587 -22.55 -4.97 24.37
N GLY B 588 -21.89 -3.91 23.90
CA GLY B 588 -21.86 -2.65 24.61
C GLY B 588 -23.21 -1.96 24.75
N PRO B 589 -23.91 -1.74 23.62
CA PRO B 589 -25.20 -1.04 23.69
C PRO B 589 -26.22 -1.71 24.59
N VAL B 590 -26.31 -3.04 24.58
CA VAL B 590 -27.31 -3.71 25.41
C VAL B 590 -26.95 -3.60 26.89
N THR B 591 -25.67 -3.70 27.22
CA THR B 591 -25.24 -3.52 28.61
C THR B 591 -25.53 -2.10 29.09
N ILE B 592 -25.24 -1.11 28.26
CA ILE B 592 -25.54 0.27 28.64
C ILE B 592 -27.05 0.46 28.79
N ALA B 593 -27.83 -0.20 27.92
CA ALA B 593 -29.28 -0.11 27.99
C ALA B 593 -29.82 -0.67 29.30
N CYS B 594 -29.32 -1.85 29.70
CA CYS B 594 -29.81 -2.44 30.94
C CYS B 594 -29.34 -1.65 32.16
N LEU B 595 -28.12 -1.09 32.11
CA LEU B 595 -27.68 -0.22 33.20
C LEU B 595 -28.58 1.00 33.31
N GLY B 596 -28.93 1.60 32.17
CA GLY B 596 -29.83 2.74 32.20
C GLY B 596 -31.22 2.38 32.68
N PHE B 597 -31.70 1.19 32.31
CA PHE B 597 -32.99 0.72 32.79
C PHE B 597 -32.99 0.56 34.30
N MET B 598 -31.91 -0.02 34.85
CA MET B 598 -31.81 -0.15 36.30
C MET B 598 -31.76 1.23 36.97
N CYS B 599 -30.99 2.16 36.39
CA CYS B 599 -30.88 3.49 36.97
C CYS B 599 -32.23 4.21 36.97
N THR B 600 -32.95 4.16 35.86
CA THR B 600 -34.24 4.85 35.79
C THR B 600 -35.29 4.15 36.64
N CYS B 601 -35.23 2.83 36.78
CA CYS B 601 -36.14 2.14 37.69
C CYS B 601 -35.88 2.55 39.13
N MET B 602 -34.60 2.66 39.52
CA MET B 602 -34.27 3.12 40.87
C MET B 602 -34.75 4.55 41.08
N VAL B 603 -34.56 5.41 40.09
CA VAL B 603 -35.01 6.80 40.21
C VAL B 603 -36.53 6.85 40.35
N VAL B 604 -37.25 6.07 39.55
CA VAL B 604 -38.71 6.08 39.60
C VAL B 604 -39.21 5.56 40.94
N THR B 605 -38.60 4.48 41.45
CA THR B 605 -39.07 3.94 42.72
C THR B 605 -38.72 4.86 43.88
N VAL B 606 -37.60 5.58 43.80
CA VAL B 606 -37.29 6.58 44.83
C VAL B 606 -38.29 7.72 44.77
N PHE B 607 -38.63 8.17 43.56
CA PHE B 607 -39.61 9.25 43.41
C PHE B 607 -40.97 8.84 43.93
N ILE B 608 -41.39 7.60 43.68
CA ILE B 608 -42.71 7.14 44.08
C ILE B 608 -42.76 6.64 45.52
N LYS B 609 -41.61 6.41 46.16
CA LYS B 609 -41.58 5.85 47.50
C LYS B 609 -41.54 6.94 48.58
N HIS B 610 -40.52 7.79 48.54
CA HIS B 610 -40.27 8.76 49.61
C HIS B 610 -40.34 10.19 49.10
N ASN B 611 -41.09 10.43 48.02
CA ASN B 611 -41.23 11.79 47.49
C ASN B 611 -42.65 12.18 47.12
N ASN B 612 -43.62 11.26 47.13
CA ASN B 612 -44.98 11.63 46.76
C ASN B 612 -45.60 12.58 47.79
N THR B 613 -45.52 12.23 49.07
CA THR B 613 -46.11 13.05 50.13
C THR B 613 -45.28 14.28 50.48
N PRO B 614 -43.94 14.23 50.52
CA PRO B 614 -43.18 15.44 50.80
C PRO B 614 -43.35 16.49 49.71
N LEU B 615 -43.22 17.75 50.10
CA LEU B 615 -43.35 18.87 49.18
C LEU B 615 -42.14 19.01 48.26
N VAL B 616 -41.09 18.22 48.47
CA VAL B 616 -39.90 18.31 47.63
C VAL B 616 -40.24 18.02 46.17
N LYS B 617 -41.00 16.94 45.94
CA LYS B 617 -41.37 16.54 44.59
C LYS B 617 -42.76 17.02 44.18
N ALA B 618 -43.44 17.79 45.05
CA ALA B 618 -44.81 18.22 44.73
C ALA B 618 -44.86 19.27 43.63
N SER B 619 -43.76 19.99 43.39
CA SER B 619 -43.78 21.04 42.39
C SER B 619 -43.94 20.49 40.98
N GLY B 620 -43.20 19.42 40.65
CA GLY B 620 -43.23 18.88 39.30
C GLY B 620 -43.44 17.38 39.24
N ARG B 621 -44.31 16.85 40.11
CA ARG B 621 -44.49 15.41 40.23
C ARG B 621 -44.87 14.78 38.89
N GLU B 622 -46.01 15.20 38.33
CA GLU B 622 -46.49 14.60 37.08
C GLU B 622 -45.52 14.90 35.93
N LEU B 623 -44.98 16.12 35.89
CA LEU B 623 -44.03 16.48 34.84
C LEU B 623 -42.77 15.64 34.93
N CYS B 624 -42.25 15.44 36.15
CA CYS B 624 -41.08 14.58 36.31
C CYS B 624 -41.40 13.14 35.94
N TYR B 625 -42.61 12.68 36.25
CA TYR B 625 -43.00 11.32 35.90
C TYR B 625 -43.04 11.12 34.38
N ILE B 626 -43.63 12.07 33.66
CA ILE B 626 -43.70 11.92 32.21
C ILE B 626 -42.32 12.10 31.58
N LEU B 627 -41.47 12.95 32.18
CA LEU B 627 -40.09 13.05 31.72
C LEU B 627 -39.35 11.73 31.91
N LEU B 628 -39.58 11.06 33.06
CA LEU B 628 -38.98 9.76 33.30
C LEU B 628 -39.48 8.73 32.30
N PHE B 629 -40.77 8.79 31.95
CA PHE B 629 -41.30 7.90 30.94
C PHE B 629 -40.63 8.14 29.59
N GLY B 630 -40.43 9.40 29.23
CA GLY B 630 -39.72 9.71 27.99
C GLY B 630 -38.29 9.22 28.00
N VAL B 631 -37.61 9.37 29.12
CA VAL B 631 -36.23 8.89 29.25
C VAL B 631 -36.19 7.36 29.14
N GLY B 632 -37.16 6.68 29.73
CA GLY B 632 -37.23 5.23 29.60
C GLY B 632 -37.47 4.80 28.16
N LEU B 633 -38.34 5.51 27.45
CA LEU B 633 -38.54 5.20 26.03
C LEU B 633 -37.28 5.45 25.23
N SER B 634 -36.55 6.52 25.55
CA SER B 634 -35.25 6.75 24.91
C SER B 634 -34.28 5.62 25.22
N TYR B 635 -34.37 5.04 26.42
CA TYR B 635 -33.55 3.89 26.74
C TYR B 635 -33.93 2.68 25.90
N CYS B 636 -35.24 2.48 25.66
CA CYS B 636 -35.67 1.45 24.73
C CYS B 636 -35.26 1.75 23.29
N MET B 637 -34.96 3.02 23.00
CA MET B 637 -34.62 3.40 21.63
C MET B 637 -33.38 2.70 21.13
N THR B 638 -32.41 2.43 22.02
CA THR B 638 -31.23 1.68 21.59
C THR B 638 -31.58 0.24 21.24
N PHE B 639 -32.59 -0.33 21.91
CA PHE B 639 -33.08 -1.65 21.51
C PHE B 639 -33.77 -1.58 20.15
N PHE B 640 -34.50 -0.50 19.89
CA PHE B 640 -35.09 -0.32 18.56
C PHE B 640 -34.02 -0.20 17.48
N PHE B 641 -32.96 0.56 17.75
CA PHE B 641 -31.90 0.73 16.76
C PHE B 641 -31.17 -0.59 16.46
N ILE B 642 -30.86 -1.37 17.51
CA ILE B 642 -30.02 -2.54 17.33
C ILE B 642 -30.74 -3.66 16.58
N ALA B 643 -32.07 -3.66 16.57
CA ALA B 643 -32.82 -4.74 15.95
C ALA B 643 -32.66 -4.73 14.44
N LYS B 644 -32.97 -5.87 13.82
CA LYS B 644 -32.85 -6.01 12.38
C LYS B 644 -33.85 -5.09 11.67
N PRO B 645 -33.49 -4.55 10.51
CA PRO B 645 -34.39 -3.62 9.82
C PRO B 645 -35.60 -4.34 9.23
N SER B 646 -36.75 -3.67 9.34
CA SER B 646 -38.00 -4.12 8.74
C SER B 646 -38.91 -2.91 8.63
N PRO B 647 -39.81 -2.86 7.64
CA PRO B 647 -40.57 -1.62 7.43
C PRO B 647 -41.38 -1.18 8.63
N VAL B 648 -42.01 -2.12 9.35
CA VAL B 648 -42.78 -1.74 10.54
C VAL B 648 -41.86 -1.26 11.65
N ILE B 649 -40.75 -1.98 11.89
CA ILE B 649 -39.83 -1.56 12.93
C ILE B 649 -39.11 -0.28 12.53
N CYS B 650 -38.83 -0.11 11.23
CA CYS B 650 -38.21 1.13 10.77
C CYS B 650 -39.14 2.32 10.99
N ALA B 651 -40.44 2.15 10.68
CA ALA B 651 -41.40 3.23 10.92
C ALA B 651 -41.53 3.53 12.41
N LEU B 652 -41.60 2.49 13.25
CA LEU B 652 -41.72 2.70 14.68
C LEU B 652 -40.49 3.41 15.24
N ARG B 653 -39.29 2.99 14.80
CA ARG B 653 -38.06 3.63 15.23
C ARG B 653 -38.01 5.09 14.79
N ARG B 654 -38.40 5.37 13.55
CA ARG B 654 -38.35 6.74 13.06
C ARG B 654 -39.32 7.64 13.81
N LEU B 655 -40.51 7.14 14.12
CA LEU B 655 -41.46 7.95 14.87
C LEU B 655 -41.01 8.14 16.32
N GLY B 656 -40.49 7.09 16.93
CA GLY B 656 -40.04 7.20 18.32
C GLY B 656 -38.86 8.14 18.47
N LEU B 657 -37.95 8.15 17.47
CA LEU B 657 -36.76 8.98 17.56
C LEU B 657 -37.11 10.45 17.74
N GLY B 658 -38.25 10.88 17.21
CA GLY B 658 -38.73 12.22 17.47
C GLY B 658 -39.60 12.27 18.71
N SER B 659 -40.43 11.24 18.92
CA SER B 659 -41.42 11.28 19.98
C SER B 659 -40.79 11.34 21.36
N SER B 660 -39.83 10.45 21.63
CA SER B 660 -39.24 10.38 22.98
C SER B 660 -38.49 11.65 23.33
N PHE B 661 -37.67 12.16 22.41
CA PHE B 661 -36.91 13.36 22.68
C PHE B 661 -37.83 14.58 22.77
N ALA B 662 -38.89 14.62 21.97
CA ALA B 662 -39.87 15.69 22.10
C ALA B 662 -40.53 15.66 23.48
N ILE B 663 -40.88 14.47 23.96
CA ILE B 663 -41.43 14.34 25.31
C ILE B 663 -40.46 14.90 26.34
N CYS B 664 -39.20 14.46 26.26
CA CYS B 664 -38.21 14.84 27.27
C CYS B 664 -37.99 16.34 27.28
N TYR B 665 -37.82 16.94 26.10
CA TYR B 665 -37.48 18.36 26.09
C TYR B 665 -38.70 19.25 26.22
N SER B 666 -39.89 18.77 25.90
CA SER B 666 -41.10 19.49 26.27
C SER B 666 -41.27 19.52 27.78
N ALA B 667 -40.98 18.41 28.46
CA ALA B 667 -40.99 18.41 29.92
C ALA B 667 -39.94 19.36 30.47
N LEU B 668 -38.75 19.38 29.87
CA LEU B 668 -37.71 20.29 30.31
C LEU B 668 -38.12 21.75 30.12
N LEU B 669 -38.72 22.06 28.96
CA LEU B 669 -39.16 23.43 28.69
C LEU B 669 -40.27 23.85 29.66
N THR B 670 -41.19 22.95 29.98
CA THR B 670 -42.22 23.28 30.96
C THR B 670 -41.62 23.47 32.34
N LYS B 671 -40.59 22.69 32.68
CA LYS B 671 -39.85 22.93 33.92
C LYS B 671 -39.25 24.33 33.94
N THR B 672 -38.63 24.75 32.83
CA THR B 672 -38.06 26.09 32.78
C THR B 672 -39.13 27.16 32.91
N ASN B 673 -40.27 26.95 32.25
CA ASN B 673 -41.35 27.95 32.29
C ASN B 673 -42.00 28.02 33.66
N CYS B 674 -41.98 26.92 34.42
CA CYS B 674 -42.58 26.92 35.76
C CYS B 674 -41.86 27.89 36.68
N ILE B 675 -40.53 27.93 36.61
CA ILE B 675 -39.75 28.83 37.45
C ILE B 675 -39.93 30.27 36.98
N SER B 693 -52.75 26.44 37.35
CA SER B 693 -51.48 26.63 36.67
C SER B 693 -50.79 25.31 36.26
N PRO B 694 -50.70 24.33 37.17
CA PRO B 694 -50.15 23.02 36.75
C PRO B 694 -50.96 22.38 35.62
N SER B 695 -52.28 22.51 35.64
CA SER B 695 -53.10 21.97 34.57
C SER B 695 -52.80 22.66 33.24
N SER B 696 -52.65 23.98 33.26
CA SER B 696 -52.32 24.71 32.04
C SER B 696 -50.94 24.32 31.53
N GLN B 697 -49.98 24.14 32.44
CA GLN B 697 -48.65 23.72 32.02
C GLN B 697 -48.69 22.33 31.39
N VAL B 698 -49.44 21.41 32.00
CA VAL B 698 -49.57 20.06 31.43
C VAL B 698 -50.23 20.12 30.06
N PHE B 699 -51.26 20.95 29.92
CA PHE B 699 -51.94 21.06 28.63
C PHE B 699 -51.02 21.64 27.56
N ILE B 700 -50.23 22.65 27.91
CA ILE B 700 -49.33 23.25 26.91
C ILE B 700 -48.22 22.26 26.55
N CYS B 701 -47.75 21.48 27.53
CA CYS B 701 -46.77 20.44 27.22
C CYS B 701 -47.36 19.39 26.29
N LEU B 702 -48.62 19.00 26.54
CA LEU B 702 -49.28 18.03 25.67
C LEU B 702 -49.45 18.58 24.26
N GLY B 703 -49.78 19.86 24.14
CA GLY B 703 -49.89 20.47 22.83
C GLY B 703 -48.56 20.53 22.08
N LEU B 704 -47.49 20.89 22.79
CA LEU B 704 -46.16 20.89 22.18
C LEU B 704 -45.72 19.49 21.79
N ILE B 705 -46.17 18.47 22.53
CA ILE B 705 -45.91 17.09 22.14
C ILE B 705 -46.73 16.72 20.90
N LEU B 706 -48.00 17.12 20.86
CA LEU B 706 -48.90 16.71 19.80
C LEU B 706 -48.54 17.36 18.47
N VAL B 707 -48.04 18.60 18.48
CA VAL B 707 -47.64 19.21 17.21
C VAL B 707 -46.46 18.45 16.60
N GLN B 708 -45.49 18.07 17.43
CA GLN B 708 -44.38 17.25 16.95
C GLN B 708 -44.88 15.88 16.50
N ILE B 709 -45.86 15.32 17.21
CA ILE B 709 -46.43 14.03 16.82
C ILE B 709 -47.06 14.12 15.44
N VAL B 710 -47.80 15.20 15.18
CA VAL B 710 -48.43 15.39 13.88
C VAL B 710 -47.38 15.56 12.78
N MET B 711 -46.32 16.32 13.08
CA MET B 711 -45.23 16.46 12.11
C MET B 711 -44.58 15.12 11.80
N VAL B 712 -44.35 14.31 12.83
CA VAL B 712 -43.77 12.99 12.63
C VAL B 712 -44.73 12.09 11.83
N SER B 713 -46.02 12.21 12.10
CA SER B 713 -47.01 11.41 11.39
C SER B 713 -47.04 11.76 9.90
N VAL B 714 -46.97 13.05 9.57
CA VAL B 714 -46.94 13.41 8.15
C VAL B 714 -45.62 12.98 7.51
N TRP B 715 -44.51 13.08 8.25
CA TRP B 715 -43.25 12.58 7.73
C TRP B 715 -43.31 11.08 7.46
N LEU B 716 -44.03 10.34 8.31
CA LEU B 716 -44.17 8.90 8.14
C LEU B 716 -45.12 8.55 6.99
N ILE B 717 -46.21 9.30 6.83
CA ILE B 717 -47.11 9.04 5.72
C ILE B 717 -46.45 9.42 4.40
N LEU B 718 -45.41 10.26 4.44
CA LEU B 718 -44.62 10.50 3.25
C LEU B 718 -44.00 9.20 2.72
N GLU B 719 -43.10 8.59 3.48
CA GLU B 719 -42.55 7.28 3.11
C GLU B 719 -42.17 6.53 4.38
N ALA B 720 -43.12 5.75 4.91
CA ALA B 720 -42.84 4.92 6.08
C ALA B 720 -41.88 3.78 5.79
N PRO B 721 -42.12 2.87 4.81
CA PRO B 721 -41.33 1.63 4.75
C PRO B 721 -39.84 1.86 4.53
N GLY B 722 -39.46 2.50 3.43
CA GLY B 722 -38.07 2.82 3.17
C GLY B 722 -37.15 1.62 2.99
N THR B 723 -37.67 0.41 3.17
CA THR B 723 -36.84 -0.78 3.14
C THR B 723 -36.45 -1.14 1.71
N ARG B 724 -35.16 -1.37 1.50
CA ARG B 724 -34.64 -1.75 0.18
C ARG B 724 -33.25 -2.32 0.36
N ARG B 725 -32.68 -2.78 -0.76
CA ARG B 725 -31.32 -3.28 -0.75
C ARG B 725 -30.31 -2.14 -0.93
N TYR B 726 -29.11 -2.34 -0.40
CA TYR B 726 -28.04 -1.36 -0.49
C TYR B 726 -26.88 -1.96 -1.26
N THR B 727 -26.37 -1.21 -2.24
CA THR B 727 -25.25 -1.63 -3.07
C THR B 727 -24.08 -0.69 -2.83
N LEU B 728 -22.90 -1.26 -2.60
CA LEU B 728 -21.68 -0.49 -2.34
C LEU B 728 -20.69 -0.73 -3.47
N ALA B 729 -20.13 0.35 -4.00
CA ALA B 729 -19.15 0.25 -5.08
C ALA B 729 -17.87 -0.41 -4.56
N GLU B 730 -17.29 -1.27 -5.41
CA GLU B 730 -16.07 -2.03 -5.11
C GLU B 730 -16.22 -2.96 -3.91
N LYS B 731 -17.44 -3.17 -3.43
CA LYS B 731 -17.70 -4.05 -2.30
C LYS B 731 -18.91 -4.92 -2.61
N ARG B 732 -18.96 -5.48 -3.81
CA ARG B 732 -20.08 -6.30 -4.23
C ARG B 732 -20.17 -7.61 -3.45
N GLU B 733 -19.08 -8.04 -2.82
CA GLU B 733 -19.12 -9.27 -2.03
C GLU B 733 -20.06 -9.13 -0.84
N THR B 734 -20.07 -7.97 -0.19
CA THR B 734 -20.89 -7.74 0.98
C THR B 734 -22.11 -6.90 0.60
N VAL B 735 -23.30 -7.39 0.95
CA VAL B 735 -24.55 -6.68 0.72
C VAL B 735 -25.15 -6.36 2.09
N ILE B 736 -25.41 -5.08 2.32
CA ILE B 736 -25.89 -4.60 3.62
C ILE B 736 -27.40 -4.40 3.54
N LEU B 737 -28.13 -5.04 4.45
CA LEU B 737 -29.57 -4.89 4.54
C LEU B 737 -29.89 -3.88 5.65
N LYS B 738 -30.41 -2.72 5.25
CA LYS B 738 -30.77 -1.69 6.20
C LYS B 738 -31.89 -0.84 5.61
N CYS B 739 -32.61 -0.14 6.48
CA CYS B 739 -33.67 0.75 6.04
C CYS B 739 -33.06 1.91 5.24
N ASN B 740 -33.52 2.10 4.01
CA ASN B 740 -32.95 3.11 3.13
C ASN B 740 -33.68 4.44 3.23
N VAL B 741 -34.35 4.72 4.36
CA VAL B 741 -34.81 6.06 4.63
C VAL B 741 -33.61 6.99 4.72
N LYS B 742 -33.75 8.19 4.18
CA LYS B 742 -32.62 9.11 4.08
C LYS B 742 -32.02 9.41 5.44
N ASP B 743 -30.72 9.14 5.58
CA ASP B 743 -30.00 9.61 6.76
C ASP B 743 -30.04 11.13 6.84
N SER B 744 -30.04 11.81 5.69
CA SER B 744 -30.20 13.25 5.69
C SER B 744 -31.60 13.66 6.18
N SER B 745 -32.65 12.94 5.80
CA SER B 745 -33.98 13.29 6.28
C SER B 745 -34.10 13.07 7.78
N MET B 746 -33.54 11.96 8.28
CA MET B 746 -33.46 11.77 9.72
C MET B 746 -32.63 12.87 10.37
N LEU B 747 -31.61 13.38 9.66
CA LEU B 747 -30.80 14.47 10.17
C LEU B 747 -31.60 15.76 10.32
N ILE B 748 -32.41 16.11 9.30
CA ILE B 748 -33.25 17.30 9.45
C ILE B 748 -34.32 17.11 10.54
N SER B 749 -34.84 15.90 10.72
CA SER B 749 -35.77 15.70 11.84
C SER B 749 -35.04 15.93 13.17
N LEU B 750 -33.84 15.38 13.31
CA LEU B 750 -33.05 15.60 14.51
C LEU B 750 -32.68 17.07 14.68
N THR B 751 -32.46 17.80 13.59
CA THR B 751 -32.11 19.23 13.74
C THR B 751 -33.34 20.09 14.03
N TYR B 752 -34.52 19.68 13.61
CA TYR B 752 -35.73 20.34 14.11
C TYR B 752 -35.85 20.15 15.61
N ASP B 753 -35.64 18.92 16.07
CA ASP B 753 -35.60 18.70 17.51
C ASP B 753 -34.43 19.43 18.17
N VAL B 754 -33.35 19.67 17.42
CA VAL B 754 -32.21 20.45 17.94
C VAL B 754 -32.58 21.93 18.08
N ILE B 755 -33.37 22.46 17.14
CA ILE B 755 -33.87 23.83 17.30
C ILE B 755 -34.74 23.92 18.55
N LEU B 756 -35.54 22.88 18.79
CA LEU B 756 -36.26 22.81 20.06
C LEU B 756 -35.29 22.78 21.26
N VAL B 757 -34.23 21.99 21.15
CA VAL B 757 -33.21 21.91 22.20
C VAL B 757 -32.62 23.29 22.47
N ILE B 758 -32.31 24.02 21.41
CA ILE B 758 -31.70 25.34 21.53
C ILE B 758 -32.66 26.32 22.18
N LEU B 759 -33.94 26.25 21.80
CA LEU B 759 -34.95 27.08 22.47
C LEU B 759 -34.97 26.79 23.96
N CYS B 760 -34.99 25.50 24.34
CA CYS B 760 -34.96 25.15 25.75
C CYS B 760 -33.69 25.63 26.43
N THR B 761 -32.56 25.56 25.74
CA THR B 761 -31.28 25.91 26.35
C THR B 761 -31.16 27.41 26.55
N VAL B 762 -31.60 28.21 25.58
CA VAL B 762 -31.57 29.66 25.73
C VAL B 762 -32.56 30.10 26.80
N TYR B 763 -33.71 29.42 26.89
CA TYR B 763 -34.66 29.73 27.97
C TYR B 763 -34.04 29.43 29.33
N ALA B 764 -33.35 28.29 29.46
CA ALA B 764 -32.70 27.95 30.71
C ALA B 764 -31.60 28.94 31.06
N PHE B 765 -30.82 29.36 30.07
CA PHE B 765 -29.77 30.34 30.31
C PHE B 765 -30.35 31.69 30.72
N LYS B 766 -31.51 32.06 30.17
CA LYS B 766 -32.16 33.31 30.57
C LYS B 766 -32.72 33.21 31.98
N THR B 767 -33.28 32.06 32.36
CA THR B 767 -33.98 31.92 33.62
C THR B 767 -33.11 31.41 34.76
N ARG B 768 -31.85 31.05 34.49
CA ARG B 768 -31.01 30.54 35.57
C ARG B 768 -30.65 31.61 36.59
N LYS B 769 -30.84 32.90 36.25
CA LYS B 769 -30.43 33.97 37.17
C LYS B 769 -31.23 33.92 38.47
N CYS B 770 -32.54 33.69 38.38
CA CYS B 770 -33.39 33.69 39.56
C CYS B 770 -33.81 32.26 39.90
N PRO B 771 -33.31 31.68 40.99
CA PRO B 771 -33.74 30.33 41.36
C PRO B 771 -35.21 30.30 41.76
N GLU B 772 -35.79 29.10 41.66
CA GLU B 772 -37.19 28.88 42.01
C GLU B 772 -37.37 28.46 43.46
N ASN B 773 -36.47 28.90 44.35
CA ASN B 773 -36.43 28.59 45.77
C ASN B 773 -36.03 27.15 46.04
N PHE B 774 -35.77 26.35 45.01
CA PHE B 774 -35.31 24.98 45.19
C PHE B 774 -33.95 24.73 44.55
N ASN B 775 -33.31 25.76 43.99
CA ASN B 775 -31.99 25.65 43.38
C ASN B 775 -31.96 24.61 42.27
N GLU B 776 -33.00 24.61 41.42
CA GLU B 776 -33.09 23.69 40.30
C GLU B 776 -33.01 24.37 38.93
N ALA B 777 -33.17 25.68 38.87
CA ALA B 777 -33.05 26.38 37.59
C ALA B 777 -31.64 26.25 37.04
N LYS B 778 -30.63 26.42 37.90
CA LYS B 778 -29.25 26.26 37.45
C LYS B 778 -28.96 24.82 37.04
N PHE B 779 -29.56 23.85 37.74
CA PHE B 779 -29.36 22.45 37.38
C PHE B 779 -29.98 22.15 36.01
N ILE B 780 -31.17 22.67 35.76
CA ILE B 780 -31.79 22.51 34.44
C ILE B 780 -30.96 23.20 33.38
N GLY B 781 -30.40 24.38 33.70
CA GLY B 781 -29.54 25.05 32.74
C GLY B 781 -28.28 24.26 32.42
N PHE B 782 -27.66 23.68 33.45
CA PHE B 782 -26.48 22.84 33.23
C PHE B 782 -26.83 21.62 32.38
N THR B 783 -27.99 21.02 32.64
CA THR B 783 -28.46 19.91 31.79
C THR B 783 -28.66 20.38 30.36
N MET B 784 -29.22 21.58 30.17
CA MET B 784 -29.42 22.11 28.84
C MET B 784 -28.08 22.29 28.11
N TYR B 785 -27.10 22.87 28.79
CA TYR B 785 -25.79 23.04 28.14
C TYR B 785 -25.12 21.70 27.86
N THR B 786 -25.25 20.72 28.76
CA THR B 786 -24.60 19.44 28.50
C THR B 786 -25.25 18.72 27.32
N THR B 787 -26.59 18.82 27.19
CA THR B 787 -27.24 18.23 26.03
C THR B 787 -26.90 18.99 24.75
N CYS B 788 -26.74 20.31 24.82
CA CYS B 788 -26.28 21.06 23.66
C CYS B 788 -24.91 20.56 23.22
N ILE B 789 -24.01 20.35 24.18
CA ILE B 789 -22.68 19.83 23.86
C ILE B 789 -22.81 18.47 23.20
N ILE B 790 -23.65 17.59 23.75
CA ILE B 790 -23.80 16.24 23.20
C ILE B 790 -24.26 16.29 21.75
N TRP B 791 -25.30 17.09 21.46
CA TRP B 791 -25.80 17.15 20.09
C TRP B 791 -24.80 17.80 19.13
N LEU B 792 -24.15 18.87 19.57
CA LEU B 792 -23.14 19.50 18.70
C LEU B 792 -21.95 18.58 18.44
N ALA B 793 -21.67 17.68 19.37
CA ALA B 793 -20.72 16.60 19.06
C ALA B 793 -21.31 15.62 18.05
N PHE B 794 -22.56 15.20 18.29
CA PHE B 794 -23.19 14.14 17.51
C PHE B 794 -23.45 14.50 16.05
N LEU B 795 -23.63 15.77 15.72
CA LEU B 795 -24.04 16.05 14.35
C LEU B 795 -22.89 15.93 13.35
N PRO B 796 -21.71 16.53 13.61
CA PRO B 796 -20.61 16.36 12.65
C PRO B 796 -20.11 14.94 12.57
N ILE B 797 -20.05 14.21 13.68
CA ILE B 797 -19.56 12.84 13.64
C ILE B 797 -20.48 11.96 12.80
N PHE B 798 -21.81 12.14 12.96
CA PHE B 798 -22.74 11.39 12.14
C PHE B 798 -22.60 11.76 10.67
N TYR B 799 -22.46 13.06 10.37
CA TYR B 799 -22.26 13.47 8.98
C TYR B 799 -21.01 12.84 8.39
N VAL B 800 -19.94 12.75 9.18
CA VAL B 800 -18.69 12.19 8.68
C VAL B 800 -18.81 10.68 8.48
N THR B 801 -19.40 9.98 9.44
CA THR B 801 -19.41 8.52 9.43
C THR B 801 -20.66 7.93 8.79
N SER B 802 -21.44 8.75 8.10
CA SER B 802 -22.61 8.25 7.36
C SER B 802 -22.32 7.03 6.49
N SER B 803 -21.05 6.77 6.16
CA SER B 803 -20.73 5.64 5.29
C SER B 803 -20.95 4.30 6.01
N ASP B 804 -20.36 4.14 7.20
CA ASP B 804 -20.32 2.84 7.85
C ASP B 804 -21.63 2.57 8.59
N TYR B 805 -22.31 1.48 8.20
CA TYR B 805 -23.58 1.14 8.83
C TYR B 805 -23.41 0.69 10.28
N ARG B 806 -22.31 0.00 10.59
CA ARG B 806 -22.06 -0.38 11.98
C ARG B 806 -21.90 0.85 12.85
N VAL B 807 -21.19 1.86 12.37
CA VAL B 807 -21.03 3.09 13.14
C VAL B 807 -22.36 3.84 13.21
N GLN B 808 -23.18 3.77 12.15
CA GLN B 808 -24.55 4.27 12.26
C GLN B 808 -25.28 3.64 13.43
N THR B 809 -25.22 2.31 13.53
CA THR B 809 -25.94 1.61 14.59
C THR B 809 -25.34 1.90 15.96
N THR B 810 -24.04 2.15 16.04
CA THR B 810 -23.36 2.32 17.32
C THR B 810 -23.45 3.75 17.86
N THR B 811 -23.19 4.75 17.03
CA THR B 811 -23.14 6.14 17.49
C THR B 811 -24.52 6.62 17.92
N MET B 812 -25.57 6.24 17.18
CA MET B 812 -26.93 6.56 17.58
C MET B 812 -27.19 6.11 19.02
N CYS B 813 -26.91 4.85 19.30
CA CYS B 813 -27.14 4.30 20.64
C CYS B 813 -26.26 5.00 21.67
N ILE B 814 -24.98 5.23 21.34
CA ILE B 814 -24.07 5.86 22.29
C ILE B 814 -24.57 7.24 22.68
N SER B 815 -24.97 8.04 21.67
CA SER B 815 -25.44 9.39 21.94
C SER B 815 -26.73 9.38 22.74
N VAL B 816 -27.68 8.50 22.40
CA VAL B 816 -28.94 8.46 23.14
C VAL B 816 -28.68 8.08 24.58
N SER B 817 -27.83 7.07 24.81
CA SER B 817 -27.54 6.62 26.16
C SER B 817 -26.82 7.70 26.96
N LEU B 818 -25.87 8.40 26.33
CA LEU B 818 -25.15 9.46 27.04
C LEU B 818 -26.08 10.59 27.42
N SER B 819 -26.97 11.00 26.51
CA SER B 819 -27.92 12.06 26.82
C SER B 819 -28.83 11.64 27.97
N GLY B 820 -29.34 10.41 27.93
CA GLY B 820 -30.20 9.94 29.00
C GLY B 820 -29.48 9.89 30.33
N PHE B 821 -28.26 9.33 30.34
CA PHE B 821 -27.48 9.25 31.57
C PHE B 821 -27.26 10.64 32.16
N VAL B 822 -26.84 11.59 31.32
CA VAL B 822 -26.46 12.89 31.85
C VAL B 822 -27.69 13.65 32.34
N VAL B 823 -28.82 13.56 31.62
CA VAL B 823 -30.00 14.27 32.09
C VAL B 823 -30.49 13.66 33.40
N LEU B 824 -30.53 12.32 33.49
CA LEU B 824 -30.98 11.68 34.72
C LEU B 824 -30.09 12.07 35.89
N GLY B 825 -28.78 11.99 35.70
CA GLY B 825 -27.85 12.41 36.74
C GLY B 825 -28.09 13.84 37.15
N CYS B 826 -27.85 14.77 36.23
CA CYS B 826 -27.85 16.19 36.57
C CYS B 826 -29.20 16.68 37.09
N LEU B 827 -30.29 15.94 36.86
CA LEU B 827 -31.58 16.42 37.34
C LEU B 827 -32.11 15.65 38.54
N PHE B 828 -31.60 14.45 38.84
CA PHE B 828 -32.15 13.69 39.96
C PHE B 828 -31.14 13.30 41.03
N ALA B 829 -29.84 13.27 40.74
CA ALA B 829 -28.87 12.90 41.76
C ALA B 829 -28.88 13.84 42.96
N PRO B 830 -28.88 15.17 42.80
CA PRO B 830 -29.05 16.03 43.98
C PRO B 830 -30.37 15.82 44.69
N LYS B 831 -31.43 15.49 43.95
CA LYS B 831 -32.73 15.23 44.59
C LYS B 831 -32.65 14.03 45.52
N VAL B 832 -32.13 12.90 45.02
CA VAL B 832 -32.02 11.73 45.87
C VAL B 832 -31.01 11.96 46.98
N HIS B 833 -29.97 12.77 46.73
CA HIS B 833 -29.00 13.08 47.76
C HIS B 833 -29.65 13.83 48.93
N ILE B 834 -30.44 14.85 48.62
CA ILE B 834 -31.09 15.61 49.69
C ILE B 834 -32.18 14.78 50.35
N ILE B 835 -32.83 13.88 49.60
CA ILE B 835 -33.84 12.99 50.20
C ILE B 835 -33.18 12.06 51.21
N LEU B 836 -32.04 11.47 50.85
CA LEU B 836 -31.36 10.57 51.78
C LEU B 836 -30.74 11.35 52.95
N PHE B 837 -30.31 12.59 52.71
CA PHE B 837 -29.78 13.41 53.80
C PHE B 837 -30.88 13.76 54.80
N GLN B 838 -32.07 14.08 54.31
CA GLN B 838 -33.19 14.42 55.18
C GLN B 838 -33.79 13.17 55.82
N GLU C 8 32.61 2.88 69.07
CA GLU C 8 31.54 3.46 69.88
C GLU C 8 30.86 4.62 69.15
N ASP C 9 31.45 5.02 68.01
CA ASP C 9 30.88 6.11 67.23
C ASP C 9 29.55 5.72 66.61
N LYS C 10 29.36 4.43 66.29
CA LYS C 10 28.09 3.99 65.73
C LYS C 10 26.95 4.15 66.73
N ALA C 11 27.22 3.86 68.00
CA ALA C 11 26.19 4.02 69.03
C ALA C 11 25.79 5.49 69.17
N ALA C 12 26.76 6.40 69.09
CA ALA C 12 26.44 7.82 69.18
C ALA C 12 25.57 8.27 68.01
N VAL C 13 25.86 7.78 66.80
CA VAL C 13 25.03 8.10 65.64
C VAL C 13 23.64 7.52 65.81
N GLU C 14 23.55 6.28 66.29
CA GLU C 14 22.25 5.66 66.53
C GLU C 14 21.47 6.42 67.60
N ARG C 15 22.16 6.86 68.66
CA ARG C 15 21.50 7.68 69.67
C ARG C 15 21.11 9.03 69.09
N SER C 16 21.92 9.58 68.18
CA SER C 16 21.58 10.84 67.55
C SER C 16 20.37 10.71 66.64
N LYS C 17 20.08 9.51 66.14
CA LYS C 17 18.92 9.32 65.28
C LYS C 17 17.63 9.32 66.09
N MET C 18 17.63 8.67 67.25
CA MET C 18 16.40 8.51 68.02
C MET C 18 16.00 9.80 68.75
N ILE C 19 16.98 10.64 69.12
CA ILE C 19 16.63 11.92 69.74
C ILE C 19 15.94 12.83 68.73
N ASP C 20 16.40 12.82 67.48
CA ASP C 20 15.77 13.63 66.44
C ASP C 20 14.35 13.17 66.17
N ARG C 21 14.13 11.85 66.13
CA ARG C 21 12.78 11.33 65.94
C ARG C 21 11.88 11.67 67.13
N ASN C 22 12.42 11.59 68.35
CA ASN C 22 11.65 11.96 69.52
C ASN C 22 11.27 13.43 69.49
N LEU C 23 12.22 14.29 69.11
CA LEU C 23 11.92 15.72 69.01
C LEU C 23 11.01 16.03 67.82
N ARG C 24 11.12 15.26 66.74
CA ARG C 24 10.25 15.46 65.58
C ARG C 24 8.80 15.17 65.93
N GLU C 25 8.55 14.12 66.71
CA GLU C 25 7.19 13.78 67.10
C GLU C 25 6.55 14.88 67.93
N ASP C 26 7.33 15.49 68.83
CA ASP C 26 6.82 16.58 69.65
C ASP C 26 6.66 17.88 68.88
N GLY C 27 7.16 17.94 67.64
CA GLY C 27 7.07 19.16 66.85
C GLY C 27 5.66 19.52 66.43
N GLU C 28 5.06 18.71 65.55
CA GLU C 28 3.70 18.99 65.09
C GLU C 28 2.65 18.66 66.15
N LYS C 29 2.97 17.82 67.12
CA LYS C 29 2.02 17.52 68.18
C LYS C 29 1.69 18.75 69.00
N ALA C 30 2.71 19.52 69.37
CA ALA C 30 2.49 20.78 70.08
C ALA C 30 2.00 21.88 69.16
N ALA C 31 2.47 21.89 67.90
CA ALA C 31 2.05 22.91 66.96
C ALA C 31 0.56 22.79 66.64
N ARG C 32 0.06 21.56 66.53
CA ARG C 32 -1.36 21.36 66.21
C ARG C 32 -2.25 21.92 67.31
N GLU C 33 -1.77 21.94 68.55
CA GLU C 33 -2.56 22.48 69.66
C GLU C 33 -2.57 24.01 69.56
N VAL C 34 -3.76 24.58 69.39
CA VAL C 34 -3.89 26.02 69.26
C VAL C 34 -3.70 26.68 70.62
N LYS C 35 -2.98 27.80 70.64
CA LYS C 35 -2.74 28.56 71.86
C LYS C 35 -3.42 29.92 71.75
N LEU C 36 -4.04 30.34 72.85
CA LEU C 36 -4.76 31.60 72.92
C LEU C 36 -4.05 32.54 73.90
N LEU C 37 -4.66 33.70 74.13
CA LEU C 37 -4.10 34.70 75.03
C LEU C 37 -5.23 35.52 75.62
N LEU C 38 -5.39 35.45 76.93
CA LEU C 38 -6.43 36.20 77.65
C LEU C 38 -5.77 37.39 78.34
N LEU C 39 -6.20 38.60 77.99
CA LEU C 39 -5.65 39.81 78.58
C LEU C 39 -6.73 40.88 78.63
N GLY C 40 -6.78 41.59 79.74
CA GLY C 40 -7.78 42.64 79.90
C GLY C 40 -7.54 43.43 81.16
N ALA C 41 -8.57 44.19 81.55
CA ALA C 41 -8.50 44.99 82.76
C ALA C 41 -8.56 44.09 84.00
N GLY C 42 -8.23 44.69 85.15
CA GLY C 42 -8.25 43.97 86.41
C GLY C 42 -9.64 43.48 86.78
N GLU C 43 -9.75 42.18 87.06
CA GLU C 43 -11.02 41.55 87.42
C GLU C 43 -12.11 41.81 86.37
N SER C 44 -11.72 41.73 85.10
CA SER C 44 -12.64 41.98 83.99
C SER C 44 -13.35 40.68 83.59
N GLY C 45 -14.06 40.10 84.56
CA GLY C 45 -14.80 38.89 84.32
C GLY C 45 -13.94 37.69 83.99
N LYS C 46 -12.85 37.48 84.73
CA LYS C 46 -12.00 36.33 84.49
C LYS C 46 -12.74 35.03 84.77
N ASN C 47 -13.50 34.98 85.86
CA ASN C 47 -14.27 33.80 86.22
C ASN C 47 -15.67 33.79 85.64
N THR C 48 -16.14 34.92 85.07
CA THR C 48 -17.47 34.96 84.48
C THR C 48 -17.57 34.03 83.28
N ILE C 49 -16.55 34.02 82.43
CA ILE C 49 -16.54 33.13 81.28
C ILE C 49 -16.32 31.70 81.73
N VAL C 50 -17.01 30.76 81.08
CA VAL C 50 -16.91 29.36 81.46
C VAL C 50 -15.55 28.82 81.00
N LYS C 51 -14.77 28.29 81.96
CA LYS C 51 -13.46 27.74 81.66
C LYS C 51 -13.28 26.34 82.25
N GLN C 52 -14.39 25.65 82.56
CA GLN C 52 -14.30 24.31 83.12
C GLN C 52 -13.73 23.33 82.11
N MET C 53 -12.95 22.38 82.59
CA MET C 53 -12.34 21.38 81.73
C MET C 53 -13.35 20.30 81.35
N THR C 182 0.28 33.73 91.94
CA THR C 182 1.26 32.76 91.48
C THR C 182 1.61 32.97 90.01
N GLY C 183 1.97 31.88 89.33
CA GLY C 183 2.32 31.94 87.93
C GLY C 183 1.10 31.94 87.03
N ILE C 184 1.38 31.93 85.72
CA ILE C 184 0.31 31.89 84.72
C ILE C 184 -0.42 30.55 84.81
N VAL C 185 -1.72 30.58 84.57
CA VAL C 185 -2.58 29.40 84.65
C VAL C 185 -3.00 29.03 83.24
N GLU C 186 -2.71 27.80 82.83
CA GLU C 186 -3.08 27.29 81.52
C GLU C 186 -4.27 26.35 81.66
N THR C 187 -5.33 26.63 80.91
CA THR C 187 -6.53 25.80 80.90
C THR C 187 -6.62 25.11 79.55
N HIS C 188 -6.40 23.80 79.53
CA HIS C 188 -6.42 23.01 78.31
C HIS C 188 -7.74 22.25 78.26
N PHE C 189 -8.60 22.59 77.30
CA PHE C 189 -9.87 21.92 77.13
C PHE C 189 -10.09 21.65 75.64
N THR C 190 -10.43 20.40 75.31
CA THR C 190 -10.55 19.96 73.93
C THR C 190 -11.98 20.05 73.42
N PHE C 191 -12.78 20.99 73.93
CA PHE C 191 -14.14 21.15 73.44
C PHE C 191 -14.14 21.70 72.02
N LYS C 192 -15.28 21.54 71.35
CA LYS C 192 -15.47 21.94 69.95
C LYS C 192 -14.49 21.22 69.02
N ASP C 193 -14.12 20.00 69.38
CA ASP C 193 -13.28 19.11 68.58
C ASP C 193 -11.88 19.67 68.33
N LEU C 194 -11.47 20.70 69.06
CA LEU C 194 -10.13 21.26 68.92
C LEU C 194 -9.56 21.54 70.30
N HIS C 195 -8.27 21.27 70.47
CA HIS C 195 -7.60 21.39 71.75
C HIS C 195 -7.35 22.87 72.05
N PHE C 196 -8.36 23.53 72.62
CA PHE C 196 -8.21 24.92 73.02
C PHE C 196 -7.32 25.03 74.26
N LYS C 197 -6.49 26.06 74.29
CA LYS C 197 -5.63 26.37 75.42
C LYS C 197 -5.80 27.84 75.76
N MET C 198 -6.28 28.12 76.98
CA MET C 198 -6.51 29.47 77.45
C MET C 198 -5.41 29.83 78.43
N PHE C 199 -4.67 30.90 78.12
CA PHE C 199 -3.55 31.37 78.94
C PHE C 199 -3.90 32.74 79.51
N ASP C 200 -3.74 32.88 80.82
CA ASP C 200 -4.09 34.11 81.52
C ASP C 200 -2.87 35.02 81.67
N VAL C 201 -3.12 36.23 82.17
CA VAL C 201 -2.03 37.18 82.39
C VAL C 201 -1.14 36.71 83.54
N GLY C 202 -1.72 36.07 84.56
CA GLY C 202 -0.96 35.60 85.69
C GLY C 202 -0.61 36.65 86.72
N ALA C 203 -1.14 37.87 86.58
CA ALA C 203 -0.87 38.97 87.52
C ALA C 203 0.63 39.21 87.65
N GLN C 204 1.25 39.57 86.53
CA GLN C 204 2.70 39.78 86.50
C GLN C 204 3.11 40.98 87.34
N ARG C 205 2.43 42.12 87.15
CA ARG C 205 2.73 43.35 87.87
C ARG C 205 4.20 43.74 87.72
N SER C 206 4.72 43.61 86.50
CA SER C 206 6.12 43.91 86.20
C SER C 206 6.16 44.68 84.89
N GLU C 207 7.37 44.80 84.33
CA GLU C 207 7.54 45.48 83.05
C GLU C 207 6.71 44.78 81.98
N ARG C 208 5.97 45.57 81.20
CA ARG C 208 5.02 44.99 80.24
C ARG C 208 5.74 44.20 79.16
N LYS C 209 6.72 44.81 78.49
CA LYS C 209 7.35 44.19 77.34
C LYS C 209 8.02 42.87 77.70
N LYS C 210 8.49 42.76 78.96
CA LYS C 210 9.21 41.56 79.38
C LYS C 210 8.35 40.31 79.22
N TRP C 211 7.06 40.40 79.54
CA TRP C 211 6.16 39.28 79.34
C TRP C 211 5.34 39.39 78.05
N ILE C 212 5.32 40.55 77.40
CA ILE C 212 4.67 40.67 76.10
C ILE C 212 5.47 39.91 75.04
N HIS C 213 6.78 40.14 74.96
CA HIS C 213 7.53 39.54 73.86
C HIS C 213 7.73 38.04 74.05
N CYS C 214 7.57 37.55 75.29
CA CYS C 214 7.70 36.11 75.53
C CYS C 214 6.54 35.33 74.91
N PHE C 215 5.36 35.94 74.81
CA PHE C 215 4.18 35.28 74.29
C PHE C 215 4.07 35.38 72.77
N GLU C 216 5.17 35.64 72.08
CA GLU C 216 5.14 35.75 70.62
C GLU C 216 4.81 34.40 69.99
N GLY C 217 4.04 34.45 68.90
CA GLY C 217 3.63 33.25 68.19
C GLY C 217 2.23 32.78 68.48
N VAL C 218 1.47 33.53 69.27
CA VAL C 218 0.09 33.14 69.57
C VAL C 218 -0.79 33.34 68.34
N THR C 219 -1.78 32.47 68.19
CA THR C 219 -2.69 32.57 67.05
C THR C 219 -3.65 33.74 67.20
N ALA C 220 -4.44 33.74 68.26
CA ALA C 220 -5.40 34.81 68.52
C ALA C 220 -5.38 35.16 70.00
N ILE C 221 -5.77 36.40 70.30
CA ILE C 221 -5.81 36.89 71.67
C ILE C 221 -7.25 37.24 72.02
N ILE C 222 -7.51 37.28 73.34
CA ILE C 222 -8.83 37.59 73.87
C ILE C 222 -8.73 38.89 74.65
N PHE C 223 -9.57 39.86 74.30
CA PHE C 223 -9.59 41.18 74.93
C PHE C 223 -10.93 41.36 75.62
N CYS C 224 -10.92 41.40 76.95
CA CYS C 224 -12.13 41.44 77.75
C CYS C 224 -12.24 42.79 78.46
N VAL C 225 -13.36 43.48 78.26
CA VAL C 225 -13.67 44.72 78.95
C VAL C 225 -15.10 44.64 79.47
N ALA C 226 -15.27 44.95 80.75
CA ALA C 226 -16.61 44.98 81.34
C ALA C 226 -17.38 46.18 80.85
N LEU C 227 -18.67 45.99 80.57
CA LEU C 227 -19.53 47.06 80.09
C LEU C 227 -20.55 47.54 81.11
N SER C 228 -21.04 46.67 81.99
CA SER C 228 -22.00 47.07 82.99
C SER C 228 -21.38 47.83 84.15
N ASP C 229 -20.05 47.76 84.30
CA ASP C 229 -19.34 48.46 85.37
C ASP C 229 -18.66 49.73 84.87
N TYR C 230 -19.29 50.43 83.92
CA TYR C 230 -18.71 51.66 83.41
C TYR C 230 -18.64 52.76 84.47
N ASP C 231 -19.59 52.75 85.41
CA ASP C 231 -19.60 53.74 86.48
C ASP C 231 -18.46 53.56 87.47
N LEU C 232 -17.76 52.43 87.44
CA LEU C 232 -16.66 52.20 88.36
C LEU C 232 -15.48 53.10 88.01
N VAL C 233 -14.92 53.78 89.02
CA VAL C 233 -13.79 54.67 88.83
C VAL C 233 -12.64 54.22 89.71
N LEU C 234 -12.53 52.91 89.93
CA LEU C 234 -11.50 52.37 90.80
C LEU C 234 -10.13 52.30 90.13
N ALA C 235 -10.03 52.57 88.83
CA ALA C 235 -8.74 52.53 88.16
C ALA C 235 -7.80 53.59 88.70
N GLU C 236 -8.30 54.80 88.91
CA GLU C 236 -7.51 55.90 89.44
C GLU C 236 -8.31 56.63 90.51
N ASP C 237 -7.59 57.27 91.43
CA ASP C 237 -8.25 57.99 92.52
C ASP C 237 -9.08 59.15 91.98
N GLU C 238 -8.43 60.13 91.34
CA GLU C 238 -9.15 61.27 90.78
C GLU C 238 -8.59 61.70 89.42
N GLU C 239 -7.71 60.91 88.80
CA GLU C 239 -7.09 61.30 87.54
C GLU C 239 -7.86 60.79 86.32
N MET C 240 -8.30 59.53 86.36
CA MET C 240 -9.00 58.94 85.23
C MET C 240 -9.90 57.82 85.74
N ASN C 241 -10.61 57.18 84.82
CA ASN C 241 -11.52 56.09 85.13
C ASN C 241 -11.04 54.82 84.44
N ARG C 242 -11.83 53.75 84.57
CA ARG C 242 -11.47 52.47 83.97
C ARG C 242 -11.58 52.50 82.45
N MET C 243 -12.45 53.36 81.91
CA MET C 243 -12.57 53.48 80.46
C MET C 243 -11.26 53.96 79.84
N HIS C 244 -10.64 54.96 80.46
CA HIS C 244 -9.37 55.49 79.94
C HIS C 244 -8.27 54.44 79.98
N ALA C 245 -8.19 53.69 81.09
CA ALA C 245 -7.18 52.64 81.19
C ALA C 245 -7.41 51.56 80.15
N SER C 246 -8.66 51.14 79.96
CA SER C 246 -8.97 50.13 78.95
C SER C 246 -8.62 50.61 77.55
N MET C 247 -8.96 51.86 77.23
CA MET C 247 -8.65 52.41 75.92
C MET C 247 -7.13 52.49 75.71
N LYS C 248 -6.40 52.92 76.74
CA LYS C 248 -4.94 53.02 76.61
C LYS C 248 -4.32 51.64 76.42
N LEU C 249 -4.77 50.64 77.16
CA LEU C 249 -4.22 49.29 77.01
C LEU C 249 -4.56 48.73 75.63
N PHE C 250 -5.78 48.97 75.15
CA PHE C 250 -6.15 48.53 73.81
C PHE C 250 -5.28 49.19 72.74
N ASP C 251 -5.04 50.50 72.89
CA ASP C 251 -4.18 51.21 71.94
C ASP C 251 -2.77 50.66 71.97
N SER C 252 -2.25 50.37 73.17
CA SER C 252 -0.91 49.80 73.28
C SER C 252 -0.83 48.44 72.63
N ILE C 253 -1.86 47.60 72.81
CA ILE C 253 -1.86 46.27 72.21
C ILE C 253 -1.93 46.38 70.69
N CYS C 254 -2.79 47.25 70.17
CA CYS C 254 -2.96 47.34 68.73
C CYS C 254 -1.74 47.97 68.06
N ASN C 255 -1.15 48.98 68.69
CA ASN C 255 0.00 49.67 68.11
C ASN C 255 1.31 48.94 68.32
N ASN C 256 1.32 47.87 69.11
CA ASN C 256 2.54 47.11 69.34
C ASN C 256 2.98 46.42 68.04
N LYS C 257 4.29 46.43 67.79
CA LYS C 257 4.81 45.88 66.54
C LYS C 257 4.88 44.36 66.53
N TRP C 258 4.82 43.72 67.71
CA TRP C 258 4.91 42.26 67.74
C TRP C 258 3.58 41.61 67.37
N PHE C 259 2.46 42.22 67.76
CA PHE C 259 1.13 41.68 67.51
C PHE C 259 0.38 42.46 66.43
N THR C 260 1.11 43.00 65.45
CA THR C 260 0.48 43.77 64.38
C THR C 260 -0.28 42.90 63.39
N ASP C 261 -0.07 41.58 63.39
CA ASP C 261 -0.73 40.69 62.47
C ASP C 261 -1.71 39.73 63.14
N THR C 262 -1.67 39.60 64.46
CA THR C 262 -2.57 38.69 65.16
C THR C 262 -3.96 39.29 65.30
N SER C 263 -4.97 38.46 65.10
CA SER C 263 -6.35 38.91 65.23
C SER C 263 -6.70 39.12 66.71
N ILE C 264 -7.72 39.94 66.94
CA ILE C 264 -8.16 40.25 68.30
C ILE C 264 -9.66 39.97 68.42
N ILE C 265 -10.07 39.66 69.65
CA ILE C 265 -11.43 39.24 69.98
C ILE C 265 -11.98 40.19 71.03
N LEU C 266 -13.23 40.62 70.84
CA LEU C 266 -13.88 41.54 71.77
C LEU C 266 -14.92 40.78 72.58
N PHE C 267 -14.68 40.65 73.88
CA PHE C 267 -15.58 39.97 74.80
C PHE C 267 -16.00 40.91 75.92
N LEU C 268 -17.09 40.56 76.59
CA LEU C 268 -17.62 41.36 77.69
C LEU C 268 -18.36 40.43 78.64
N ASN C 269 -18.85 41.00 79.74
CA ASN C 269 -19.60 40.25 80.74
C ASN C 269 -20.84 41.03 81.17
N LYS C 270 -21.53 41.64 80.21
CA LYS C 270 -22.72 42.44 80.46
C LYS C 270 -23.86 41.90 79.61
N LYS C 271 -24.70 41.05 80.22
CA LYS C 271 -25.85 40.50 79.54
C LYS C 271 -27.10 41.35 79.76
N ASP C 272 -27.45 41.61 81.02
CA ASP C 272 -28.60 42.44 81.35
C ASP C 272 -28.30 43.50 82.41
N LEU C 273 -27.17 43.41 83.12
CA LEU C 273 -26.84 44.43 84.11
C LEU C 273 -26.59 45.78 83.44
N PHE C 274 -25.92 45.79 82.30
CA PHE C 274 -25.70 47.04 81.57
C PHE C 274 -27.02 47.63 81.10
N GLU C 275 -27.93 46.79 80.61
CA GLU C 275 -29.24 47.28 80.18
C GLU C 275 -30.02 47.86 81.35
N GLU C 276 -29.96 47.20 82.51
CA GLU C 276 -30.65 47.72 83.69
C GLU C 276 -30.05 49.04 84.14
N LYS C 277 -28.72 49.17 84.10
CA LYS C 277 -28.08 50.40 84.54
C LYS C 277 -28.28 51.54 83.55
N ILE C 278 -28.50 51.21 82.27
CA ILE C 278 -28.71 52.24 81.27
C ILE C 278 -30.01 53.01 81.49
N LYS C 279 -30.95 52.44 82.25
CA LYS C 279 -32.21 53.13 82.52
C LYS C 279 -31.98 54.41 83.33
N LYS C 280 -31.10 54.35 84.32
CA LYS C 280 -30.80 55.50 85.15
C LYS C 280 -29.60 56.30 84.64
N SER C 281 -28.56 55.62 84.16
CA SER C 281 -27.39 56.30 83.65
C SER C 281 -27.67 56.89 82.27
N PRO C 282 -27.43 58.18 82.06
CA PRO C 282 -27.69 58.78 80.75
C PRO C 282 -26.64 58.46 79.69
N LEU C 283 -25.67 57.61 80.01
CA LEU C 283 -24.61 57.21 79.07
C LEU C 283 -23.85 58.43 78.54
N THR C 284 -23.60 59.40 79.41
CA THR C 284 -22.86 60.60 79.04
C THR C 284 -21.42 60.59 79.56
N ILE C 285 -21.07 59.65 80.43
CA ILE C 285 -19.71 59.59 80.96
C ILE C 285 -18.74 58.99 79.95
N CYS C 286 -19.24 58.11 79.07
CA CYS C 286 -18.36 57.49 78.09
C CYS C 286 -17.80 58.52 77.11
N TYR C 287 -18.63 59.46 76.64
CA TYR C 287 -18.20 60.50 75.72
C TYR C 287 -18.83 61.81 76.15
N PRO C 288 -18.03 62.85 76.37
CA PRO C 288 -18.61 64.16 76.73
C PRO C 288 -19.55 64.72 75.68
N GLU C 289 -19.26 64.48 74.40
CA GLU C 289 -20.13 64.96 73.31
C GLU C 289 -21.11 63.86 72.90
N TYR C 290 -21.94 63.46 73.85
CA TYR C 290 -22.93 62.42 73.61
C TYR C 290 -24.03 62.93 72.72
N ALA C 291 -24.38 62.16 71.70
CA ALA C 291 -25.44 62.49 70.74
C ALA C 291 -26.34 61.30 70.51
N GLY C 292 -26.75 60.64 71.59
CA GLY C 292 -27.59 59.46 71.51
C GLY C 292 -28.79 59.56 72.44
N SER C 293 -29.61 58.52 72.40
CA SER C 293 -30.82 58.45 73.20
C SER C 293 -30.48 57.89 74.59
N ASN C 294 -31.50 57.53 75.36
CA ASN C 294 -31.32 56.98 76.69
C ASN C 294 -31.08 55.47 76.69
N THR C 295 -31.14 54.83 75.53
CA THR C 295 -30.91 53.39 75.45
C THR C 295 -29.41 53.12 75.39
N TYR C 296 -29.04 51.86 75.14
CA TYR C 296 -27.63 51.47 75.09
C TYR C 296 -27.20 50.87 73.76
N GLU C 297 -28.13 50.67 72.82
CA GLU C 297 -27.74 50.18 71.49
C GLU C 297 -26.83 51.17 70.79
N GLU C 298 -27.19 52.46 70.85
CA GLU C 298 -26.35 53.48 70.22
C GLU C 298 -25.02 53.63 70.94
N ALA C 299 -25.01 53.46 72.26
CA ALA C 299 -23.75 53.50 73.00
C ALA C 299 -22.85 52.35 72.60
N ALA C 300 -23.42 51.15 72.46
CA ALA C 300 -22.63 49.99 72.01
C ALA C 300 -22.09 50.22 70.61
N ALA C 301 -22.93 50.74 69.71
CA ALA C 301 -22.45 51.03 68.36
C ALA C 301 -21.33 52.05 68.37
N TYR C 302 -21.47 53.10 69.18
CA TYR C 302 -20.44 54.13 69.25
C TYR C 302 -19.12 53.56 69.78
N ILE C 303 -19.17 52.76 70.84
CA ILE C 303 -17.94 52.24 71.41
C ILE C 303 -17.30 51.23 70.46
N GLN C 304 -18.11 50.40 69.79
CA GLN C 304 -17.54 49.40 68.89
C GLN C 304 -16.96 50.05 67.64
N CYS C 305 -17.52 51.18 67.18
CA CYS C 305 -16.93 51.88 66.05
C CYS C 305 -15.80 52.81 66.46
N GLN C 306 -15.67 53.11 67.76
CA GLN C 306 -14.58 53.95 68.24
C GLN C 306 -13.38 53.14 68.72
N PHE C 307 -13.54 51.84 68.97
CA PHE C 307 -12.42 51.02 69.41
C PHE C 307 -11.29 51.04 68.38
N GLU C 308 -11.62 50.86 67.11
CA GLU C 308 -10.61 50.83 66.04
C GLU C 308 -10.21 52.27 65.71
N ASP C 309 -9.37 52.85 66.57
CA ASP C 309 -8.87 54.19 66.32
C ASP C 309 -7.99 54.23 65.08
N LEU C 310 -7.18 53.20 64.87
CA LEU C 310 -6.30 53.10 63.72
C LEU C 310 -6.77 51.98 62.80
N ASN C 311 -6.68 52.21 61.49
CA ASN C 311 -7.16 51.27 60.49
C ASN C 311 -6.04 50.50 59.79
N LYS C 312 -4.78 50.84 60.05
CA LYS C 312 -3.69 50.12 59.37
C LYS C 312 -3.65 48.66 59.78
N ARG C 313 -3.85 48.38 61.07
CA ARG C 313 -3.84 47.00 61.54
C ARG C 313 -5.13 46.26 61.22
N LYS C 314 -6.20 46.99 60.89
CA LYS C 314 -7.47 46.33 60.55
C LYS C 314 -7.33 45.48 59.29
N ASP C 315 -6.64 46.00 58.27
CA ASP C 315 -6.46 45.24 57.04
C ASP C 315 -5.58 44.02 57.27
N THR C 316 -4.52 44.17 58.07
CA THR C 316 -3.59 43.06 58.29
C THR C 316 -4.22 41.97 59.17
N LYS C 317 -4.88 42.37 60.25
CA LYS C 317 -5.50 41.44 61.19
C LYS C 317 -6.96 41.81 61.38
N GLU C 318 -7.84 40.82 61.26
CA GLU C 318 -9.26 41.03 61.44
C GLU C 318 -9.58 41.19 62.92
N ILE C 319 -10.60 42.01 63.21
CA ILE C 319 -11.05 42.26 64.57
C ILE C 319 -12.46 41.68 64.70
N TYR C 320 -12.62 40.71 65.60
CA TYR C 320 -13.92 40.10 65.83
C TYR C 320 -14.58 40.72 67.05
N THR C 321 -15.87 41.04 66.92
CA THR C 321 -16.63 41.69 67.98
C THR C 321 -17.91 40.91 68.23
N HIS C 322 -18.16 40.57 69.49
CA HIS C 322 -19.37 39.86 69.88
C HIS C 322 -19.96 40.50 71.13
N PHE C 323 -21.28 40.66 71.14
CA PHE C 323 -21.98 41.23 72.27
C PHE C 323 -22.93 40.19 72.87
N THR C 324 -23.39 40.48 74.09
CA THR C 324 -24.21 39.56 74.88
C THR C 324 -23.49 38.21 75.04
N CYS C 325 -22.36 38.30 75.73
CA CYS C 325 -21.48 37.15 75.92
C CYS C 325 -21.97 36.33 77.10
N SER C 326 -21.13 35.39 77.55
CA SER C 326 -21.45 34.48 78.65
C SER C 326 -22.71 33.66 78.34
N THR C 327 -22.63 32.89 77.25
CA THR C 327 -23.72 32.05 76.83
C THR C 327 -23.65 30.71 77.58
N ASP C 328 -24.40 29.72 77.11
CA ASP C 328 -24.42 28.41 77.75
C ASP C 328 -23.04 27.76 77.70
N THR C 329 -22.58 27.43 76.50
CA THR C 329 -21.26 26.81 76.33
C THR C 329 -20.20 27.85 76.01
N LYS C 330 -20.15 28.90 76.85
CA LYS C 330 -19.12 29.94 76.77
C LYS C 330 -19.00 30.53 75.37
N ASN C 331 -20.14 30.63 74.67
CA ASN C 331 -20.18 31.11 73.29
C ASN C 331 -19.23 30.31 72.40
N VAL C 332 -19.44 28.99 72.38
CA VAL C 332 -18.56 28.10 71.64
C VAL C 332 -18.64 28.36 70.14
N GLN C 333 -19.82 28.69 69.63
CA GLN C 333 -19.98 28.88 68.19
C GLN C 333 -19.15 30.07 67.69
N PHE C 334 -19.25 31.20 68.37
CA PHE C 334 -18.53 32.40 67.94
C PHE C 334 -17.02 32.20 68.02
N VAL C 335 -16.54 31.61 69.12
CA VAL C 335 -15.10 31.43 69.27
C VAL C 335 -14.57 30.41 68.26
N PHE C 336 -15.35 29.36 67.99
CA PHE C 336 -14.95 28.39 66.97
C PHE C 336 -14.89 29.03 65.59
N ASP C 337 -15.90 29.85 65.25
CA ASP C 337 -15.88 30.54 63.96
C ASP C 337 -14.68 31.47 63.86
N ALA C 338 -14.41 32.23 64.92
CA ALA C 338 -13.29 33.16 64.90
C ALA C 338 -11.96 32.43 64.76
N VAL C 339 -11.78 31.33 65.50
CA VAL C 339 -10.50 30.63 65.45
C VAL C 339 -10.31 29.96 64.09
N THR C 340 -11.36 29.38 63.53
CA THR C 340 -11.19 28.77 62.21
C THR C 340 -10.97 29.83 61.13
N ASP C 341 -11.59 31.01 61.26
CA ASP C 341 -11.37 32.08 60.30
C ASP C 341 -9.94 32.59 60.37
N VAL C 342 -9.43 32.82 61.57
CA VAL C 342 -8.04 33.29 61.67
C VAL C 342 -7.07 32.21 61.20
N ILE C 343 -7.38 30.93 61.48
CA ILE C 343 -6.49 29.86 61.05
C ILE C 343 -6.42 29.80 59.52
N ILE C 344 -7.58 29.83 58.86
CA ILE C 344 -7.57 29.78 57.40
C ILE C 344 -6.93 31.03 56.81
N LYS C 345 -7.14 32.20 57.47
CA LYS C 345 -6.53 33.42 56.97
C LYS C 345 -5.00 33.34 57.02
N ASN C 346 -4.46 32.88 58.15
CA ASN C 346 -3.01 32.71 58.24
C ASN C 346 -2.52 31.63 57.28
N ASN C 347 -3.32 30.59 57.05
CA ASN C 347 -2.92 29.54 56.12
C ASN C 347 -2.83 30.06 54.70
N LEU C 348 -3.76 30.91 54.29
CA LEU C 348 -3.74 31.46 52.94
C LEU C 348 -2.86 32.69 52.78
N LYS C 349 -2.41 33.30 53.89
CA LYS C 349 -1.53 34.46 53.79
C LYS C 349 -0.11 34.07 53.38
N ASP C 350 0.43 33.00 53.97
CA ASP C 350 1.81 32.62 53.74
C ASP C 350 1.99 31.71 52.52
N CYS C 351 0.91 31.38 51.81
CA CYS C 351 0.98 30.56 50.62
C CYS C 351 0.79 31.37 49.33
N GLY C 352 0.86 32.70 49.42
CA GLY C 352 0.69 33.54 48.26
C GLY C 352 -0.68 33.43 47.63
N LEU C 353 -1.73 33.45 48.46
CA LEU C 353 -3.09 33.32 47.97
C LEU C 353 -3.93 34.57 48.18
N PHE C 354 -3.47 35.53 48.97
CA PHE C 354 -4.16 36.81 49.12
C PHE C 354 -3.40 37.94 48.43
N LEU D 15 12.68 62.12 104.83
CA LEU D 15 11.98 63.38 104.62
C LEU D 15 12.55 64.12 103.42
N ASP D 16 11.96 65.28 103.10
CA ASP D 16 12.45 66.09 102.00
C ASP D 16 13.88 66.58 102.27
N GLN D 17 14.15 67.00 103.50
CA GLN D 17 15.50 67.47 103.84
C GLN D 17 16.52 66.34 103.73
N LEU D 18 16.15 65.14 104.18
CA LEU D 18 17.06 64.00 104.09
C LEU D 18 17.39 63.66 102.64
N ARG D 19 16.37 63.63 101.78
CA ARG D 19 16.62 63.36 100.36
C ARG D 19 17.46 64.45 99.72
N GLN D 20 17.19 65.71 100.08
CA GLN D 20 17.96 66.81 99.51
C GLN D 20 19.43 66.71 99.90
N GLU D 21 19.70 66.50 101.19
CA GLU D 21 21.10 66.40 101.62
C GLU D 21 21.77 65.18 101.02
N ALA D 22 21.03 64.06 100.91
CA ALA D 22 21.59 62.87 100.30
C ALA D 22 21.96 63.12 98.84
N GLU D 23 21.13 63.90 98.12
CA GLU D 23 21.40 64.06 96.69
C GLU D 23 22.48 65.12 96.45
N GLN D 24 22.58 66.15 97.30
CA GLN D 24 23.82 66.96 97.23
C GLN D 24 25.05 66.12 97.55
N LEU D 25 24.96 65.19 98.50
CA LEU D 25 26.10 64.32 98.75
C LEU D 25 26.43 63.48 97.52
N LYS D 26 25.40 62.97 96.85
CA LYS D 26 25.62 62.17 95.64
C LYS D 26 26.27 62.99 94.55
N ASN D 27 25.84 64.25 94.36
CA ASN D 27 26.48 65.12 93.37
C ASN D 27 27.94 65.38 93.74
N GLN D 28 28.23 65.64 95.01
CA GLN D 28 29.62 65.85 95.42
C GLN D 28 30.46 64.61 95.16
N ILE D 29 29.91 63.43 95.46
CA ILE D 29 30.64 62.18 95.27
C ILE D 29 30.93 61.95 93.79
N ARG D 30 29.93 62.16 92.93
CA ARG D 30 30.16 61.92 91.52
C ARG D 30 31.12 62.94 90.93
N ASP D 31 31.07 64.19 91.43
CA ASP D 31 32.05 65.17 90.99
C ASP D 31 33.46 64.77 91.39
N ALA D 32 33.64 64.27 92.62
CA ALA D 32 34.96 63.81 93.04
C ALA D 32 35.43 62.63 92.20
N ARG D 33 34.53 61.69 91.92
CA ARG D 33 34.89 60.53 91.09
C ARG D 33 35.28 60.96 89.68
N LYS D 34 34.53 61.91 89.09
CA LYS D 34 34.88 62.40 87.77
C LYS D 34 36.23 63.09 87.79
N ALA D 35 36.49 63.90 88.82
CA ALA D 35 37.78 64.59 88.92
C ALA D 35 38.93 63.60 89.03
N CYS D 36 38.74 62.53 89.82
CA CYS D 36 39.83 61.56 89.99
C CYS D 36 39.99 60.65 88.78
N ALA D 37 38.92 60.38 88.04
CA ALA D 37 38.97 59.48 86.90
C ALA D 37 39.17 60.19 85.57
N ASP D 38 39.23 61.52 85.56
CA ASP D 38 39.51 62.23 84.32
C ASP D 38 40.89 61.86 83.76
N ALA D 39 41.88 61.73 84.64
CA ALA D 39 43.22 61.34 84.19
C ALA D 39 43.21 59.93 83.59
N THR D 40 42.49 59.01 84.23
CA THR D 40 42.41 57.64 83.70
C THR D 40 41.69 57.62 82.35
N LEU D 41 40.61 58.40 82.21
CA LEU D 41 39.90 58.47 80.94
C LEU D 41 40.80 59.04 79.85
N SER D 42 41.54 60.09 80.16
CA SER D 42 42.46 60.67 79.18
C SER D 42 43.54 59.66 78.79
N GLN D 43 44.07 58.92 79.78
CA GLN D 43 45.10 57.93 79.48
C GLN D 43 44.57 56.83 78.58
N ILE D 44 43.37 56.31 78.87
CA ILE D 44 42.84 55.20 78.07
C ILE D 44 42.45 55.68 76.67
N THR D 45 41.92 56.90 76.55
CA THR D 45 41.53 57.40 75.24
C THR D 45 42.71 57.93 74.43
N ASN D 46 43.86 58.18 75.07
CA ASN D 46 45.00 58.73 74.35
C ASN D 46 45.63 57.70 73.41
N ASN D 47 45.74 56.46 73.86
CA ASN D 47 46.43 55.42 73.10
C ASN D 47 45.52 54.23 72.88
N ILE D 48 45.68 53.59 71.71
CA ILE D 48 44.92 52.40 71.35
C ILE D 48 45.91 51.35 70.85
N ASP D 49 45.47 50.09 70.88
CA ASP D 49 46.33 48.99 70.49
C ASP D 49 45.87 48.40 69.16
N PRO D 50 46.79 47.90 68.33
CA PRO D 50 46.39 47.27 67.07
C PRO D 50 45.61 45.98 67.30
N VAL D 51 44.74 45.66 66.35
CA VAL D 51 43.91 44.47 66.40
C VAL D 51 43.97 43.79 65.03
N GLY D 52 43.18 42.72 64.89
CA GLY D 52 43.13 41.97 63.65
C GLY D 52 42.21 42.62 62.64
N ARG D 53 41.76 41.81 61.68
CA ARG D 53 40.88 42.27 60.61
C ARG D 53 39.55 41.56 60.56
N ILE D 54 39.50 40.26 60.84
CA ILE D 54 38.28 39.49 60.86
C ILE D 54 38.08 38.77 62.20
N GLN D 55 39.11 38.10 62.68
CA GLN D 55 39.06 37.31 63.92
C GLN D 55 37.88 36.33 63.87
N MET D 56 37.99 35.37 62.95
CA MET D 56 36.90 34.45 62.66
C MET D 56 37.46 33.10 62.27
N ARG D 57 36.78 32.03 62.72
CA ARG D 57 37.12 30.67 62.31
C ARG D 57 35.87 29.83 62.54
N THR D 58 35.24 29.37 61.46
CA THR D 58 33.99 28.63 61.58
C THR D 58 34.23 27.22 62.12
N ARG D 59 33.25 26.70 62.85
CA ARG D 59 33.36 25.40 63.48
C ARG D 59 32.45 24.35 62.85
N ARG D 60 31.14 24.58 62.85
CA ARG D 60 30.17 23.61 62.35
C ARG D 60 28.80 24.27 62.31
N THR D 61 27.79 23.47 61.97
CA THR D 61 26.40 23.91 61.95
C THR D 61 25.56 22.92 62.75
N LEU D 62 24.61 23.44 63.51
CA LEU D 62 23.76 22.63 64.38
C LEU D 62 22.37 22.55 63.78
N ARG D 63 21.81 21.34 63.78
CA ARG D 63 20.47 21.08 63.27
C ARG D 63 19.70 20.24 64.27
N GLY D 64 18.38 20.15 64.06
CA GLY D 64 17.53 19.40 64.95
C GLY D 64 16.82 20.27 65.97
N HIS D 65 16.27 21.38 65.52
CA HIS D 65 15.56 22.30 66.39
C HIS D 65 14.42 22.95 65.62
N LEU D 66 13.31 23.21 66.32
CA LEU D 66 12.15 23.83 65.70
C LEU D 66 11.53 24.91 66.58
N ALA D 67 12.27 25.44 67.54
CA ALA D 67 11.72 26.44 68.46
C ALA D 67 12.59 27.69 68.51
N LYS D 68 12.24 28.60 69.41
CA LYS D 68 13.02 29.81 69.65
C LYS D 68 13.93 29.59 70.86
N ILE D 69 14.88 30.50 71.03
CA ILE D 69 15.79 30.48 72.17
C ILE D 69 15.97 31.90 72.68
N TYR D 70 16.22 32.02 73.99
CA TYR D 70 16.39 33.32 74.63
C TYR D 70 17.78 33.51 75.20
N ALA D 71 18.26 32.59 76.02
CA ALA D 71 19.56 32.74 76.64
C ALA D 71 20.18 31.37 76.88
N MET D 72 21.51 31.35 77.00
CA MET D 72 22.25 30.13 77.31
C MET D 72 23.26 30.41 78.42
N HIS D 73 24.13 29.45 78.71
CA HIS D 73 25.13 29.62 79.76
C HIS D 73 26.32 28.73 79.47
N TRP D 74 27.43 29.32 79.04
CA TRP D 74 28.68 28.60 78.85
C TRP D 74 29.55 28.84 80.10
N GLY D 75 29.17 28.17 81.18
CA GLY D 75 29.87 28.33 82.44
C GLY D 75 30.50 27.04 82.94
N THR D 76 30.98 26.21 82.03
CA THR D 76 31.61 24.94 82.37
C THR D 76 32.91 24.79 81.61
N ASP D 77 33.86 24.09 82.24
CA ASP D 77 35.16 23.84 81.62
C ASP D 77 35.14 22.63 80.68
N SER D 78 34.01 21.95 80.56
CA SER D 78 33.90 20.79 79.67
C SER D 78 33.68 21.27 78.24
N ARG D 79 33.33 20.35 77.35
CA ARG D 79 33.28 20.65 75.92
C ARG D 79 31.87 20.42 75.39
N LEU D 80 30.87 20.91 76.10
CA LEU D 80 29.48 20.82 75.67
C LEU D 80 28.83 22.20 75.76
N LEU D 81 27.65 22.31 75.16
CA LEU D 81 26.87 23.55 75.18
C LEU D 81 25.44 23.23 75.60
N VAL D 82 24.80 24.18 76.26
CA VAL D 82 23.45 24.01 76.79
C VAL D 82 22.58 25.18 76.33
N SER D 83 21.34 24.88 75.99
CA SER D 83 20.38 25.88 75.55
C SER D 83 18.98 25.44 75.91
N ALA D 84 18.06 26.40 75.95
CA ALA D 84 16.68 26.18 76.36
C ALA D 84 15.73 26.63 75.26
N SER D 85 14.59 25.93 75.15
CA SER D 85 13.60 26.21 74.13
C SER D 85 12.21 26.27 74.76
N GLN D 86 11.31 26.98 74.08
CA GLN D 86 9.96 27.21 74.59
C GLN D 86 8.98 26.10 74.24
N ASP D 87 9.37 25.10 73.44
CA ASP D 87 8.48 23.97 73.20
C ASP D 87 8.38 23.05 74.42
N GLY D 88 9.25 23.21 75.40
CA GLY D 88 9.23 22.38 76.59
C GLY D 88 10.33 21.35 76.70
N LYS D 89 11.39 21.46 75.90
CA LYS D 89 12.49 20.52 75.96
C LYS D 89 13.82 21.27 76.00
N LEU D 90 14.72 20.80 76.84
CA LEU D 90 16.05 21.38 76.94
C LEU D 90 16.98 20.77 75.89
N ILE D 91 18.06 21.48 75.60
CA ILE D 91 19.03 21.05 74.59
C ILE D 91 20.41 21.05 75.21
N ILE D 92 21.12 19.92 75.07
CA ILE D 92 22.52 19.80 75.46
C ILE D 92 23.27 19.23 74.26
N TRP D 93 23.97 20.08 73.53
CA TRP D 93 24.57 19.72 72.26
C TRP D 93 26.10 19.73 72.34
N ASP D 94 26.70 18.95 71.46
CA ASP D 94 28.15 18.91 71.29
C ASP D 94 28.51 19.50 69.93
N SER D 95 29.62 20.24 69.89
CA SER D 95 29.99 20.95 68.67
C SER D 95 30.34 19.98 67.54
N TYR D 96 31.20 19.00 67.81
CA TYR D 96 31.63 18.09 66.76
C TYR D 96 30.54 17.09 66.40
N THR D 97 29.86 16.54 67.40
CA THR D 97 28.86 15.51 67.14
C THR D 97 27.58 16.10 66.55
N THR D 98 27.29 17.37 66.86
CA THR D 98 26.05 18.02 66.42
C THR D 98 24.82 17.21 66.84
N ASN D 99 24.87 16.68 68.06
CA ASN D 99 23.80 15.84 68.59
C ASN D 99 23.66 16.10 70.08
N LYS D 100 22.60 15.54 70.65
CA LYS D 100 22.28 15.72 72.06
C LYS D 100 22.45 14.41 72.81
N VAL D 101 23.10 14.47 73.97
CA VAL D 101 23.25 13.28 74.80
C VAL D 101 21.89 12.82 75.32
N HIS D 102 21.06 13.76 75.75
CA HIS D 102 19.72 13.45 76.22
C HIS D 102 18.80 14.64 75.94
N ALA D 103 17.51 14.36 75.91
CA ALA D 103 16.48 15.37 75.65
C ALA D 103 15.40 15.22 76.72
N ILE D 104 15.54 15.95 77.82
CA ILE D 104 14.59 15.89 78.93
C ILE D 104 13.53 16.96 78.72
N PRO D 105 12.27 16.68 79.05
CA PRO D 105 11.22 17.69 78.88
C PRO D 105 11.20 18.69 80.02
N LEU D 106 10.54 19.81 79.77
CA LEU D 106 10.40 20.89 80.73
C LEU D 106 8.92 21.10 81.05
N ARG D 107 8.60 21.16 82.34
CA ARG D 107 7.22 21.35 82.74
C ARG D 107 6.70 22.73 82.36
N SER D 108 7.53 23.76 82.52
CA SER D 108 7.11 25.12 82.24
C SER D 108 6.87 25.31 80.74
N SER D 109 5.85 26.12 80.41
CA SER D 109 5.55 26.39 79.01
C SER D 109 6.66 27.22 78.35
N TRP D 110 7.09 28.29 79.02
CA TRP D 110 8.20 29.11 78.56
C TRP D 110 9.31 29.08 79.59
N VAL D 111 10.55 29.02 79.10
CA VAL D 111 11.74 29.10 79.93
C VAL D 111 12.66 30.17 79.38
N MET D 112 13.14 31.06 80.25
CA MET D 112 14.08 32.10 79.86
C MET D 112 15.44 31.98 80.54
N THR D 113 15.58 31.08 81.51
CA THR D 113 16.81 30.92 82.27
C THR D 113 17.49 29.62 81.89
N CYS D 114 18.78 29.71 81.58
CA CYS D 114 19.59 28.55 81.26
C CYS D 114 20.88 28.59 82.07
N ALA D 115 21.25 27.46 82.65
CA ALA D 115 22.46 27.37 83.45
C ALA D 115 23.00 25.95 83.40
N TYR D 116 24.29 25.83 83.71
CA TYR D 116 24.96 24.54 83.72
C TYR D 116 25.98 24.51 84.85
N ALA D 117 26.33 23.31 85.29
CA ALA D 117 27.30 23.13 86.35
C ALA D 117 28.67 22.77 85.79
N PRO D 118 29.75 23.23 86.43
CA PRO D 118 31.09 22.83 85.97
C PRO D 118 31.32 21.33 86.02
N SER D 119 30.73 20.64 87.01
CA SER D 119 30.84 19.19 87.09
C SER D 119 29.89 18.47 86.15
N GLY D 120 28.98 19.18 85.51
CA GLY D 120 28.03 18.54 84.61
C GLY D 120 27.04 17.63 85.30
N ASN D 121 26.62 17.98 86.52
CA ASN D 121 25.66 17.17 87.27
C ASN D 121 24.30 17.85 87.46
N TYR D 122 24.27 19.17 87.58
CA TYR D 122 23.04 19.90 87.84
C TYR D 122 22.81 20.94 86.75
N VAL D 123 21.57 21.02 86.27
CA VAL D 123 21.16 21.99 85.25
C VAL D 123 19.99 22.80 85.81
N ALA D 124 20.11 24.12 85.74
CA ALA D 124 19.13 25.03 86.31
C ALA D 124 18.29 25.66 85.19
N CYS D 125 16.97 25.60 85.35
CA CYS D 125 16.05 26.19 84.38
C CYS D 125 14.84 26.72 85.12
N GLY D 126 14.13 27.64 84.46
CA GLY D 126 12.93 28.22 85.04
C GLY D 126 12.22 29.08 84.02
N GLY D 127 11.01 29.50 84.38
CA GLY D 127 10.20 30.27 83.46
C GLY D 127 9.23 31.24 84.11
N LEU D 128 8.16 31.57 83.39
CA LEU D 128 7.16 32.54 83.85
C LEU D 128 6.35 32.05 85.04
N ASP D 129 6.39 30.75 85.34
CA ASP D 129 5.64 30.18 86.45
C ASP D 129 6.25 30.48 87.82
N ASN D 130 7.28 31.33 87.89
CA ASN D 130 7.95 31.69 89.13
C ASN D 130 8.53 30.46 89.82
N ILE D 131 8.93 29.46 89.05
CA ILE D 131 9.48 28.21 89.56
C ILE D 131 10.89 28.05 89.02
N CYS D 132 11.87 27.92 89.91
CA CYS D 132 13.25 27.67 89.54
C CYS D 132 13.53 26.18 89.71
N SER D 133 13.69 25.47 88.60
CA SER D 133 13.83 24.02 88.60
C SER D 133 15.30 23.64 88.38
N ILE D 134 15.82 22.78 89.24
CA ILE D 134 17.17 22.24 89.10
C ILE D 134 17.06 20.80 88.62
N TYR D 135 17.66 20.52 87.46
CA TYR D 135 17.62 19.20 86.86
C TYR D 135 18.93 18.46 87.13
N ASN D 136 18.86 17.13 87.08
CA ASN D 136 20.02 16.27 87.31
C ASN D 136 20.60 15.88 85.96
N LEU D 137 21.72 16.51 85.60
CA LEU D 137 22.38 16.20 84.34
C LEU D 137 22.91 14.77 84.32
N LYS D 138 23.48 14.33 85.43
CA LYS D 138 24.01 12.97 85.56
C LYS D 138 23.07 12.16 86.45
N THR D 139 22.57 11.05 85.93
CA THR D 139 21.66 10.19 86.67
C THR D 139 21.98 8.73 86.35
N ARG D 140 21.60 7.85 87.27
CA ARG D 140 21.83 6.42 87.07
C ARG D 140 21.06 5.90 85.86
N GLU D 141 19.81 6.32 85.70
CA GLU D 141 19.00 5.90 84.56
C GLU D 141 19.30 6.68 83.29
N GLY D 142 20.08 7.76 83.38
CA GLY D 142 20.41 8.58 82.24
C GLY D 142 19.47 9.73 81.99
N ASN D 143 18.35 9.81 82.71
CA ASN D 143 17.39 10.89 82.56
C ASN D 143 16.83 11.26 83.93
N VAL D 144 16.37 12.50 84.06
CA VAL D 144 15.81 12.99 85.31
C VAL D 144 14.32 12.66 85.34
N ARG D 145 13.86 12.11 86.47
CA ARG D 145 12.45 11.77 86.59
C ARG D 145 11.59 13.01 86.78
N VAL D 146 12.02 13.93 87.63
CA VAL D 146 11.28 15.16 87.91
C VAL D 146 12.23 16.17 88.52
N SER D 147 11.84 17.44 88.49
CA SER D 147 12.63 18.53 89.04
C SER D 147 11.93 19.12 90.25
N ARG D 148 12.71 19.44 91.29
CA ARG D 148 12.15 19.99 92.50
C ARG D 148 11.66 21.42 92.27
N GLU D 149 10.61 21.79 92.99
CA GLU D 149 9.93 23.07 92.80
C GLU D 149 10.40 24.08 93.84
N LEU D 150 10.72 25.29 93.38
CA LEU D 150 11.08 26.40 94.26
C LEU D 150 10.22 27.60 93.92
N ALA D 151 9.73 28.29 94.96
CA ALA D 151 8.86 29.44 94.78
C ALA D 151 9.21 30.48 95.84
N GLY D 152 8.37 31.51 95.95
CA GLY D 152 8.59 32.56 96.92
C GLY D 152 8.76 33.93 96.31
N HIS D 153 8.25 34.12 95.09
CA HIS D 153 8.35 35.40 94.39
C HIS D 153 7.02 35.75 93.76
N THR D 154 6.79 37.06 93.60
CA THR D 154 5.59 37.57 92.95
C THR D 154 5.85 38.10 91.55
N GLY D 155 7.11 38.09 91.09
CA GLY D 155 7.44 38.56 89.77
C GLY D 155 8.03 37.48 88.89
N TYR D 156 8.05 37.71 87.58
CA TYR D 156 8.53 36.70 86.64
C TYR D 156 10.01 36.41 86.86
N LEU D 157 10.37 35.14 86.75
CA LEU D 157 11.78 34.75 86.84
C LEU D 157 12.54 35.26 85.63
N SER D 158 13.74 35.79 85.88
CA SER D 158 14.56 36.39 84.82
C SER D 158 15.88 35.67 84.63
N CYS D 159 16.60 35.37 85.72
CA CYS D 159 17.90 34.72 85.60
C CYS D 159 18.20 33.95 86.88
N CYS D 160 19.10 32.98 86.76
CA CYS D 160 19.53 32.18 87.90
C CYS D 160 20.94 31.65 87.62
N ARG D 161 21.79 31.71 88.63
CA ARG D 161 23.17 31.26 88.51
C ARG D 161 23.58 30.53 89.78
N PHE D 162 24.68 29.77 89.68
CA PHE D 162 25.22 29.06 90.82
C PHE D 162 26.67 28.69 90.50
N LEU D 163 27.52 28.76 91.52
CA LEU D 163 28.92 28.39 91.38
C LEU D 163 29.25 27.04 91.99
N ASP D 164 28.32 26.44 92.73
CA ASP D 164 28.52 25.13 93.35
C ASP D 164 27.15 24.53 93.64
N ASP D 165 27.13 23.42 94.39
CA ASP D 165 25.90 22.75 94.77
C ASP D 165 25.43 23.14 96.16
N ASN D 166 25.85 24.29 96.67
CA ASN D 166 25.49 24.73 98.00
C ASN D 166 24.71 26.03 98.02
N GLN D 167 25.04 27.00 97.16
CA GLN D 167 24.36 28.27 97.11
C GLN D 167 23.97 28.60 95.68
N ILE D 168 22.78 29.16 95.51
CA ILE D 168 22.26 29.54 94.21
C ILE D 168 21.64 30.92 94.30
N VAL D 169 21.94 31.78 93.32
CA VAL D 169 21.39 33.12 93.24
C VAL D 169 20.35 33.15 92.13
N THR D 170 19.26 33.89 92.36
CA THR D 170 18.21 33.98 91.36
C THR D 170 17.57 35.36 91.43
N SER D 171 16.96 35.76 90.32
CA SER D 171 16.28 37.03 90.20
C SER D 171 14.78 36.81 90.09
N SER D 172 14.03 37.90 89.99
CA SER D 172 12.59 37.84 89.85
C SER D 172 12.08 39.16 89.29
N GLY D 173 10.84 39.14 88.81
CA GLY D 173 10.20 40.35 88.33
C GLY D 173 9.71 41.29 89.41
N ASP D 174 9.75 40.84 90.67
CA ASP D 174 9.37 41.66 91.80
C ASP D 174 10.53 42.50 92.33
N THR D 175 11.65 42.54 91.60
CA THR D 175 12.83 43.32 91.96
C THR D 175 13.38 42.89 93.32
N THR D 176 13.86 41.65 93.34
CA THR D 176 14.56 41.12 94.50
C THR D 176 15.49 40.00 94.05
N CYS D 177 16.65 39.92 94.70
CA CYS D 177 17.62 38.87 94.45
C CYS D 177 17.56 37.88 95.60
N ALA D 178 17.32 36.62 95.28
CA ALA D 178 17.13 35.57 96.28
C ALA D 178 18.31 34.61 96.27
N LEU D 179 18.90 34.38 97.44
CA LEU D 179 19.97 33.41 97.63
C LEU D 179 19.39 32.22 98.37
N TRP D 180 19.48 31.04 97.77
CA TRP D 180 18.93 29.82 98.33
C TRP D 180 20.00 28.76 98.45
N ASP D 181 19.71 27.74 99.25
CA ASP D 181 20.59 26.60 99.45
C ASP D 181 19.89 25.33 98.98
N ILE D 182 20.64 24.46 98.31
CA ILE D 182 20.07 23.23 97.79
C ILE D 182 19.56 22.34 98.92
N GLU D 183 20.35 22.22 99.99
CA GLU D 183 19.95 21.38 101.11
C GLU D 183 18.74 21.95 101.83
N THR D 184 18.76 23.24 102.14
CA THR D 184 17.64 23.86 102.85
C THR D 184 16.42 23.95 101.97
N GLY D 185 16.59 24.43 100.74
CA GLY D 185 15.46 24.56 99.82
C GLY D 185 14.46 25.63 100.20
N GLN D 186 14.89 26.64 100.95
CA GLN D 186 14.03 27.73 101.37
C GLN D 186 14.72 29.06 101.09
N GLN D 187 13.98 30.15 101.28
CA GLN D 187 14.52 31.49 101.10
C GLN D 187 15.52 31.78 102.21
N THR D 188 16.81 31.77 101.86
CA THR D 188 17.86 32.00 102.86
C THR D 188 18.26 33.48 102.93
N THR D 189 18.40 34.14 101.79
CA THR D 189 18.79 35.55 101.78
C THR D 189 17.92 36.32 100.79
N THR D 190 17.37 37.44 101.24
CA THR D 190 16.54 38.30 100.39
C THR D 190 16.92 39.76 100.63
N PHE D 191 16.93 40.54 99.55
CA PHE D 191 17.34 41.94 99.59
C PHE D 191 16.23 42.83 99.04
N THR D 192 16.15 44.05 99.56
CA THR D 192 15.24 45.04 99.02
C THR D 192 15.73 45.49 97.64
N GLY D 193 14.78 45.77 96.75
CA GLY D 193 15.07 46.08 95.37
C GLY D 193 14.86 47.55 95.02
N HIS D 194 15.39 47.91 93.86
CA HIS D 194 15.30 49.27 93.33
C HIS D 194 14.01 49.43 92.53
N THR D 195 13.92 50.52 91.76
CA THR D 195 12.70 50.78 91.00
C THR D 195 12.51 49.78 89.86
N GLY D 196 13.57 49.54 89.08
CA GLY D 196 13.45 48.70 87.91
C GLY D 196 13.68 47.22 88.21
N ASP D 197 13.12 46.38 87.34
CA ASP D 197 13.21 44.94 87.52
C ASP D 197 14.58 44.43 87.07
N VAL D 198 15.13 43.49 87.84
CA VAL D 198 16.43 42.92 87.53
C VAL D 198 16.31 42.03 86.30
N MET D 199 17.21 42.21 85.33
CA MET D 199 17.18 41.47 84.08
C MET D 199 18.11 40.27 84.05
N SER D 200 19.33 40.41 84.57
CA SER D 200 20.30 39.31 84.51
C SER D 200 21.27 39.44 85.66
N LEU D 201 21.97 38.35 85.94
CA LEU D 201 23.00 38.29 86.98
C LEU D 201 24.24 37.60 86.41
N SER D 202 25.41 38.08 86.83
CA SER D 202 26.69 37.55 86.37
C SER D 202 27.40 36.88 87.53
N LEU D 203 27.85 35.64 87.31
CA LEU D 203 28.57 34.91 88.35
C LEU D 203 29.97 35.47 88.52
N ALA D 204 30.36 35.70 89.78
CA ALA D 204 31.67 36.24 90.05
C ALA D 204 32.75 35.17 89.84
N PRO D 205 33.95 35.56 89.43
CA PRO D 205 35.02 34.56 89.26
C PRO D 205 35.39 33.84 90.54
N ASP D 206 35.30 34.50 91.69
CA ASP D 206 35.66 33.90 92.97
C ASP D 206 34.55 34.07 94.00
N THR D 207 33.31 34.14 93.54
CA THR D 207 32.13 34.29 94.40
C THR D 207 32.28 35.48 95.33
N ARG D 208 32.46 36.66 94.73
CA ARG D 208 32.61 37.91 95.47
C ARG D 208 31.31 38.69 95.55
N LEU D 209 30.70 38.99 94.41
CA LEU D 209 29.47 39.76 94.38
C LEU D 209 28.73 39.46 93.08
N PHE D 210 27.44 39.81 93.06
CA PHE D 210 26.62 39.62 91.88
C PHE D 210 25.96 40.94 91.49
N VAL D 211 25.73 41.10 90.19
CA VAL D 211 25.36 42.38 89.61
C VAL D 211 23.91 42.32 89.13
N SER D 212 23.16 43.38 89.39
CA SER D 212 21.80 43.55 88.91
C SER D 212 21.71 44.83 88.09
N GLY D 213 20.98 44.77 86.97
CA GLY D 213 20.87 45.91 86.09
C GLY D 213 19.44 46.25 85.69
N ALA D 214 19.09 47.53 85.81
CA ALA D 214 17.75 48.00 85.45
C ALA D 214 17.83 49.50 85.20
N CYS D 215 16.68 50.14 85.05
CA CYS D 215 16.63 51.57 84.84
C CYS D 215 17.06 52.31 86.10
N ASP D 216 17.92 53.33 85.93
CA ASP D 216 18.45 54.15 87.01
C ASP D 216 19.25 53.36 88.03
N ALA D 217 19.54 52.10 87.76
CA ALA D 217 20.33 51.26 88.65
C ALA D 217 21.32 50.42 87.83
N SER D 218 21.99 51.08 86.89
CA SER D 218 22.89 50.38 85.96
C SER D 218 24.07 49.80 86.72
N ALA D 219 24.24 48.48 86.62
CA ALA D 219 25.37 47.75 87.20
C ALA D 219 25.48 48.00 88.70
N LYS D 220 24.46 47.54 89.42
CA LYS D 220 24.44 47.64 90.88
C LYS D 220 24.95 46.32 91.46
N LEU D 221 26.02 46.39 92.23
CA LEU D 221 26.69 45.20 92.75
C LEU D 221 26.25 44.95 94.19
N TRP D 222 25.94 43.69 94.50
CA TRP D 222 25.55 43.27 95.83
C TRP D 222 26.47 42.14 96.26
N ASP D 223 27.05 42.26 97.45
CA ASP D 223 27.95 41.24 97.97
C ASP D 223 27.16 39.99 98.36
N VAL D 224 27.79 38.84 98.20
CA VAL D 224 27.15 37.57 98.53
C VAL D 224 27.26 37.27 100.02
N ARG D 225 28.37 37.64 100.66
CA ARG D 225 28.59 37.32 102.07
C ARG D 225 28.12 38.46 102.97
N GLU D 226 28.68 39.66 102.81
CA GLU D 226 28.29 40.78 103.65
C GLU D 226 26.87 41.22 103.36
N GLY D 227 26.49 41.29 102.08
CA GLY D 227 25.14 41.56 101.67
C GLY D 227 24.86 43.01 101.33
N MET D 228 25.60 43.94 101.90
CA MET D 228 25.35 45.35 101.67
C MET D 228 25.76 45.76 100.26
N CYS D 229 25.19 46.86 99.79
CA CYS D 229 25.52 47.42 98.49
C CYS D 229 26.67 48.40 98.62
N ARG D 230 27.65 48.29 97.73
CA ARG D 230 28.78 49.21 97.74
C ARG D 230 28.93 49.91 96.41
N GLN D 231 28.61 49.21 95.32
CA GLN D 231 28.82 49.72 93.97
C GLN D 231 27.47 49.99 93.31
N THR D 232 27.26 51.24 92.91
CA THR D 232 26.03 51.64 92.23
C THR D 232 26.36 52.78 91.27
N PHE D 233 25.92 52.65 90.02
CA PHE D 233 26.18 53.63 88.99
C PHE D 233 24.87 54.08 88.37
N THR D 234 24.86 55.33 87.91
CA THR D 234 23.68 55.95 87.30
C THR D 234 24.09 56.65 86.02
N GLY D 235 23.21 56.62 85.02
CA GLY D 235 23.50 57.26 83.74
C GLY D 235 22.97 56.49 82.55
N HIS D 236 22.36 55.33 82.80
CA HIS D 236 21.77 54.51 81.76
C HIS D 236 20.26 54.43 82.03
N GLU D 237 19.50 55.33 81.40
CA GLU D 237 18.05 55.35 81.60
C GLU D 237 17.41 54.09 81.06
N SER D 238 17.85 53.61 79.90
CA SER D 238 17.28 52.41 79.31
C SER D 238 17.66 51.17 80.11
N ASP D 239 16.81 50.15 80.02
CA ASP D 239 17.06 48.91 80.74
C ASP D 239 18.27 48.18 80.19
N ILE D 240 19.01 47.53 81.08
CA ILE D 240 20.20 46.76 80.71
C ILE D 240 19.79 45.30 80.56
N ASN D 241 20.12 44.70 79.42
CA ASN D 241 19.66 43.36 79.09
C ASN D 241 20.59 42.28 79.64
N ALA D 242 21.85 42.30 79.23
CA ALA D 242 22.81 41.26 79.60
C ALA D 242 24.05 41.89 80.23
N ILE D 243 24.61 41.19 81.21
CA ILE D 243 25.80 41.63 81.93
C ILE D 243 26.72 40.44 82.12
N CYS D 244 28.03 40.69 82.08
CA CYS D 244 29.01 39.64 82.28
C CYS D 244 30.29 40.24 82.84
N PHE D 245 30.97 39.47 83.68
CA PHE D 245 32.23 39.90 84.25
C PHE D 245 33.37 39.71 83.26
N PHE D 246 34.39 40.55 83.39
CA PHE D 246 35.54 40.46 82.51
C PHE D 246 36.36 39.20 82.81
N PRO D 247 37.01 38.62 81.80
CA PRO D 247 37.88 37.46 82.06
C PRO D 247 38.98 37.77 83.06
N ASN D 248 39.55 38.98 83.01
CA ASN D 248 40.55 39.37 84.01
C ASN D 248 39.92 39.50 85.39
N GLY D 249 38.70 40.03 85.46
CA GLY D 249 37.99 40.18 86.72
C GLY D 249 37.93 41.64 87.17
N ASN D 250 37.10 41.86 88.17
CA ASN D 250 36.91 43.19 88.79
C ASN D 250 36.51 44.23 87.75
N ALA D 251 35.57 43.87 86.88
CA ALA D 251 35.07 44.80 85.87
C ALA D 251 33.61 44.49 85.57
N PHE D 252 32.92 45.48 85.02
CA PHE D 252 31.51 45.38 84.70
C PHE D 252 31.31 45.37 83.19
N ALA D 253 30.05 45.17 82.79
CA ALA D 253 29.65 45.24 81.39
C ALA D 253 28.38 46.07 81.28
N THR D 254 28.23 46.75 80.15
CA THR D 254 27.09 47.60 79.88
C THR D 254 26.24 46.98 78.78
N GLY D 255 24.97 46.72 79.08
CA GLY D 255 24.06 46.14 78.12
C GLY D 255 22.75 46.89 78.00
N SER D 256 22.82 48.21 78.10
CA SER D 256 21.61 49.04 78.06
C SER D 256 20.91 48.91 76.71
N ASP D 257 19.58 48.99 76.74
CA ASP D 257 18.78 48.86 75.53
C ASP D 257 18.96 50.00 74.55
N ASP D 258 19.60 51.10 74.97
CA ASP D 258 19.83 52.25 74.11
C ASP D 258 21.08 52.09 73.25
N ALA D 259 21.55 50.86 73.05
CA ALA D 259 22.72 50.57 72.21
C ALA D 259 23.97 51.27 72.72
N THR D 260 24.05 51.51 74.03
CA THR D 260 25.21 52.15 74.63
C THR D 260 26.18 51.07 75.11
N CYS D 261 27.41 51.12 74.62
CA CYS D 261 28.45 50.16 74.98
C CYS D 261 29.62 50.93 75.57
N ARG D 262 29.89 50.71 76.85
CA ARG D 262 30.99 51.37 77.54
C ARG D 262 31.52 50.46 78.64
N LEU D 263 32.84 50.29 78.67
CA LEU D 263 33.46 49.47 79.71
C LEU D 263 33.34 50.15 81.07
N PHE D 264 33.30 49.33 82.12
CA PHE D 264 33.21 49.82 83.49
C PHE D 264 34.19 49.07 84.37
N ASP D 265 34.59 49.71 85.47
CA ASP D 265 35.54 49.15 86.41
C ASP D 265 34.93 49.10 87.81
N LEU D 266 35.27 48.06 88.56
CA LEU D 266 34.78 47.94 89.93
C LEU D 266 35.45 48.94 90.86
N ARG D 267 36.77 49.09 90.75
CA ARG D 267 37.49 49.99 91.64
C ARG D 267 37.31 51.45 91.26
N ALA D 268 37.24 51.74 89.95
CA ALA D 268 37.14 53.13 89.50
C ALA D 268 35.83 53.76 89.92
N ASP D 269 34.72 53.02 89.82
CA ASP D 269 33.38 53.53 90.13
C ASP D 269 33.07 54.79 89.30
N GLN D 270 33.45 54.75 88.02
CA GLN D 270 33.23 55.88 87.14
C GLN D 270 33.03 55.37 85.73
N GLU D 271 32.39 56.19 84.90
CA GLU D 271 32.11 55.83 83.52
C GLU D 271 33.37 55.95 82.67
N LEU D 272 33.32 55.31 81.50
CA LEU D 272 34.44 55.33 80.56
C LEU D 272 33.98 55.78 79.18
N MET D 273 34.85 55.64 78.18
CA MET D 273 34.51 56.07 76.83
C MET D 273 33.37 55.21 76.27
N THR D 274 32.53 55.84 75.46
CA THR D 274 31.38 55.18 74.84
C THR D 274 31.55 55.18 73.33
N TYR D 275 31.22 54.05 72.71
CA TYR D 275 31.40 53.85 71.27
C TYR D 275 30.10 53.97 70.50
N SER D 276 29.22 54.88 70.89
CA SER D 276 27.98 55.09 70.17
C SER D 276 28.26 55.68 68.78
N HIS D 277 27.46 55.27 67.80
CA HIS D 277 27.63 55.73 66.44
C HIS D 277 26.28 55.73 65.74
N ASP D 278 26.21 56.49 64.64
CA ASP D 278 24.99 56.62 63.86
C ASP D 278 24.81 55.49 62.85
N ASN D 279 25.77 54.56 62.77
CA ASN D 279 25.66 53.45 61.82
C ASN D 279 24.50 52.51 62.15
N ILE D 280 24.01 52.52 63.39
CA ILE D 280 22.90 51.68 63.81
C ILE D 280 21.83 52.55 64.43
N ILE D 281 20.58 52.08 64.36
CA ILE D 281 19.45 52.79 64.93
C ILE D 281 18.68 51.97 65.94
N CYS D 282 18.94 50.66 66.04
CA CYS D 282 18.25 49.79 66.97
C CYS D 282 19.07 49.61 68.24
N GLY D 283 18.54 48.82 69.17
CA GLY D 283 19.19 48.54 70.43
C GLY D 283 20.03 47.29 70.38
N ILE D 284 20.40 46.82 71.57
CA ILE D 284 21.21 45.61 71.72
C ILE D 284 20.52 44.69 72.72
N THR D 285 20.87 43.40 72.64
CA THR D 285 20.27 42.39 73.49
C THR D 285 21.26 41.65 74.38
N SER D 286 22.54 41.62 74.03
CA SER D 286 23.52 40.91 74.84
C SER D 286 24.90 41.51 74.60
N VAL D 287 25.77 41.36 75.58
CA VAL D 287 27.17 41.80 75.49
C VAL D 287 28.05 40.68 76.03
N SER D 288 29.20 40.48 75.38
CA SER D 288 30.12 39.43 75.82
C SER D 288 31.55 39.82 75.46
N PHE D 289 32.48 39.41 76.32
CA PHE D 289 33.90 39.63 76.14
C PHE D 289 34.55 38.39 75.56
N SER D 290 35.49 38.60 74.63
CA SER D 290 36.28 37.47 74.13
C SER D 290 37.39 37.10 75.10
N LYS D 291 38.31 38.02 75.35
CA LYS D 291 39.37 37.80 76.33
C LYS D 291 39.91 39.17 76.74
N SER D 292 39.62 39.58 77.98
CA SER D 292 40.06 40.87 78.50
C SER D 292 39.62 42.02 77.59
N GLY D 293 38.41 41.90 77.05
CA GLY D 293 37.88 42.92 76.17
C GLY D 293 38.52 42.98 74.80
N ARG D 294 39.14 41.89 74.36
CA ARG D 294 39.77 41.89 73.04
C ARG D 294 38.74 42.04 71.93
N LEU D 295 37.60 41.36 72.05
CA LEU D 295 36.54 41.43 71.04
C LEU D 295 35.20 41.52 71.75
N LEU D 296 34.54 42.66 71.64
CA LEU D 296 33.21 42.86 72.17
C LEU D 296 32.19 42.28 71.19
N LEU D 297 31.44 41.26 71.63
CA LEU D 297 30.38 40.68 70.83
C LEU D 297 29.04 41.15 71.38
N ALA D 298 28.21 41.71 70.50
CA ALA D 298 26.92 42.26 70.92
C ALA D 298 25.87 41.94 69.87
N GLY D 299 24.72 41.43 70.33
CA GLY D 299 23.61 41.22 69.43
C GLY D 299 22.82 42.48 69.17
N TYR D 300 22.04 42.46 68.10
CA TYR D 300 21.24 43.61 67.69
C TYR D 300 19.85 43.15 67.30
N ASP D 301 18.96 44.12 67.11
CA ASP D 301 17.58 43.82 66.77
C ASP D 301 17.40 43.29 65.35
N ASP D 302 18.44 43.36 64.52
CA ASP D 302 18.38 42.85 63.16
C ASP D 302 19.23 41.59 63.05
N PHE D 303 19.11 40.92 61.89
CA PHE D 303 19.89 39.72 61.64
C PHE D 303 21.39 40.02 61.59
N ASN D 304 21.75 41.16 60.98
CA ASN D 304 23.16 41.53 60.89
C ASN D 304 23.74 41.83 62.27
N CYS D 305 24.98 41.42 62.48
CA CYS D 305 25.67 41.62 63.75
C CYS D 305 27.08 42.13 63.49
N ASN D 306 27.63 42.83 64.47
CA ASN D 306 29.00 43.32 64.37
C ASN D 306 29.74 43.02 65.67
N VAL D 307 31.03 42.80 65.56
CA VAL D 307 31.92 42.57 66.69
C VAL D 307 32.95 43.70 66.70
N TRP D 308 33.06 44.38 67.83
CA TRP D 308 33.93 45.54 67.97
C TRP D 308 35.22 45.16 68.69
N ASP D 309 36.19 46.09 68.65
CA ASP D 309 37.46 45.93 69.35
C ASP D 309 37.60 47.10 70.32
N ALA D 310 37.44 46.82 71.61
CA ALA D 310 37.54 47.88 72.61
C ALA D 310 38.96 48.44 72.66
N LEU D 311 39.96 47.57 72.58
CA LEU D 311 41.35 48.04 72.61
C LEU D 311 41.71 48.84 71.37
N LYS D 312 41.16 48.47 70.22
CA LYS D 312 41.45 49.17 68.97
C LYS D 312 40.46 50.29 68.66
N ALA D 313 39.39 50.42 69.45
CA ALA D 313 38.37 51.44 69.24
C ALA D 313 37.81 51.40 67.82
N ASP D 314 37.59 50.18 67.32
CA ASP D 314 37.07 49.99 65.98
C ASP D 314 36.36 48.63 65.91
N ARG D 315 35.57 48.45 64.86
CA ARG D 315 34.85 47.20 64.68
C ARG D 315 35.79 46.09 64.25
N ALA D 316 35.75 44.97 64.96
CA ALA D 316 36.62 43.85 64.63
C ALA D 316 36.13 43.12 63.38
N GLY D 317 34.83 43.03 63.20
CA GLY D 317 34.29 42.33 62.04
C GLY D 317 32.78 42.43 61.99
N VAL D 318 32.23 41.88 60.92
CA VAL D 318 30.79 41.87 60.67
C VAL D 318 30.35 40.44 60.38
N LEU D 319 29.32 39.98 61.08
CA LEU D 319 28.80 38.62 60.91
C LEU D 319 27.32 38.61 61.28
N ALA D 320 26.53 37.90 60.48
CA ALA D 320 25.10 37.74 60.76
C ALA D 320 24.71 36.31 61.05
N GLY D 321 24.93 35.40 60.10
CA GLY D 321 24.62 33.99 60.30
C GLY D 321 23.19 33.68 60.66
N HIS D 322 22.26 34.61 60.42
CA HIS D 322 20.87 34.43 60.80
C HIS D 322 19.99 35.26 59.89
N ASP D 323 18.69 34.94 59.91
CA ASP D 323 17.68 35.70 59.19
C ASP D 323 16.69 36.39 60.11
N ASN D 324 16.98 36.44 61.41
CA ASN D 324 16.08 37.04 62.38
C ASN D 324 16.93 37.46 63.59
N ARG D 325 16.34 38.31 64.42
CA ARG D 325 17.07 38.90 65.55
C ARG D 325 17.63 37.83 66.47
N VAL D 326 18.90 38.00 66.85
CA VAL D 326 19.62 37.08 67.72
C VAL D 326 19.33 37.44 69.17
N SER D 327 19.25 36.43 70.04
CA SER D 327 18.88 36.66 71.43
C SER D 327 19.91 36.18 72.43
N CYS D 328 20.55 35.03 72.18
CA CYS D 328 21.49 34.46 73.12
C CYS D 328 22.92 34.62 72.61
N LEU D 329 23.85 34.74 73.54
CA LEU D 329 25.27 34.92 73.20
C LEU D 329 26.11 34.53 74.40
N GLY D 330 27.04 33.61 74.19
CA GLY D 330 27.92 33.17 75.25
C GLY D 330 29.32 32.92 74.72
N VAL D 331 30.31 33.17 75.59
CA VAL D 331 31.71 33.02 75.24
C VAL D 331 32.39 32.15 76.29
N THR D 332 33.23 31.22 75.85
CA THR D 332 34.01 30.40 76.77
C THR D 332 34.97 31.27 77.55
N ASP D 333 35.18 30.92 78.83
CA ASP D 333 36.08 31.68 79.68
C ASP D 333 37.50 31.72 79.11
N ASP D 334 37.92 30.64 78.44
CA ASP D 334 39.23 30.59 77.81
C ASP D 334 39.20 31.04 76.35
N GLY D 335 38.05 31.48 75.86
CA GLY D 335 37.93 31.90 74.47
C GLY D 335 38.06 30.78 73.47
N MET D 336 37.68 29.56 73.85
CA MET D 336 37.77 28.45 72.92
C MET D 336 36.68 28.51 71.86
N ALA D 337 35.45 28.86 72.25
CA ALA D 337 34.35 28.93 71.31
C ALA D 337 33.33 29.95 71.81
N VAL D 338 32.50 30.42 70.90
CA VAL D 338 31.41 31.34 71.21
C VAL D 338 30.11 30.74 70.69
N ALA D 339 29.06 30.84 71.50
CA ALA D 339 27.75 30.30 71.17
C ALA D 339 26.74 31.42 71.02
N THR D 340 25.96 31.38 69.95
CA THR D 340 24.97 32.41 69.68
C THR D 340 23.78 31.77 68.97
N GLY D 341 22.64 32.45 69.04
CA GLY D 341 21.43 31.92 68.42
C GLY D 341 20.27 32.90 68.33
N SER D 342 19.49 32.77 67.25
CA SER D 342 18.31 33.58 67.03
C SER D 342 17.06 32.73 67.16
N TRP D 343 15.90 33.31 66.85
CA TRP D 343 14.63 32.60 66.94
C TRP D 343 14.43 31.61 65.79
N ASP D 344 15.33 31.58 64.80
CA ASP D 344 15.20 30.72 63.65
C ASP D 344 15.64 29.28 63.93
N SER D 345 15.76 28.90 65.21
CA SER D 345 16.16 27.55 65.60
C SER D 345 17.54 27.18 65.06
N PHE D 346 18.40 28.17 64.90
CA PHE D 346 19.75 27.98 64.36
C PHE D 346 20.77 28.27 65.45
N LEU D 347 21.64 27.31 65.72
CA LEU D 347 22.73 27.46 66.67
C LEU D 347 24.04 27.39 65.91
N LYS D 348 24.80 28.49 65.91
CA LYS D 348 26.04 28.61 65.17
C LYS D 348 27.17 29.00 66.11
N ILE D 349 28.31 28.35 65.95
CA ILE D 349 29.52 28.65 66.73
C ILE D 349 30.43 29.50 65.84
N TRP D 350 30.72 30.71 66.29
CA TRP D 350 31.50 31.65 65.49
C TRP D 350 32.95 31.71 65.97
N ILE E 9 9.59 58.10 105.33
CA ILE E 9 10.39 58.46 106.49
C ILE E 9 11.41 57.37 106.79
N ALA E 10 10.94 56.27 107.37
CA ALA E 10 11.83 55.16 107.68
C ALA E 10 12.39 54.53 106.40
N GLN E 11 11.56 54.37 105.37
CA GLN E 11 12.04 53.82 104.12
C GLN E 11 13.06 54.73 103.45
N ALA E 12 12.82 56.05 103.50
CA ALA E 12 13.79 56.98 102.92
C ALA E 12 15.09 57.02 103.71
N ARG E 13 15.03 56.80 105.03
CA ARG E 13 16.24 56.80 105.83
C ARG E 13 17.18 55.66 105.42
N LYS E 14 16.61 54.48 105.15
CA LYS E 14 17.43 53.35 104.71
C LYS E 14 18.12 53.65 103.38
N LEU E 15 17.40 54.28 102.45
CA LEU E 15 18.02 54.66 101.18
C LEU E 15 19.13 55.68 101.40
N VAL E 16 18.90 56.65 102.29
CA VAL E 16 19.95 57.61 102.63
C VAL E 16 21.11 56.91 103.32
N GLU E 17 20.81 55.99 104.24
CA GLU E 17 21.86 55.27 104.95
C GLU E 17 22.71 54.43 103.98
N GLN E 18 22.07 53.77 103.02
CA GLN E 18 22.81 53.00 102.03
C GLN E 18 23.71 53.91 101.19
N LEU E 19 23.19 55.07 100.78
CA LEU E 19 24.00 56.01 100.02
C LEU E 19 25.08 56.65 100.87
N LYS E 20 24.82 56.84 102.17
CA LYS E 20 25.81 57.46 103.05
C LYS E 20 27.02 56.55 103.23
N MET E 21 26.77 55.26 103.51
CA MET E 21 27.88 54.34 103.73
C MET E 21 28.60 53.97 102.44
N GLU E 22 27.89 53.94 101.32
CA GLU E 22 28.52 53.61 100.05
C GLU E 22 29.55 54.67 99.67
N ALA E 23 29.24 55.94 99.92
CA ALA E 23 30.19 57.01 99.61
C ALA E 23 31.44 56.93 100.47
N ASN E 24 31.35 56.34 101.67
CA ASN E 24 32.51 56.26 102.55
C ASN E 24 33.60 55.39 101.95
N ILE E 25 33.24 54.18 101.50
CA ILE E 25 34.22 53.32 100.86
C ILE E 25 34.61 53.87 99.50
N ASP E 26 33.64 54.38 98.74
CA ASP E 26 33.92 54.88 97.40
C ASP E 26 34.88 56.06 97.43
N ARG E 27 34.88 56.84 98.52
CA ARG E 27 35.81 57.95 98.63
C ARG E 27 37.26 57.47 98.68
N ILE E 28 37.51 56.36 99.39
CA ILE E 28 38.84 55.79 99.51
C ILE E 28 39.02 54.56 98.64
N LYS E 29 38.13 54.35 97.67
CA LYS E 29 38.20 53.19 96.80
C LYS E 29 39.11 53.39 95.60
N VAL E 30 39.69 54.58 95.43
CA VAL E 30 40.57 54.82 94.30
C VAL E 30 41.84 53.99 94.42
N SER E 31 42.63 54.26 95.46
CA SER E 31 43.85 53.50 95.78
C SER E 31 44.76 53.38 94.56
N LYS E 32 44.95 54.50 93.86
CA LYS E 32 45.72 54.55 92.61
C LYS E 32 45.13 53.58 91.59
N ALA E 33 43.90 53.88 91.18
CA ALA E 33 43.17 52.98 90.29
C ALA E 33 43.83 52.86 88.93
N ALA E 34 44.47 53.93 88.46
CA ALA E 34 45.09 53.91 87.14
C ALA E 34 46.18 52.85 87.04
N ALA E 35 46.92 52.63 88.12
CA ALA E 35 47.93 51.58 88.12
C ALA E 35 47.29 50.22 87.85
N ASP E 36 46.14 49.96 88.48
CA ASP E 36 45.41 48.72 88.19
C ASP E 36 44.87 48.71 86.77
N LEU E 37 44.39 49.85 86.27
CA LEU E 37 43.85 49.89 84.91
C LEU E 37 44.90 49.52 83.87
N MET E 38 46.11 50.05 84.02
CA MET E 38 47.18 49.73 83.08
C MET E 38 48.03 48.53 83.50
N ALA E 39 47.71 47.85 84.60
CA ALA E 39 48.47 46.66 84.99
C ALA E 39 47.67 45.37 85.08
N TYR E 40 46.34 45.41 85.02
CA TYR E 40 45.53 44.22 85.23
C TYR E 40 45.07 43.53 83.96
N CYS E 41 44.68 44.30 82.93
CA CYS E 41 43.98 43.73 81.79
C CYS E 41 44.90 43.13 80.73
N GLU E 42 46.21 43.29 80.85
CA GLU E 42 47.14 42.76 79.87
C GLU E 42 47.67 41.37 80.21
N ALA E 43 47.24 40.80 81.34
CA ALA E 43 47.75 39.49 81.76
C ALA E 43 47.33 38.40 80.78
N HIS E 44 46.06 38.39 80.38
CA HIS E 44 45.53 37.36 79.49
C HIS E 44 45.10 37.92 78.14
N ALA E 45 45.51 39.14 77.80
CA ALA E 45 45.10 39.76 76.55
C ALA E 45 45.92 39.30 75.35
N LYS E 46 46.98 38.51 75.55
CA LYS E 46 47.84 38.07 74.47
C LYS E 46 47.73 36.59 74.15
N GLU E 47 47.09 35.80 75.01
CA GLU E 47 47.02 34.36 74.78
C GLU E 47 45.90 33.99 73.82
N ASP E 48 44.66 34.32 74.16
CA ASP E 48 43.52 33.94 73.34
C ASP E 48 43.53 34.55 71.95
N PRO E 49 43.81 35.86 71.77
CA PRO E 49 43.81 36.40 70.40
C PRO E 49 44.78 35.72 69.46
N LEU E 50 45.92 35.25 69.96
CA LEU E 50 46.84 34.50 69.12
C LEU E 50 46.47 33.03 69.03
N LEU E 51 45.76 32.50 70.04
CA LEU E 51 45.40 31.09 70.04
C LEU E 51 44.23 30.78 69.10
N THR E 52 43.28 31.71 68.97
CA THR E 52 42.11 31.45 68.13
C THR E 52 42.43 31.16 66.67
N PRO E 53 43.34 31.87 65.98
CA PRO E 53 43.59 31.54 64.57
C PRO E 53 44.34 30.23 64.41
N VAL E 54 43.63 29.19 63.96
CA VAL E 54 44.20 27.87 63.75
C VAL E 54 43.94 27.48 62.30
N PRO E 55 44.97 27.09 61.53
CA PRO E 55 44.78 26.70 60.13
C PRO E 55 44.24 25.28 59.94
N ALA E 56 43.18 24.96 60.68
CA ALA E 56 42.52 23.66 60.62
C ALA E 56 43.51 22.51 60.87
N SER E 57 44.39 22.71 61.84
CA SER E 57 45.40 21.71 62.19
C SER E 57 45.30 21.25 63.64
N GLU E 58 45.03 22.15 64.58
CA GLU E 58 44.91 21.80 65.98
C GLU E 58 43.57 22.19 66.58
N ASN E 59 42.69 22.80 65.80
CA ASN E 59 41.39 23.21 66.32
C ASN E 59 40.54 21.97 66.61
N PRO E 60 39.93 21.88 67.79
CA PRO E 60 39.12 20.69 68.10
C PRO E 60 37.82 20.60 67.32
N PHE E 61 37.42 21.66 66.61
CA PHE E 61 36.18 21.67 65.87
C PHE E 61 36.46 21.38 64.39
N ARG E 62 35.68 20.46 63.83
CA ARG E 62 35.81 20.07 62.42
C ARG E 62 37.23 19.62 62.07
#